data_9DWQ
#
_entry.id   9DWQ
#
_cell.length_a   1.00
_cell.length_b   1.00
_cell.length_c   1.00
_cell.angle_alpha   90.00
_cell.angle_beta   90.00
_cell.angle_gamma   90.00
#
_symmetry.space_group_name_H-M   'P 1'
#
loop_
_entity.id
_entity.type
_entity.pdbx_description
1 polymer Polycystin-2
2 non-polymer 'CALCIUM ION'
#
_entity_poly.entity_id   1
_entity_poly.type   'polypeptide(L)'
_entity_poly.pdbx_seq_one_letter_code
;GEIEMQRIRQAAARDPPAGAAASPSPPLSSCSRQAWSRDNPGFEAEEEEEEVEGEEGGMVVEMDVEWRPGSRRSAASSAV
SSVGARSRGLGGYHGAGHPSGRRRRREDQGPPCPSPVGGGDPLHRHLPLEGQPPRVAWAERLVRGLRGLWGTRLMEESST
NREKYLKSVLRELVTYLLFLIVLCILTYGMMSSNVYYYTRMMSQLFLDTPVSKTEKTNFKTLSSMEDFWKFTEGSLLDGL
YWKMQPSNQTEADNRSFIFYENLLLGVPRIRQLRVRNGSCSIPQDLRDEIKECYDVYSVSSEDRAPFGPRNGTAWIYTSE
KDLNGSSHWGIIATYSGAGYYLDLSRTREETAAQVASLKKNVWLDRGTRATFIDFSVYNANINLFCVVRLLVEFPATGGV
IPSWQFQPLKLIRYVTTFDFFLAACEIIFCFFIFYYVVEEILEIRIHKLHYFRSFWNCLDVVIVVLSVVAIGINIYRTSN
VEVLLQFLEDQNTFPNFEHLAYWQIQFNNIAAVTVFFVWIKLFKFINFNRTMSQLSTTMSRCAKDLFGFAIMFFIIFLAY
AQLAYLVFGTQVDDFSTSQECIFTQFRIILGDINFAEIEEANRVLGPIYFTTFVFFMFFILLNMFLAIINDTYSEVKSDL
AQQKAEMELSDLIRKGYHKALVKLKLKKNTVDDISESLRQGGGKLNFDELRQDLKGKGHTDAEIEAIFTKYDQDGDQELT
EHEHQQMRDDLEKEREDLDLD
;
_entity_poly.pdbx_strand_id   A,B,C,D
#
# COMPACT_ATOMS: atom_id res chain seq x y z
N GLU A 163 -38.37 23.17 -34.49
CA GLU A 163 -37.33 23.36 -35.50
C GLU A 163 -36.54 24.63 -35.22
N LYS A 164 -37.22 25.67 -34.74
CA LYS A 164 -36.54 26.91 -34.41
C LYS A 164 -35.51 26.70 -33.30
N TYR A 165 -35.89 25.93 -32.26
CA TYR A 165 -34.98 25.69 -31.15
C TYR A 165 -33.88 24.70 -31.54
N LEU A 166 -34.25 23.64 -32.27
CA LEU A 166 -33.31 22.57 -32.56
C LEU A 166 -32.15 23.07 -33.42
N LYS A 167 -32.45 23.85 -34.46
CA LYS A 167 -31.41 24.31 -35.35
C LYS A 167 -30.47 25.33 -34.68
N SER A 168 -31.02 26.23 -33.87
CA SER A 168 -30.17 27.13 -33.11
C SER A 168 -29.29 26.36 -32.13
N VAL A 169 -29.83 25.33 -31.49
CA VAL A 169 -29.04 24.51 -30.59
C VAL A 169 -27.94 23.79 -31.36
N LEU A 170 -28.25 23.33 -32.57
CA LEU A 170 -27.24 22.66 -33.39
C LEU A 170 -26.12 23.62 -33.76
N ARG A 171 -26.46 24.85 -34.14
CA ARG A 171 -25.44 25.84 -34.47
C ARG A 171 -24.57 26.14 -33.26
N GLU A 172 -25.20 26.33 -32.09
CA GLU A 172 -24.44 26.58 -30.87
C GLU A 172 -23.53 25.40 -30.55
N LEU A 173 -24.03 24.17 -30.73
CA LEU A 173 -23.24 22.98 -30.46
C LEU A 173 -22.03 22.92 -31.38
N VAL A 174 -22.22 23.23 -32.67
CA VAL A 174 -21.09 23.19 -33.60
C VAL A 174 -20.05 24.24 -33.22
N THR A 175 -20.50 25.46 -32.91
CA THR A 175 -19.55 26.50 -32.52
C THR A 175 -18.79 26.11 -31.26
N TYR A 176 -19.50 25.57 -30.26
CA TYR A 176 -18.84 25.20 -29.02
C TYR A 176 -17.91 24.01 -29.22
N LEU A 177 -18.26 23.10 -30.12
CA LEU A 177 -17.35 22.00 -30.43
C LEU A 177 -16.07 22.52 -31.07
N LEU A 178 -16.19 23.48 -32.00
CA LEU A 178 -14.99 24.08 -32.56
C LEU A 178 -14.15 24.75 -31.49
N PHE A 179 -14.81 25.48 -30.58
CA PHE A 179 -14.09 26.13 -29.49
C PHE A 179 -13.38 25.10 -28.60
N LEU A 180 -14.06 23.99 -28.30
CA LEU A 180 -13.48 22.95 -27.45
C LEU A 180 -12.27 22.31 -28.13
N ILE A 181 -12.37 22.03 -29.43
CA ILE A 181 -11.24 21.45 -30.14
C ILE A 181 -10.06 22.42 -30.13
N VAL A 182 -10.33 23.72 -30.35
CA VAL A 182 -9.24 24.69 -30.34
C VAL A 182 -8.56 24.72 -28.97
N LEU A 183 -9.37 24.77 -27.90
CA LEU A 183 -8.80 24.82 -26.56
C LEU A 183 -8.02 23.56 -26.22
N CYS A 184 -8.54 22.40 -26.58
CA CYS A 184 -7.82 21.15 -26.33
C CYS A 184 -6.52 21.11 -27.11
N ILE A 185 -6.53 21.57 -28.36
CA ILE A 185 -5.30 21.62 -29.14
C ILE A 185 -4.28 22.49 -28.45
N LEU A 186 -4.70 23.68 -27.99
CA LEU A 186 -3.77 24.56 -27.29
C LEU A 186 -3.19 23.89 -26.05
N THR A 187 -4.06 23.32 -25.21
CA THR A 187 -3.62 22.80 -23.92
C THR A 187 -2.79 21.55 -24.05
N TYR A 188 -2.96 20.78 -25.13
CA TYR A 188 -2.10 19.63 -25.34
C TYR A 188 -0.83 20.02 -26.11
N GLY A 189 -0.86 21.14 -26.83
CA GLY A 189 0.36 21.64 -27.44
C GLY A 189 1.31 22.26 -26.43
N MET A 190 0.77 22.78 -25.33
CA MET A 190 1.61 23.26 -24.25
C MET A 190 2.06 22.13 -23.32
N MET A 191 1.91 20.88 -23.74
CA MET A 191 2.33 19.73 -22.96
C MET A 191 3.05 18.73 -23.87
N SER A 192 3.91 17.91 -23.26
CA SER A 192 4.63 16.88 -23.99
C SER A 192 5.22 15.88 -22.99
N SER A 193 5.43 14.65 -23.46
CA SER A 193 6.04 13.63 -22.61
C SER A 193 7.51 13.95 -22.36
N ASN A 194 8.14 14.74 -23.24
CA ASN A 194 9.54 15.07 -23.06
C ASN A 194 9.77 15.86 -21.78
N VAL A 195 8.72 16.49 -21.24
CA VAL A 195 8.93 17.41 -20.13
C VAL A 195 8.93 16.67 -18.80
N TYR A 196 8.14 15.60 -18.68
CA TYR A 196 8.13 14.86 -17.41
C TYR A 196 9.49 14.26 -17.11
N TYR A 197 10.13 13.65 -18.11
CA TYR A 197 11.41 13.01 -17.88
C TYR A 197 12.53 14.03 -17.68
N TYR A 198 12.38 15.22 -18.25
CA TYR A 198 13.30 16.31 -17.94
C TYR A 198 13.38 16.53 -16.43
N THR A 199 12.25 16.85 -15.80
CA THR A 199 12.24 17.09 -14.36
C THR A 199 12.56 15.82 -13.59
N ARG A 200 12.19 14.66 -14.12
CA ARG A 200 12.49 13.40 -13.45
C ARG A 200 14.00 13.21 -13.31
N MET A 201 14.73 13.37 -14.41
CA MET A 201 16.19 13.25 -14.35
C MET A 201 16.80 14.33 -13.47
N MET A 202 16.30 15.57 -13.57
CA MET A 202 16.86 16.63 -12.74
C MET A 202 16.70 16.30 -11.26
N SER A 203 15.48 15.91 -10.86
CA SER A 203 15.22 15.61 -9.46
C SER A 203 15.96 14.37 -8.99
N GLN A 204 16.09 13.35 -9.85
CA GLN A 204 16.87 12.18 -9.46
C GLN A 204 18.33 12.55 -9.25
N LEU A 205 18.87 13.40 -10.13
CA LEU A 205 20.27 13.80 -10.00
C LEU A 205 20.51 14.58 -8.72
N PHE A 206 19.60 15.51 -8.39
CA PHE A 206 19.92 16.43 -7.29
C PHE A 206 19.42 15.92 -5.94
N LEU A 207 18.24 15.31 -5.90
CA LEU A 207 17.68 14.83 -4.64
C LEU A 207 18.11 13.41 -4.31
N ASP A 208 17.80 12.46 -5.19
CA ASP A 208 18.03 11.04 -4.91
C ASP A 208 19.50 10.69 -4.76
N THR A 209 20.41 11.49 -5.30
CA THR A 209 21.82 11.15 -5.24
C THR A 209 22.31 11.21 -3.79
N PRO A 210 23.04 10.19 -3.33
CA PRO A 210 23.58 10.25 -1.96
C PRO A 210 24.49 11.46 -1.78
N VAL A 211 24.48 11.99 -0.56
CA VAL A 211 25.25 13.20 -0.26
C VAL A 211 26.73 12.94 -0.50
N SER A 212 27.20 11.73 -0.24
CA SER A 212 28.59 11.37 -0.50
C SER A 212 28.66 9.86 -0.67
N LYS A 213 29.84 9.39 -1.11
CA LYS A 213 30.02 7.96 -1.34
C LYS A 213 29.81 7.16 -0.06
N THR A 214 30.36 7.62 1.07
CA THR A 214 30.23 6.91 2.33
C THR A 214 28.85 7.10 2.96
N GLU A 215 28.25 8.28 2.78
CA GLU A 215 26.99 8.60 3.45
C GLU A 215 25.82 7.92 2.75
N LYS A 216 24.68 7.92 3.44
CA LYS A 216 23.44 7.37 2.92
C LYS A 216 22.34 8.41 2.77
N THR A 217 22.44 9.53 3.50
CA THR A 217 21.39 10.54 3.48
C THR A 217 21.38 11.27 2.13
N ASN A 218 20.17 11.49 1.62
CA ASN A 218 19.96 12.27 0.41
C ASN A 218 19.72 13.73 0.79
N PHE A 219 19.30 14.52 -0.21
CA PHE A 219 18.72 15.82 0.10
C PHE A 219 17.31 15.65 0.67
N LYS A 220 16.60 14.61 0.25
CA LYS A 220 15.28 14.32 0.79
C LYS A 220 15.32 13.90 2.25
N THR A 221 16.47 13.41 2.74
CA THR A 221 16.56 12.88 4.09
C THR A 221 17.59 13.64 4.92
N LEU A 222 17.77 14.93 4.66
CA LEU A 222 18.62 15.74 5.52
C LEU A 222 18.02 15.80 6.91
N SER A 223 18.90 15.84 7.93
CA SER A 223 18.47 15.85 9.31
C SER A 223 19.16 16.90 10.18
N SER A 224 20.19 17.57 9.69
CA SER A 224 20.92 18.52 10.51
C SER A 224 21.72 19.46 9.61
N MET A 225 22.35 20.45 10.24
CA MET A 225 23.19 21.38 9.48
C MET A 225 24.39 20.67 8.88
N GLU A 226 24.90 19.63 9.54
CA GLU A 226 26.04 18.89 8.99
C GLU A 226 25.68 18.23 7.68
N ASP A 227 24.49 17.62 7.60
CA ASP A 227 24.05 17.01 6.36
C ASP A 227 23.89 18.06 5.27
N PHE A 228 23.36 19.24 5.61
CA PHE A 228 23.21 20.29 4.62
C PHE A 228 24.56 20.75 4.10
N TRP A 229 25.55 20.91 4.98
CA TRP A 229 26.88 21.31 4.53
C TRP A 229 27.50 20.23 3.65
N LYS A 230 27.32 18.95 4.02
CA LYS A 230 27.86 17.87 3.21
C LYS A 230 27.21 17.86 1.83
N PHE A 231 25.91 18.12 1.76
CA PHE A 231 25.23 18.20 0.47
C PHE A 231 25.76 19.37 -0.35
N THR A 232 25.89 20.53 0.27
CA THR A 232 26.34 21.71 -0.46
C THR A 232 27.76 21.53 -1.00
N GLU A 233 28.64 20.91 -0.22
CA GLU A 233 30.00 20.63 -0.68
C GLU A 233 30.11 19.33 -1.47
N GLY A 234 29.05 18.52 -1.48
CA GLY A 234 29.11 17.21 -2.09
C GLY A 234 28.23 17.05 -3.31
N SER A 235 27.06 16.44 -3.12
CA SER A 235 26.20 16.08 -4.25
C SER A 235 25.83 17.29 -5.09
N LEU A 236 25.64 18.45 -4.47
CA LEU A 236 25.22 19.63 -5.22
C LEU A 236 26.27 20.00 -6.26
N LEU A 237 27.54 20.04 -5.86
CA LEU A 237 28.60 20.40 -6.80
C LEU A 237 28.78 19.34 -7.88
N ASP A 238 28.60 18.06 -7.52
CA ASP A 238 28.66 17.01 -8.53
C ASP A 238 27.58 17.16 -9.57
N GLY A 239 26.34 17.45 -9.15
CA GLY A 239 25.26 17.61 -10.10
C GLY A 239 25.41 18.88 -10.94
N LEU A 240 25.87 19.96 -10.31
CA LEU A 240 25.89 21.25 -11.00
C LEU A 240 26.93 21.29 -12.11
N TYR A 241 28.14 20.80 -11.84
CA TYR A 241 29.28 21.01 -12.72
C TYR A 241 29.67 19.71 -13.40
N TRP A 242 29.68 19.72 -14.73
CA TRP A 242 30.02 18.57 -15.54
C TRP A 242 31.16 18.93 -16.49
N LYS A 243 32.18 18.08 -16.51
CA LYS A 243 33.35 18.31 -17.35
C LYS A 243 33.25 17.52 -18.65
N ASN A 254 34.67 25.59 -18.89
CA ASN A 254 34.13 26.92 -18.67
C ASN A 254 32.61 26.88 -18.63
N ARG A 255 32.02 26.02 -19.46
CA ARG A 255 30.57 25.84 -19.53
C ARG A 255 30.23 24.45 -19.01
N SER A 256 29.21 24.39 -18.15
CA SER A 256 28.76 23.14 -17.56
C SER A 256 27.44 22.75 -18.20
N PHE A 257 27.19 21.44 -18.27
CA PHE A 257 25.93 20.90 -18.75
C PHE A 257 25.46 19.85 -17.73
N ILE A 258 24.41 20.17 -16.98
CA ILE A 258 23.95 19.31 -15.90
C ILE A 258 23.83 17.86 -16.33
N PHE A 259 23.39 17.62 -17.56
CA PHE A 259 23.66 16.38 -18.25
C PHE A 259 24.46 16.76 -19.49
N TYR A 260 24.64 15.82 -20.42
CA TYR A 260 25.32 16.20 -21.64
C TYR A 260 24.45 17.06 -22.55
N GLU A 261 23.29 17.54 -22.07
CA GLU A 261 22.37 18.32 -22.88
C GLU A 261 22.00 19.67 -22.27
N ASN A 262 21.88 19.75 -20.94
CA ASN A 262 21.26 20.91 -20.27
C ASN A 262 22.34 21.88 -19.80
N LEU A 263 22.48 22.99 -20.52
CA LEU A 263 23.45 24.01 -20.15
C LEU A 263 23.07 24.67 -18.83
N LEU A 264 24.07 24.93 -17.99
CA LEU A 264 23.85 25.67 -16.76
C LEU A 264 23.92 27.17 -17.04
N LEU A 265 22.85 27.89 -16.69
CA LEU A 265 22.73 29.29 -17.03
C LEU A 265 23.30 30.15 -15.90
N GLY A 266 24.33 30.92 -16.21
CA GLY A 266 24.89 31.83 -15.23
C GLY A 266 25.49 31.09 -14.04
N VAL A 267 25.20 31.59 -12.85
CA VAL A 267 25.74 31.03 -11.62
C VAL A 267 24.59 30.73 -10.66
N PRO A 268 24.75 29.77 -9.74
CA PRO A 268 23.73 29.58 -8.71
C PRO A 268 23.82 30.67 -7.64
N ARG A 269 22.81 30.69 -6.78
CA ARG A 269 22.76 31.64 -5.68
C ARG A 269 22.31 30.93 -4.42
N ILE A 270 22.92 31.29 -3.29
CA ILE A 270 22.56 30.75 -1.98
C ILE A 270 22.15 31.92 -1.09
N ARG A 271 21.01 31.79 -0.42
CA ARG A 271 20.46 32.85 0.41
C ARG A 271 19.95 32.25 1.71
N GLN A 272 20.00 33.04 2.78
CA GLN A 272 19.54 32.59 4.09
C GLN A 272 18.73 33.67 4.78
N LEU A 273 17.73 33.23 5.54
CA LEU A 273 16.93 34.11 6.37
C LEU A 273 17.30 33.87 7.82
N ARG A 274 17.20 34.93 8.63
CA ARG A 274 17.83 34.94 9.94
C ARG A 274 16.87 35.54 10.96
N VAL A 275 17.11 35.23 12.23
CA VAL A 275 16.28 35.70 13.33
C VAL A 275 17.18 36.27 14.41
N ARG A 276 16.67 37.26 15.14
CA ARG A 276 17.47 37.94 16.16
C ARG A 276 17.55 37.10 17.42
N ASN A 277 18.67 37.23 18.13
CA ASN A 277 18.79 36.66 19.46
C ASN A 277 18.01 37.51 20.44
N GLY A 278 17.10 36.87 21.18
CA GLY A 278 16.25 37.60 22.10
C GLY A 278 14.90 37.96 21.53
N SER A 279 14.52 37.42 20.37
CA SER A 279 13.19 37.64 19.83
C SER A 279 12.11 36.92 20.62
N CYS A 280 12.49 36.04 21.54
CA CYS A 280 11.56 35.44 22.49
C CYS A 280 12.06 35.74 23.90
N SER A 281 11.19 35.46 24.88
CA SER A 281 11.50 35.71 26.28
C SER A 281 11.58 34.38 27.02
N ILE A 282 12.69 34.16 27.72
CA ILE A 282 12.84 32.94 28.51
C ILE A 282 12.07 33.09 29.82
N PRO A 283 11.45 32.04 30.35
CA PRO A 283 10.81 32.14 31.66
C PRO A 283 11.82 32.51 32.74
N GLN A 284 11.38 33.30 33.71
CA GLN A 284 12.28 33.75 34.77
C GLN A 284 12.86 32.59 35.55
N ASP A 285 12.18 31.45 35.56
CA ASP A 285 12.68 30.28 36.28
C ASP A 285 13.98 29.76 35.71
N LEU A 286 14.13 29.75 34.38
CA LEU A 286 15.27 29.15 33.72
C LEU A 286 16.29 30.16 33.19
N ARG A 287 16.15 31.44 33.52
CA ARG A 287 17.07 32.43 32.98
C ARG A 287 18.50 32.26 33.46
N ASP A 288 18.72 31.47 34.51
CA ASP A 288 20.07 31.25 35.01
C ASP A 288 20.82 30.18 34.22
N GLU A 289 20.14 29.38 33.41
CA GLU A 289 20.77 28.32 32.64
C GLU A 289 20.70 28.55 31.14
N ILE A 290 19.74 29.33 30.67
CA ILE A 290 19.56 29.62 29.25
C ILE A 290 19.62 31.13 29.08
N LYS A 291 20.51 31.59 28.20
CA LYS A 291 20.71 33.02 27.99
C LYS A 291 20.15 33.51 26.66
N GLU A 292 20.15 32.67 25.63
CA GLU A 292 19.74 33.09 24.30
C GLU A 292 18.62 32.18 23.80
N CYS A 293 17.62 32.81 23.19
CA CYS A 293 16.51 32.10 22.58
C CYS A 293 16.13 32.79 21.28
N TYR A 294 15.88 31.98 20.26
CA TYR A 294 15.52 32.47 18.93
C TYR A 294 14.10 32.01 18.61
N ASP A 295 13.23 32.97 18.31
CA ASP A 295 11.84 32.65 18.03
C ASP A 295 11.71 32.02 16.64
N VAL A 296 10.50 31.52 16.36
CA VAL A 296 10.21 31.03 15.03
C VAL A 296 10.26 32.20 14.05
N TYR A 297 10.50 31.89 12.78
CA TYR A 297 10.69 32.95 11.79
C TYR A 297 9.42 33.78 11.65
N SER A 298 9.60 35.10 11.60
CA SER A 298 8.51 36.02 11.30
C SER A 298 9.13 37.33 10.85
N VAL A 299 8.30 38.18 10.24
CA VAL A 299 8.78 39.47 9.78
C VAL A 299 9.24 40.34 10.93
N SER A 300 8.61 40.21 12.10
CA SER A 300 9.00 40.98 13.27
C SER A 300 10.30 40.49 13.89
N SER A 301 10.50 39.17 13.96
CA SER A 301 11.70 38.61 14.56
C SER A 301 12.87 38.57 13.60
N GLU A 302 12.68 38.96 12.34
CA GLU A 302 13.73 38.86 11.34
C GLU A 302 14.93 39.69 11.73
N ASP A 303 16.12 39.15 11.46
CA ASP A 303 17.37 39.83 11.75
C ASP A 303 17.85 40.59 10.51
N ARG A 304 18.38 41.79 10.75
CA ARG A 304 18.84 42.62 9.65
C ARG A 304 20.17 43.31 9.95
N ALA A 305 20.99 42.74 10.83
CA ALA A 305 22.28 43.34 11.16
C ALA A 305 23.43 42.48 10.64
N PRO A 306 24.57 43.09 10.34
CA PRO A 306 25.71 42.29 9.85
C PRO A 306 26.26 41.39 10.93
N PHE A 307 26.87 40.29 10.50
CA PHE A 307 27.50 39.34 11.40
C PHE A 307 28.73 38.76 10.71
N GLY A 308 29.41 37.85 11.40
CA GLY A 308 30.58 37.20 10.85
C GLY A 308 31.66 38.21 10.49
N PRO A 309 32.46 37.90 9.46
CA PRO A 309 33.50 38.85 9.03
C PRO A 309 32.96 40.15 8.46
N ARG A 310 31.68 40.22 8.08
CA ARG A 310 31.08 41.41 7.50
C ARG A 310 31.71 41.77 6.15
N ASN A 311 32.20 40.76 5.42
CA ASN A 311 32.88 40.97 4.14
C ASN A 311 31.97 40.48 3.01
N GLY A 312 31.23 41.43 2.43
CA GLY A 312 30.47 41.12 1.24
C GLY A 312 28.98 40.96 1.50
N THR A 313 28.27 40.46 0.48
CA THR A 313 26.82 40.37 0.55
C THR A 313 26.33 39.19 1.37
N ALA A 314 27.21 38.24 1.68
CA ALA A 314 26.81 37.09 2.48
C ALA A 314 26.66 37.42 3.96
N TRP A 315 27.24 38.53 4.40
CA TRP A 315 27.23 38.90 5.81
C TRP A 315 26.48 40.21 6.07
N ILE A 316 25.75 40.72 5.09
CA ILE A 316 24.99 41.96 5.24
C ILE A 316 23.57 41.71 4.73
N TYR A 317 22.60 42.37 5.35
CA TYR A 317 21.21 42.16 4.99
C TYR A 317 20.84 42.99 3.77
N THR A 318 20.24 42.32 2.78
CA THR A 318 19.76 42.97 1.57
C THR A 318 18.25 42.82 1.50
N SER A 319 17.56 43.95 1.35
CA SER A 319 16.11 43.95 1.38
C SER A 319 15.55 43.22 0.17
N GLU A 320 14.25 42.92 0.23
CA GLU A 320 13.59 42.23 -0.88
C GLU A 320 13.61 43.08 -2.14
N LYS A 321 13.39 44.39 -2.00
CA LYS A 321 13.36 45.26 -3.17
C LYS A 321 14.71 45.27 -3.89
N ASP A 322 15.80 45.39 -3.13
CA ASP A 322 17.12 45.45 -3.74
C ASP A 322 17.57 44.08 -4.26
N LEU A 323 16.99 43.00 -3.74
CA LEU A 323 17.31 41.66 -4.18
C LEU A 323 16.40 41.18 -5.31
N ASN A 324 15.39 41.95 -5.67
CA ASN A 324 14.46 41.57 -6.74
C ASN A 324 13.80 40.23 -6.43
N GLY A 325 13.58 39.97 -5.15
CA GLY A 325 13.01 38.72 -4.70
C GLY A 325 11.51 38.80 -4.48
N SER A 326 10.96 37.68 -4.01
CA SER A 326 9.54 37.59 -3.72
C SER A 326 9.33 36.53 -2.65
N SER A 327 8.15 36.56 -2.04
CA SER A 327 7.85 35.65 -0.95
C SER A 327 7.72 34.22 -1.45
N HIS A 328 8.05 33.27 -0.57
CA HIS A 328 7.92 31.84 -0.85
C HIS A 328 7.13 31.19 0.26
N TRP A 329 6.13 30.39 -0.10
CA TRP A 329 5.28 29.71 0.88
C TRP A 329 5.93 28.37 1.22
N GLY A 330 6.64 28.32 2.35
CA GLY A 330 7.32 27.13 2.78
C GLY A 330 6.42 26.19 3.56
N ILE A 331 7.03 25.14 4.09
CA ILE A 331 6.28 24.11 4.79
C ILE A 331 5.78 24.62 6.14
N ILE A 332 6.63 25.29 6.91
CA ILE A 332 6.26 25.71 8.26
C ILE A 332 6.12 27.22 8.39
N ALA A 333 6.43 27.99 7.36
CA ALA A 333 6.29 29.43 7.43
C ALA A 333 6.35 30.02 6.03
N THR A 334 5.90 31.26 5.92
CA THR A 334 6.05 32.02 4.68
C THR A 334 7.23 32.97 4.82
N TYR A 335 8.11 32.96 3.82
CA TYR A 335 9.40 33.62 3.88
C TYR A 335 9.43 34.79 2.92
N SER A 336 10.16 35.85 3.29
CA SER A 336 10.31 37.00 2.42
C SER A 336 11.43 36.76 1.42
N GLY A 337 11.59 37.71 0.50
CA GLY A 337 12.63 37.63 -0.49
C GLY A 337 13.94 38.27 -0.11
N ALA A 338 14.07 38.71 1.15
CA ALA A 338 15.29 39.34 1.62
C ALA A 338 16.15 38.32 2.35
N GLY A 339 17.35 38.74 2.73
CA GLY A 339 18.24 37.90 3.50
C GLY A 339 19.68 38.17 3.13
N TYR A 340 20.53 37.20 3.47
CA TYR A 340 21.95 37.26 3.19
C TYR A 340 22.27 36.28 2.08
N TYR A 341 22.85 36.77 0.98
CA TYR A 341 23.00 35.97 -0.22
C TYR A 341 24.43 36.05 -0.72
N LEU A 342 24.85 34.99 -1.40
CA LEU A 342 26.14 34.92 -2.08
C LEU A 342 25.93 34.39 -3.48
N ASP A 343 26.56 35.02 -4.46
CA ASP A 343 26.51 34.53 -5.84
C ASP A 343 27.69 33.59 -6.07
N LEU A 344 27.39 32.33 -6.34
CA LEU A 344 28.43 31.33 -6.55
C LEU A 344 29.09 31.57 -7.90
N SER A 345 30.01 30.69 -8.28
CA SER A 345 30.86 30.90 -9.44
C SER A 345 30.47 29.96 -10.58
N ARG A 346 31.19 30.09 -11.69
CA ARG A 346 30.89 29.30 -12.88
C ARG A 346 31.51 27.92 -12.82
N THR A 347 32.58 27.74 -12.05
CA THR A 347 33.35 26.51 -12.05
C THR A 347 33.28 25.85 -10.67
N ARG A 348 33.51 24.53 -10.66
CA ARG A 348 33.41 23.76 -9.42
C ARG A 348 34.43 24.23 -8.40
N GLU A 349 35.66 24.51 -8.84
CA GLU A 349 36.72 24.87 -7.90
C GLU A 349 36.41 26.16 -7.17
N GLU A 350 35.89 27.17 -7.88
CA GLU A 350 35.58 28.44 -7.23
C GLU A 350 34.38 28.32 -6.28
N THR A 351 33.36 27.59 -6.70
CA THR A 351 32.19 27.40 -5.86
C THR A 351 32.54 26.63 -4.58
N ALA A 352 33.39 25.60 -4.71
CA ALA A 352 33.82 24.85 -3.54
C ALA A 352 34.58 25.74 -2.57
N ALA A 353 35.46 26.60 -3.10
CA ALA A 353 36.19 27.52 -2.24
C ALA A 353 35.25 28.47 -1.52
N GLN A 354 34.26 29.01 -2.24
CA GLN A 354 33.31 29.93 -1.62
C GLN A 354 32.51 29.23 -0.52
N VAL A 355 32.07 28.01 -0.79
CA VAL A 355 31.27 27.28 0.20
C VAL A 355 32.12 26.94 1.41
N ALA A 356 33.38 26.55 1.20
CA ALA A 356 34.26 26.26 2.32
C ALA A 356 34.53 27.50 3.15
N SER A 357 34.70 28.66 2.49
CA SER A 357 34.87 29.91 3.22
C SER A 357 33.64 30.23 4.05
N LEU A 358 32.45 30.02 3.49
CA LEU A 358 31.23 30.25 4.25
C LEU A 358 31.16 29.33 5.46
N LYS A 359 31.49 28.05 5.27
CA LYS A 359 31.39 27.08 6.36
C LYS A 359 32.40 27.38 7.45
N LYS A 360 33.61 27.79 7.08
CA LYS A 360 34.63 28.06 8.08
C LYS A 360 34.22 29.21 9.00
N ASN A 361 33.61 30.24 8.45
CA ASN A 361 33.20 31.41 9.22
C ASN A 361 31.86 31.19 9.92
N VAL A 362 31.29 29.99 9.86
CA VAL A 362 30.04 29.67 10.55
C VAL A 362 28.92 30.51 9.97
N TRP A 363 28.62 30.31 8.68
CA TRP A 363 27.52 31.03 8.06
C TRP A 363 26.18 30.65 8.68
N LEU A 364 25.96 29.37 8.94
CA LEU A 364 24.72 28.90 9.53
C LEU A 364 24.94 28.63 11.01
N ASP A 365 24.08 29.20 11.84
CA ASP A 365 24.16 29.04 13.29
C ASP A 365 22.74 29.10 13.86
N ARG A 366 22.64 29.35 15.16
CA ARG A 366 21.38 29.29 15.88
C ARG A 366 20.31 30.18 15.26
N GLY A 367 20.71 31.29 14.65
CA GLY A 367 19.75 32.23 14.11
C GLY A 367 19.17 31.87 12.76
N THR A 368 19.79 30.93 12.05
CA THR A 368 19.30 30.55 10.73
C THR A 368 17.92 29.94 10.83
N ARG A 369 17.05 30.28 9.86
CA ARG A 369 15.69 29.76 9.84
C ARG A 369 15.32 29.21 8.47
N ALA A 370 16.07 29.59 7.43
CA ALA A 370 15.80 29.07 6.09
C ALA A 370 17.03 29.29 5.23
N THR A 371 17.13 28.47 4.18
CA THR A 371 18.19 28.59 3.20
C THR A 371 17.66 28.16 1.83
N PHE A 372 18.02 28.92 0.80
CA PHE A 372 17.56 28.68 -0.56
C PHE A 372 18.76 28.48 -1.47
N ILE A 373 18.60 27.60 -2.46
CA ILE A 373 19.59 27.42 -3.52
C ILE A 373 18.84 27.47 -4.84
N ASP A 374 19.20 28.43 -5.68
CA ASP A 374 18.49 28.69 -6.93
C ASP A 374 19.44 28.64 -8.10
N PHE A 375 18.99 28.00 -9.18
CA PHE A 375 19.75 27.95 -10.43
C PHE A 375 18.82 27.44 -11.52
N SER A 376 19.16 27.74 -12.76
CA SER A 376 18.35 27.33 -13.91
C SER A 376 19.25 26.76 -14.99
N VAL A 377 18.67 25.88 -15.80
CA VAL A 377 19.37 25.25 -16.91
C VAL A 377 18.50 25.39 -18.17
N TYR A 378 19.12 25.14 -19.31
CA TYR A 378 18.46 25.25 -20.61
C TYR A 378 18.79 24.03 -21.45
N ASN A 379 17.78 23.51 -22.15
CA ASN A 379 17.92 22.36 -23.02
C ASN A 379 17.61 22.78 -24.44
N ALA A 380 18.64 22.83 -25.29
CA ALA A 380 18.45 23.27 -26.67
C ALA A 380 17.76 22.25 -27.54
N ASN A 381 17.85 20.96 -27.19
CA ASN A 381 17.22 19.93 -28.01
C ASN A 381 15.71 20.09 -28.04
N ILE A 382 15.11 20.36 -26.89
CA ILE A 382 13.66 20.53 -26.77
C ILE A 382 13.26 21.96 -26.48
N ASN A 383 14.22 22.87 -26.35
CA ASN A 383 13.94 24.29 -26.14
C ASN A 383 13.08 24.49 -24.90
N LEU A 384 13.64 24.12 -23.75
CA LEU A 384 12.98 24.27 -22.46
C LEU A 384 13.98 24.64 -21.38
N PHE A 385 13.63 25.66 -20.60
CA PHE A 385 14.36 26.00 -19.39
C PHE A 385 13.84 25.16 -18.23
N CYS A 386 14.59 25.17 -17.13
CA CYS A 386 14.19 24.51 -15.89
C CYS A 386 14.71 25.33 -14.72
N VAL A 387 13.79 25.95 -13.99
CA VAL A 387 14.11 26.76 -12.82
C VAL A 387 14.03 25.85 -11.60
N VAL A 388 15.11 25.81 -10.82
CA VAL A 388 15.27 24.91 -9.69
C VAL A 388 15.36 25.74 -8.42
N ARG A 389 14.69 25.27 -7.37
CA ARG A 389 14.71 25.92 -6.07
C ARG A 389 14.72 24.85 -4.98
N LEU A 390 15.79 24.83 -4.20
CA LEU A 390 15.92 23.92 -3.06
C LEU A 390 15.85 24.74 -1.77
N LEU A 391 14.90 24.41 -0.92
CA LEU A 391 14.68 25.11 0.34
C LEU A 391 14.89 24.16 1.50
N VAL A 392 15.72 24.56 2.46
CA VAL A 392 15.93 23.83 3.70
C VAL A 392 15.54 24.76 4.84
N GLU A 393 14.57 24.35 5.64
CA GLU A 393 14.08 25.14 6.76
C GLU A 393 14.67 24.61 8.06
N PHE A 394 14.99 25.53 8.96
CA PHE A 394 15.60 25.21 10.26
C PHE A 394 14.61 25.61 11.35
N PRO A 395 13.77 24.69 11.81
CA PRO A 395 12.79 25.05 12.85
C PRO A 395 13.48 25.45 14.15
N ALA A 396 12.72 26.15 15.00
CA ALA A 396 13.24 26.54 16.30
C ALA A 396 13.48 25.35 17.22
N THR A 397 12.97 24.17 16.85
CA THR A 397 13.15 22.96 17.65
C THR A 397 14.33 22.11 17.23
N GLY A 398 15.10 22.56 16.23
CA GLY A 398 16.21 21.78 15.73
C GLY A 398 15.84 20.93 14.52
N GLY A 399 16.87 20.46 13.84
CA GLY A 399 16.67 19.67 12.64
C GLY A 399 16.50 20.53 11.40
N VAL A 400 16.20 19.86 10.29
CA VAL A 400 15.97 20.52 9.01
C VAL A 400 14.80 19.86 8.30
N ILE A 401 14.13 20.63 7.45
CA ILE A 401 12.99 20.15 6.67
C ILE A 401 13.24 20.47 5.21
N PRO A 402 13.83 19.56 4.43
CA PRO A 402 14.12 19.86 3.02
C PRO A 402 12.87 19.90 2.15
N SER A 403 12.98 20.66 1.06
CA SER A 403 11.94 20.73 0.05
C SER A 403 12.58 21.19 -1.26
N TRP A 404 11.86 20.98 -2.36
CA TRP A 404 12.43 21.22 -3.68
C TRP A 404 11.35 21.71 -4.62
N GLN A 405 11.78 22.16 -5.80
CA GLN A 405 10.87 22.64 -6.82
C GLN A 405 11.60 22.66 -8.16
N PHE A 406 11.06 21.93 -9.14
CA PHE A 406 11.59 21.92 -10.50
C PHE A 406 10.45 22.33 -11.43
N GLN A 407 10.67 23.39 -12.20
CA GLN A 407 9.61 23.99 -13.01
C GLN A 407 10.13 24.30 -14.41
N PRO A 408 9.74 23.55 -15.44
CA PRO A 408 10.19 23.88 -16.80
C PRO A 408 9.42 25.07 -17.38
N LEU A 409 10.11 25.87 -18.18
CA LEU A 409 9.54 27.07 -18.78
C LEU A 409 9.83 27.11 -20.27
N LYS A 410 8.83 27.51 -21.04
CA LYS A 410 8.99 27.76 -22.47
C LYS A 410 9.08 29.27 -22.71
N LEU A 411 10.25 29.83 -22.40
CA LEU A 411 10.43 31.27 -22.58
C LEU A 411 10.48 31.64 -24.06
N ILE A 412 11.26 30.92 -24.86
CA ILE A 412 11.33 31.14 -26.30
C ILE A 412 10.24 30.31 -26.94
N ARG A 413 9.43 30.95 -27.79
CA ARG A 413 8.18 30.34 -28.25
C ARG A 413 8.20 30.04 -29.75
N TYR A 414 8.46 31.06 -30.57
CA TYR A 414 8.34 30.92 -32.02
C TYR A 414 9.66 30.43 -32.62
N VAL A 415 9.77 29.10 -32.69
CA VAL A 415 10.95 28.46 -33.29
C VAL A 415 10.55 27.49 -34.39
N THR A 416 9.69 26.53 -34.07
CA THR A 416 9.27 25.50 -35.01
C THR A 416 7.91 25.85 -35.61
N THR A 417 7.52 25.05 -36.61
CA THR A 417 6.23 25.25 -37.26
C THR A 417 5.07 25.04 -36.30
N PHE A 418 5.17 24.02 -35.45
CA PHE A 418 4.11 23.78 -34.45
C PHE A 418 3.93 24.98 -33.54
N ASP A 419 5.00 25.71 -33.26
CA ASP A 419 4.87 26.91 -32.43
C ASP A 419 4.03 27.98 -33.12
N PHE A 420 4.23 28.18 -34.42
CA PHE A 420 3.39 29.13 -35.15
C PHE A 420 1.95 28.63 -35.23
N PHE A 421 1.77 27.32 -35.38
CA PHE A 421 0.41 26.77 -35.38
C PHE A 421 -0.28 27.04 -34.05
N LEU A 422 0.45 26.88 -32.95
CA LEU A 422 -0.11 27.17 -31.63
C LEU A 422 -0.38 28.66 -31.46
N ALA A 423 0.45 29.52 -32.04
CA ALA A 423 0.17 30.95 -32.00
C ALA A 423 -1.13 31.28 -32.72
N ALA A 424 -1.33 30.67 -33.89
CA ALA A 424 -2.58 30.86 -34.61
C ALA A 424 -3.76 30.36 -33.79
N CYS A 425 -3.60 29.22 -33.14
CA CYS A 425 -4.65 28.68 -32.29
C CYS A 425 -4.96 29.64 -31.13
N GLU A 426 -3.93 30.25 -30.55
CA GLU A 426 -4.14 31.21 -29.48
C GLU A 426 -4.89 32.44 -29.98
N ILE A 427 -4.57 32.91 -31.19
CA ILE A 427 -5.30 34.04 -31.76
C ILE A 427 -6.77 33.68 -31.95
N ILE A 428 -7.02 32.47 -32.47
CA ILE A 428 -8.41 32.02 -32.65
C ILE A 428 -9.12 31.94 -31.30
N PHE A 429 -8.42 31.46 -30.27
CA PHE A 429 -9.01 31.38 -28.94
C PHE A 429 -9.36 32.77 -28.41
N CYS A 430 -8.47 33.75 -28.64
CA CYS A 430 -8.77 35.11 -28.22
C CYS A 430 -10.01 35.66 -28.93
N PHE A 431 -10.12 35.41 -30.23
CA PHE A 431 -11.31 35.84 -30.95
C PHE A 431 -12.57 35.18 -30.39
N PHE A 432 -12.49 33.88 -30.10
CA PHE A 432 -13.62 33.16 -29.53
C PHE A 432 -14.00 33.76 -28.17
N ILE A 433 -13.02 34.08 -27.35
CA ILE A 433 -13.29 34.63 -26.03
C ILE A 433 -13.96 35.99 -26.14
N PHE A 434 -13.48 36.83 -27.06
CA PHE A 434 -14.12 38.13 -27.25
C PHE A 434 -15.56 37.97 -27.72
N TYR A 435 -15.79 37.04 -28.66
CA TYR A 435 -17.14 36.82 -29.16
C TYR A 435 -18.07 36.35 -28.04
N TYR A 436 -17.59 35.40 -27.22
CA TYR A 436 -18.39 34.92 -26.11
C TYR A 436 -18.64 36.02 -25.08
N VAL A 437 -17.66 36.87 -24.80
CA VAL A 437 -17.85 37.96 -23.86
C VAL A 437 -18.95 38.89 -24.36
N VAL A 438 -18.91 39.23 -25.65
CA VAL A 438 -19.94 40.11 -26.21
C VAL A 438 -21.31 39.44 -26.10
N GLU A 439 -21.37 38.16 -26.46
CA GLU A 439 -22.65 37.45 -26.41
C GLU A 439 -23.22 37.43 -25.00
N GLU A 440 -22.38 37.15 -24.00
CA GLU A 440 -22.87 37.08 -22.63
C GLU A 440 -23.27 38.45 -22.11
N ILE A 441 -22.52 39.50 -22.48
CA ILE A 441 -22.89 40.84 -22.05
C ILE A 441 -24.23 41.25 -22.63
N LEU A 442 -24.48 40.88 -23.90
CA LEU A 442 -25.77 41.18 -24.50
C LEU A 442 -26.93 40.57 -23.72
N GLU A 443 -26.83 39.31 -23.30
CA GLU A 443 -27.87 38.66 -22.52
C GLU A 443 -27.97 39.23 -21.11
N ILE A 444 -26.83 39.60 -20.52
CA ILE A 444 -26.85 40.19 -19.18
C ILE A 444 -27.61 41.51 -19.20
N ARG A 445 -27.38 42.32 -20.24
CA ARG A 445 -28.02 43.64 -20.28
C ARG A 445 -29.54 43.53 -20.31
N ILE A 446 -30.08 42.38 -20.70
CA ILE A 446 -31.53 42.19 -20.82
C ILE A 446 -32.09 41.45 -19.61
N HIS A 447 -31.42 40.37 -19.18
CA HIS A 447 -31.89 39.54 -18.08
C HIS A 447 -31.18 39.87 -16.76
N LYS A 448 -30.88 41.15 -16.51
CA LYS A 448 -30.04 41.55 -15.39
C LYS A 448 -30.47 40.93 -14.08
N LEU A 449 -31.77 40.98 -13.78
CA LEU A 449 -32.26 40.50 -12.48
C LEU A 449 -32.24 38.99 -12.36
N HIS A 450 -32.66 38.26 -13.39
CA HIS A 450 -32.73 36.81 -13.34
C HIS A 450 -31.64 36.11 -14.14
N TYR A 451 -30.52 36.78 -14.43
CA TYR A 451 -29.47 36.17 -15.21
C TYR A 451 -28.82 35.01 -14.45
N PHE A 452 -28.63 35.18 -13.14
CA PHE A 452 -27.99 34.15 -12.33
C PHE A 452 -28.93 33.04 -11.89
N ARG A 453 -30.22 33.12 -12.25
CA ARG A 453 -31.14 32.05 -11.87
C ARG A 453 -30.81 30.74 -12.57
N SER A 454 -30.02 30.80 -13.64
CA SER A 454 -29.67 29.61 -14.41
C SER A 454 -28.22 29.25 -14.14
N PHE A 455 -27.95 27.94 -13.95
CA PHE A 455 -26.59 27.50 -13.69
C PHE A 455 -25.70 27.67 -14.91
N TRP A 456 -26.26 27.50 -16.10
CA TRP A 456 -25.46 27.59 -17.31
C TRP A 456 -24.91 29.00 -17.52
N ASN A 457 -25.69 30.03 -17.20
CA ASN A 457 -25.18 31.38 -17.29
C ASN A 457 -24.04 31.63 -16.31
N CYS A 458 -24.13 31.08 -15.09
CA CYS A 458 -23.03 31.19 -14.15
C CYS A 458 -21.79 30.47 -14.69
N LEU A 459 -21.97 29.31 -15.29
CA LEU A 459 -20.84 28.59 -15.88
C LEU A 459 -20.21 29.41 -17.01
N ASP A 460 -21.04 30.02 -17.85
CA ASP A 460 -20.51 30.87 -18.92
C ASP A 460 -19.73 32.05 -18.37
N VAL A 461 -20.24 32.69 -17.32
CA VAL A 461 -19.54 33.82 -16.71
C VAL A 461 -18.20 33.35 -16.15
N VAL A 462 -18.20 32.19 -15.49
CA VAL A 462 -16.96 31.66 -14.92
C VAL A 462 -15.95 31.39 -16.03
N ILE A 463 -16.40 30.77 -17.12
CA ILE A 463 -15.50 30.45 -18.22
C ILE A 463 -14.92 31.73 -18.81
N VAL A 464 -15.76 32.74 -19.03
CA VAL A 464 -15.29 33.99 -19.62
C VAL A 464 -14.28 34.66 -18.71
N VAL A 465 -14.58 34.70 -17.40
CA VAL A 465 -13.67 35.37 -16.46
C VAL A 465 -12.32 34.64 -16.42
N LEU A 466 -12.35 33.31 -16.35
CA LEU A 466 -11.12 32.55 -16.28
C LEU A 466 -10.30 32.72 -17.56
N SER A 467 -10.97 32.70 -18.72
CA SER A 467 -10.25 32.89 -19.97
C SER A 467 -9.63 34.28 -20.06
N VAL A 468 -10.36 35.30 -19.62
CA VAL A 468 -9.81 36.66 -19.64
C VAL A 468 -8.61 36.76 -18.71
N VAL A 469 -8.70 36.15 -17.53
CA VAL A 469 -7.57 36.18 -16.59
C VAL A 469 -6.37 35.46 -17.20
N ALA A 470 -6.61 34.33 -17.86
CA ALA A 470 -5.51 33.61 -18.50
C ALA A 470 -4.87 34.45 -19.60
N ILE A 471 -5.68 35.14 -20.39
CA ILE A 471 -5.15 36.00 -21.44
C ILE A 471 -4.32 37.13 -20.84
N GLY A 472 -4.81 37.73 -19.76
CA GLY A 472 -4.05 38.79 -19.11
C GLY A 472 -2.73 38.30 -18.55
N ILE A 473 -2.74 37.13 -17.91
CA ILE A 473 -1.50 36.56 -17.38
C ILE A 473 -0.54 36.26 -18.52
N ASN A 474 -1.04 35.74 -19.64
CA ASN A 474 -0.18 35.46 -20.78
C ASN A 474 0.44 36.74 -21.33
N ILE A 475 -0.35 37.80 -21.44
CA ILE A 475 0.18 39.07 -21.93
C ILE A 475 1.25 39.59 -20.99
N TYR A 476 1.00 39.51 -19.68
CA TYR A 476 1.99 39.96 -18.71
C TYR A 476 3.27 39.14 -18.81
N ARG A 477 3.13 37.83 -19.03
CA ARG A 477 4.29 36.93 -19.04
C ARG A 477 5.13 37.12 -20.29
N THR A 478 4.48 37.30 -21.45
CA THR A 478 5.22 37.49 -22.69
C THR A 478 6.05 38.76 -22.65
N SER A 479 5.51 39.84 -22.10
CA SER A 479 6.28 41.08 -21.99
C SER A 479 7.36 40.96 -20.93
N ASN A 480 7.32 39.92 -20.11
CA ASN A 480 8.33 39.72 -19.07
C ASN A 480 9.55 38.93 -19.57
N VAL A 481 9.62 38.64 -20.87
CA VAL A 481 10.78 37.96 -21.43
C VAL A 481 12.04 38.82 -21.33
N GLU A 482 11.89 40.10 -20.98
CA GLU A 482 13.06 40.99 -20.90
C GLU A 482 14.08 40.52 -19.87
N VAL A 483 13.69 39.69 -18.91
CA VAL A 483 14.66 39.17 -17.94
C VAL A 483 15.69 38.30 -18.66
N LEU A 484 15.25 37.47 -19.60
CA LEU A 484 16.20 36.66 -20.36
C LEU A 484 17.16 37.52 -21.15
N LEU A 485 16.67 38.62 -21.73
CA LEU A 485 17.54 39.50 -22.50
C LEU A 485 18.62 40.11 -21.61
N GLN A 486 18.26 40.51 -20.38
CA GLN A 486 19.25 41.05 -19.47
C GLN A 486 20.33 40.01 -19.16
N PHE A 487 19.92 38.77 -18.92
CA PHE A 487 20.88 37.71 -18.63
C PHE A 487 21.80 37.46 -19.81
N LEU A 488 21.24 37.41 -21.02
CA LEU A 488 22.04 37.11 -22.20
C LEU A 488 23.12 38.14 -22.47
N GLU A 489 22.95 39.39 -22.02
CA GLU A 489 24.00 40.37 -22.20
C GLU A 489 25.27 39.97 -21.44
N ASP A 490 25.13 39.51 -20.20
CA ASP A 490 26.28 39.08 -19.41
C ASP A 490 25.90 37.74 -18.76
N GLN A 491 26.64 36.69 -19.09
CA GLN A 491 26.34 35.35 -18.60
C GLN A 491 27.07 35.02 -17.30
N ASN A 492 27.81 35.97 -16.73
CA ASN A 492 28.48 35.75 -15.46
C ASN A 492 27.65 36.21 -14.27
N THR A 493 26.32 36.22 -14.39
CA THR A 493 25.45 36.67 -13.32
C THR A 493 24.41 35.61 -13.01
N PHE A 494 23.54 35.92 -12.05
CA PHE A 494 22.49 35.00 -11.65
C PHE A 494 21.22 35.29 -12.45
N PRO A 495 20.71 34.33 -13.23
CA PRO A 495 19.46 34.57 -13.96
C PRO A 495 18.23 34.45 -13.07
N ASN A 496 17.55 35.57 -12.81
CA ASN A 496 16.39 35.58 -11.93
C ASN A 496 15.12 35.23 -12.71
N PHE A 497 14.85 33.94 -12.78
CA PHE A 497 13.66 33.42 -13.46
C PHE A 497 12.56 33.00 -12.49
N GLU A 498 12.64 33.40 -11.22
CA GLU A 498 11.66 32.96 -10.24
C GLU A 498 10.27 33.48 -10.57
N HIS A 499 10.19 34.75 -10.97
CA HIS A 499 8.89 35.34 -11.27
C HIS A 499 8.27 34.71 -12.52
N LEU A 500 9.08 34.46 -13.54
CA LEU A 500 8.58 33.80 -14.73
C LEU A 500 8.04 32.41 -14.40
N ALA A 501 8.75 31.67 -13.55
CA ALA A 501 8.27 30.34 -13.16
C ALA A 501 6.97 30.45 -12.36
N TYR A 502 6.89 31.40 -11.44
CA TYR A 502 5.66 31.57 -10.67
C TYR A 502 4.48 31.86 -11.58
N TRP A 503 4.65 32.77 -12.53
CA TRP A 503 3.56 33.12 -13.42
C TRP A 503 3.25 32.01 -14.41
N GLN A 504 4.24 31.22 -14.82
CA GLN A 504 3.95 30.05 -15.63
C GLN A 504 3.10 29.05 -14.86
N ILE A 505 3.41 28.84 -13.59
CA ILE A 505 2.61 27.92 -12.77
C ILE A 505 1.18 28.44 -12.65
N GLN A 506 1.04 29.74 -12.39
CA GLN A 506 -0.31 30.32 -12.27
C GLN A 506 -1.08 30.17 -13.57
N PHE A 507 -0.43 30.45 -14.70
CA PHE A 507 -1.08 30.32 -15.99
C PHE A 507 -1.50 28.88 -16.26
N ASN A 508 -0.63 27.93 -15.94
CA ASN A 508 -0.98 26.52 -16.13
C ASN A 508 -2.18 26.13 -15.29
N ASN A 509 -2.20 26.57 -14.03
CA ASN A 509 -3.32 26.24 -13.15
C ASN A 509 -4.62 26.81 -13.70
N ILE A 510 -4.60 28.08 -14.10
CA ILE A 510 -5.83 28.72 -14.57
C ILE A 510 -6.27 28.11 -15.90
N ALA A 511 -5.34 27.79 -16.80
CA ALA A 511 -5.71 27.15 -18.05
C ALA A 511 -6.30 25.76 -17.81
N ALA A 512 -5.75 25.00 -16.87
CA ALA A 512 -6.31 23.70 -16.55
C ALA A 512 -7.72 23.83 -16.01
N VAL A 513 -7.96 24.78 -15.12
CA VAL A 513 -9.31 24.97 -14.59
C VAL A 513 -10.26 25.40 -15.70
N THR A 514 -9.80 26.28 -16.59
CA THR A 514 -10.66 26.71 -17.70
C THR A 514 -11.01 25.54 -18.60
N VAL A 515 -10.05 24.67 -18.89
CA VAL A 515 -10.33 23.48 -19.70
C VAL A 515 -11.36 22.60 -19.00
N PHE A 516 -11.16 22.36 -17.70
CA PHE A 516 -12.10 21.53 -16.97
C PHE A 516 -13.52 22.09 -17.05
N PHE A 517 -13.67 23.39 -16.84
CA PHE A 517 -15.01 23.98 -16.84
C PHE A 517 -15.59 24.08 -18.24
N VAL A 518 -14.74 24.17 -19.27
CA VAL A 518 -15.21 24.13 -20.63
C VAL A 518 -15.76 22.75 -20.96
N TRP A 519 -15.13 21.70 -20.42
CA TRP A 519 -15.64 20.36 -20.62
C TRP A 519 -17.02 20.18 -20.00
N ILE A 520 -17.25 20.75 -18.82
CA ILE A 520 -18.51 20.55 -18.12
C ILE A 520 -19.66 21.17 -18.89
N LYS A 521 -19.40 22.25 -19.61
CA LYS A 521 -20.47 22.91 -20.37
C LYS A 521 -21.01 22.03 -21.48
N LEU A 522 -20.32 20.94 -21.83
CA LEU A 522 -20.82 20.03 -22.84
C LEU A 522 -22.14 19.40 -22.42
N PHE A 523 -22.48 19.44 -21.14
CA PHE A 523 -23.75 18.90 -20.66
C PHE A 523 -24.94 19.65 -21.23
N LYS A 524 -24.77 20.90 -21.63
CA LYS A 524 -25.90 21.68 -22.13
C LYS A 524 -26.54 21.05 -23.36
N PHE A 525 -25.71 20.44 -24.22
CA PHE A 525 -26.19 19.80 -25.44
C PHE A 525 -26.25 18.29 -25.33
N ILE A 526 -26.30 17.74 -24.11
CA ILE A 526 -26.31 16.29 -23.92
C ILE A 526 -27.72 15.71 -23.84
N ASN A 527 -28.75 16.54 -23.96
CA ASN A 527 -30.12 16.05 -23.88
C ASN A 527 -30.59 15.57 -25.25
N PHE A 528 -29.98 14.48 -25.75
CA PHE A 528 -30.34 13.98 -27.08
C PHE A 528 -31.74 13.37 -27.07
N ASN A 529 -32.05 12.53 -26.09
CA ASN A 529 -33.28 11.75 -26.10
C ASN A 529 -33.89 11.80 -24.70
N ARG A 530 -34.93 10.97 -24.51
CA ARG A 530 -35.65 10.98 -23.24
C ARG A 530 -34.78 10.48 -22.09
N THR A 531 -33.88 9.53 -22.35
CA THR A 531 -33.05 8.98 -21.28
C THR A 531 -32.14 10.05 -20.69
N MET A 532 -31.47 10.81 -21.56
CA MET A 532 -30.55 11.84 -21.06
C MET A 532 -31.32 12.94 -20.33
N SER A 533 -32.48 13.32 -20.85
CA SER A 533 -33.30 14.32 -20.16
C SER A 533 -33.74 13.82 -18.79
N GLN A 534 -34.14 12.55 -18.68
CA GLN A 534 -34.52 12.00 -17.39
C GLN A 534 -33.34 12.01 -16.41
N LEU A 535 -32.16 11.62 -16.88
CA LEU A 535 -31.00 11.63 -16.00
C LEU A 535 -30.65 13.05 -15.55
N SER A 536 -30.72 14.02 -16.47
CA SER A 536 -30.44 15.40 -16.10
C SER A 536 -31.47 15.94 -15.11
N THR A 537 -32.75 15.62 -15.31
CA THR A 537 -33.77 16.04 -14.37
C THR A 537 -33.55 15.43 -12.99
N THR A 538 -33.16 14.15 -12.96
CA THR A 538 -32.87 13.50 -11.69
C THR A 538 -31.71 14.20 -10.97
N MET A 539 -30.65 14.51 -11.72
CA MET A 539 -29.51 15.18 -11.11
C MET A 539 -29.87 16.59 -10.63
N SER A 540 -30.73 17.29 -11.37
CA SER A 540 -31.12 18.64 -10.97
C SER A 540 -32.00 18.62 -9.72
N ARG A 541 -32.96 17.69 -9.65
CA ARG A 541 -33.86 17.64 -8.51
C ARG A 541 -33.15 17.17 -7.24
N CYS A 542 -32.01 16.48 -7.39
CA CYS A 542 -31.30 15.98 -6.23
C CYS A 542 -30.56 17.10 -5.50
N ALA A 543 -30.11 18.12 -6.23
CA ALA A 543 -29.15 19.07 -5.67
C ALA A 543 -29.65 19.71 -4.38
N LYS A 544 -30.95 19.92 -4.24
CA LYS A 544 -31.47 20.60 -3.05
C LYS A 544 -31.21 19.77 -1.80
N ASP A 545 -31.54 18.48 -1.84
CA ASP A 545 -31.35 17.61 -0.68
C ASP A 545 -29.88 17.21 -0.51
N LEU A 546 -29.17 17.06 -1.62
CA LEU A 546 -27.76 16.67 -1.54
C LEU A 546 -26.95 17.73 -0.81
N PHE A 547 -27.22 19.00 -1.07
CA PHE A 547 -26.49 20.07 -0.39
C PHE A 547 -26.77 20.06 1.11
N GLY A 548 -28.04 19.88 1.49
CA GLY A 548 -28.37 19.83 2.91
C GLY A 548 -27.68 18.69 3.61
N PHE A 549 -27.74 17.49 3.02
CA PHE A 549 -27.06 16.39 3.68
C PHE A 549 -25.55 16.51 3.58
N ALA A 550 -25.03 17.26 2.60
CA ALA A 550 -23.60 17.52 2.57
C ALA A 550 -23.18 18.36 3.76
N ILE A 551 -23.97 19.39 4.07
CA ILE A 551 -23.72 20.17 5.29
C ILE A 551 -23.78 19.26 6.51
N MET A 552 -24.82 18.44 6.59
CA MET A 552 -25.00 17.56 7.74
C MET A 552 -23.83 16.60 7.89
N PHE A 553 -23.41 15.98 6.79
CA PHE A 553 -22.32 15.00 6.81
C PHE A 553 -21.00 15.67 7.15
N PHE A 554 -20.74 16.85 6.61
CA PHE A 554 -19.46 17.49 6.83
C PHE A 554 -19.36 18.11 8.22
N ILE A 555 -20.48 18.39 8.89
CA ILE A 555 -20.37 18.77 10.29
C ILE A 555 -19.70 17.66 11.10
N ILE A 556 -20.17 16.42 10.93
CA ILE A 556 -19.57 15.30 11.63
C ILE A 556 -18.17 15.02 11.11
N PHE A 557 -17.96 15.20 9.80
CA PHE A 557 -16.64 15.00 9.23
C PHE A 557 -15.61 15.94 9.87
N LEU A 558 -15.96 17.21 10.01
CA LEU A 558 -15.05 18.18 10.63
C LEU A 558 -14.91 17.94 12.14
N ALA A 559 -15.96 17.48 12.81
CA ALA A 559 -15.82 17.12 14.21
C ALA A 559 -14.79 16.01 14.38
N TYR A 560 -14.89 14.97 13.54
CA TYR A 560 -13.92 13.88 13.59
C TYR A 560 -12.52 14.39 13.25
N ALA A 561 -12.41 15.27 12.25
CA ALA A 561 -11.10 15.80 11.88
C ALA A 561 -10.48 16.59 13.03
N GLN A 562 -11.28 17.39 13.73
CA GLN A 562 -10.77 18.15 14.87
C GLN A 562 -10.32 17.21 15.99
N LEU A 563 -11.11 16.18 16.28
CA LEU A 563 -10.69 15.22 17.30
C LEU A 563 -9.39 14.55 16.90
N ALA A 564 -9.26 14.16 15.62
CA ALA A 564 -8.04 13.51 15.16
C ALA A 564 -6.85 14.46 15.27
N TYR A 565 -7.03 15.73 14.94
CA TYR A 565 -5.95 16.70 15.08
C TYR A 565 -5.53 16.84 16.54
N LEU A 566 -6.50 16.88 17.45
CA LEU A 566 -6.17 17.08 18.86
C LEU A 566 -5.53 15.83 19.48
N VAL A 567 -5.83 14.65 18.96
CA VAL A 567 -5.32 13.41 19.54
C VAL A 567 -3.99 13.00 18.90
N PHE A 568 -3.95 12.85 17.58
CA PHE A 568 -2.75 12.43 16.88
C PHE A 568 -1.93 13.58 16.31
N GLY A 569 -2.28 14.82 16.65
CA GLY A 569 -1.64 15.96 15.99
C GLY A 569 -0.14 16.02 16.14
N THR A 570 0.38 15.71 17.32
CA THR A 570 1.80 15.86 17.60
C THR A 570 2.62 14.61 17.30
N GLN A 571 1.99 13.50 16.95
CA GLN A 571 2.68 12.23 16.79
C GLN A 571 2.66 11.71 15.36
N VAL A 572 1.53 11.79 14.67
CA VAL A 572 1.36 11.18 13.35
C VAL A 572 1.51 12.26 12.29
N ASP A 573 2.28 11.95 11.25
CA ASP A 573 2.50 12.91 10.17
C ASP A 573 1.21 13.23 9.44
N ASP A 574 0.36 12.22 9.23
CA ASP A 574 -0.89 12.41 8.50
C ASP A 574 -1.83 13.40 9.19
N PHE A 575 -1.68 13.62 10.49
CA PHE A 575 -2.55 14.53 11.23
C PHE A 575 -1.79 15.74 11.77
N SER A 576 -0.65 16.10 11.17
CA SER A 576 0.19 17.16 11.71
C SER A 576 -0.44 18.54 11.57
N THR A 577 -1.36 18.74 10.63
CA THR A 577 -2.01 20.03 10.45
C THR A 577 -3.51 19.81 10.28
N SER A 578 -4.29 20.84 10.62
CA SER A 578 -5.73 20.74 10.54
C SER A 578 -6.22 20.45 9.13
N GLN A 579 -5.48 20.88 8.10
CA GLN A 579 -5.87 20.57 6.74
C GLN A 579 -5.53 19.12 6.39
N GLU A 580 -4.41 18.62 6.89
CA GLU A 580 -4.00 17.25 6.59
C GLU A 580 -5.01 16.24 7.13
N CYS A 581 -5.70 16.58 8.22
CA CYS A 581 -6.66 15.66 8.79
C CYS A 581 -7.82 15.39 7.83
N ILE A 582 -8.28 16.43 7.12
CA ILE A 582 -9.38 16.25 6.19
C ILE A 582 -8.98 15.32 5.05
N PHE A 583 -7.80 15.55 4.48
CA PHE A 583 -7.34 14.71 3.38
C PHE A 583 -7.11 13.28 3.86
N THR A 584 -6.57 13.13 5.07
CA THR A 584 -6.34 11.79 5.61
C THR A 584 -7.67 11.07 5.83
N GLN A 585 -8.69 11.78 6.27
CA GLN A 585 -9.99 11.15 6.47
C GLN A 585 -10.62 10.76 5.15
N PHE A 586 -10.48 11.59 4.12
CA PHE A 586 -10.92 11.18 2.78
C PHE A 586 -10.21 9.92 2.33
N ARG A 587 -8.89 9.87 2.52
CA ARG A 587 -8.12 8.68 2.12
C ARG A 587 -8.57 7.46 2.92
N ILE A 588 -8.83 7.62 4.22
CA ILE A 588 -9.27 6.51 5.04
C ILE A 588 -10.62 6.00 4.54
N ILE A 589 -11.52 6.90 4.19
CA ILE A 589 -12.80 6.49 3.63
C ILE A 589 -12.58 5.67 2.36
N LEU A 590 -11.67 6.14 1.50
CA LEU A 590 -11.40 5.39 0.26
C LEU A 590 -10.82 4.02 0.54
N GLY A 591 -9.90 3.90 1.50
CA GLY A 591 -9.27 2.62 1.80
C GLY A 591 -7.77 2.72 2.00
N ASP A 592 -7.21 3.91 1.81
CA ASP A 592 -5.77 4.14 2.00
C ASP A 592 -5.55 4.52 3.46
N ILE A 593 -5.19 3.52 4.26
CA ILE A 593 -5.10 3.67 5.72
C ILE A 593 -3.68 3.40 6.16
N ASN A 594 -3.32 3.94 7.33
CA ASN A 594 -2.02 3.72 7.96
C ASN A 594 -2.23 3.40 9.44
N PHE A 595 -3.12 2.43 9.69
CA PHE A 595 -3.62 2.20 11.04
C PHE A 595 -2.50 1.91 12.03
N ALA A 596 -1.37 1.41 11.58
CA ALA A 596 -0.28 1.09 12.51
C ALA A 596 0.18 2.33 13.26
N GLU A 597 0.39 3.44 12.55
CA GLU A 597 0.82 4.67 13.21
C GLU A 597 -0.26 5.20 14.14
N ILE A 598 -1.53 5.13 13.72
CA ILE A 598 -2.60 5.62 14.57
C ILE A 598 -2.65 4.83 15.87
N GLU A 599 -2.55 3.50 15.79
CA GLU A 599 -2.57 2.69 17.00
C GLU A 599 -1.35 2.93 17.86
N GLU A 600 -0.18 3.14 17.24
CA GLU A 600 1.02 3.42 18.00
C GLU A 600 0.91 4.74 18.77
N ALA A 601 0.37 5.77 18.12
CA ALA A 601 0.28 7.08 18.76
C ALA A 601 -0.60 7.04 20.00
N ASN A 602 -1.75 6.39 19.91
CA ASN A 602 -2.68 6.28 21.04
C ASN A 602 -3.29 4.89 20.98
N ARG A 603 -3.03 4.07 22.00
CA ARG A 603 -3.45 2.68 21.97
C ARG A 603 -4.91 2.49 22.40
N VAL A 604 -5.53 3.52 22.97
CA VAL A 604 -6.91 3.43 23.41
C VAL A 604 -7.79 4.26 22.48
N LEU A 605 -7.46 5.54 22.35
CA LEU A 605 -8.27 6.42 21.52
C LEU A 605 -8.05 6.21 20.03
N GLY A 606 -6.90 5.71 19.62
CA GLY A 606 -6.63 5.47 18.22
C GLY A 606 -7.59 4.47 17.63
N PRO A 607 -7.63 3.26 18.20
CA PRO A 607 -8.59 2.25 17.72
C PRO A 607 -10.04 2.71 17.81
N ILE A 608 -10.42 3.40 18.88
CA ILE A 608 -11.80 3.85 19.02
C ILE A 608 -12.14 4.84 17.91
N TYR A 609 -11.26 5.82 17.69
CA TYR A 609 -11.48 6.79 16.63
C TYR A 609 -11.61 6.10 15.29
N PHE A 610 -10.67 5.19 14.97
CA PHE A 610 -10.71 4.52 13.67
C PHE A 610 -11.99 3.73 13.50
N THR A 611 -12.34 2.91 14.49
CA THR A 611 -13.51 2.03 14.36
C THR A 611 -14.80 2.83 14.25
N THR A 612 -14.97 3.83 15.14
CA THR A 612 -16.19 4.63 15.10
C THR A 612 -16.28 5.45 13.82
N PHE A 613 -15.17 6.03 13.36
CA PHE A 613 -15.19 6.76 12.10
C PHE A 613 -15.61 5.84 10.96
N VAL A 614 -14.95 4.69 10.83
CA VAL A 614 -15.27 3.78 9.74
C VAL A 614 -16.74 3.39 9.79
N PHE A 615 -17.21 2.94 10.95
CA PHE A 615 -18.60 2.53 11.07
C PHE A 615 -19.53 3.68 10.68
N PHE A 616 -19.52 4.77 11.44
CA PHE A 616 -20.55 5.79 11.31
C PHE A 616 -20.44 6.54 9.99
N MET A 617 -19.30 6.44 9.29
CA MET A 617 -19.18 7.16 8.02
C MET A 617 -19.40 6.23 6.84
N PHE A 618 -18.61 5.16 6.73
CA PHE A 618 -18.74 4.25 5.60
C PHE A 618 -20.04 3.46 5.67
N PHE A 619 -20.36 2.88 6.82
CA PHE A 619 -21.46 1.93 6.90
C PHE A 619 -22.83 2.61 6.92
N ILE A 620 -22.93 3.82 7.44
CA ILE A 620 -24.24 4.43 7.69
C ILE A 620 -24.39 5.76 6.96
N LEU A 621 -23.54 6.74 7.27
CA LEU A 621 -23.78 8.09 6.80
C LEU A 621 -23.61 8.23 5.30
N LEU A 622 -22.66 7.48 4.71
CA LEU A 622 -22.43 7.59 3.27
C LEU A 622 -23.61 7.07 2.47
N ASN A 623 -24.51 6.31 3.09
CA ASN A 623 -25.63 5.73 2.38
C ASN A 623 -26.81 6.68 2.25
N MET A 624 -26.83 7.79 2.99
CA MET A 624 -27.90 8.76 2.87
C MET A 624 -27.85 9.47 1.51
N PHE A 625 -26.65 9.80 1.04
CA PHE A 625 -26.52 10.32 -0.31
C PHE A 625 -27.18 9.40 -1.32
N LEU A 626 -26.90 8.11 -1.23
CA LEU A 626 -27.42 7.15 -2.19
C LEU A 626 -28.93 6.98 -2.03
N ALA A 627 -29.42 7.00 -0.79
CA ALA A 627 -30.86 6.93 -0.58
C ALA A 627 -31.57 8.12 -1.23
N ILE A 628 -31.03 9.32 -1.05
CA ILE A 628 -31.60 10.51 -1.68
C ILE A 628 -31.59 10.35 -3.19
N ILE A 629 -30.45 9.94 -3.75
CA ILE A 629 -30.33 9.83 -5.21
C ILE A 629 -31.33 8.82 -5.75
N ASN A 630 -31.44 7.67 -5.09
CA ASN A 630 -32.32 6.61 -5.58
C ASN A 630 -33.78 7.02 -5.50
N ASP A 631 -34.18 7.62 -4.37
CA ASP A 631 -35.56 8.07 -4.26
C ASP A 631 -35.89 9.13 -5.30
N THR A 632 -34.99 10.08 -5.51
CA THR A 632 -35.23 11.12 -6.50
C THR A 632 -35.31 10.54 -7.91
N TYR A 633 -34.43 9.58 -8.23
CA TYR A 633 -34.47 8.97 -9.55
C TYR A 633 -35.78 8.25 -9.77
N SER A 634 -36.23 7.49 -8.78
CA SER A 634 -37.50 6.78 -8.93
C SER A 634 -38.66 7.75 -9.11
N GLU A 635 -38.69 8.82 -8.31
CA GLU A 635 -39.77 9.80 -8.43
C GLU A 635 -39.75 10.45 -9.81
N VAL A 636 -38.57 10.83 -10.28
CA VAL A 636 -38.46 11.50 -11.58
C VAL A 636 -38.91 10.57 -12.69
N LYS A 637 -38.47 9.31 -12.64
CA LYS A 637 -38.86 8.36 -13.67
C LYS A 637 -40.37 8.13 -13.67
N SER A 638 -40.97 7.98 -12.49
CA SER A 638 -42.41 7.80 -12.43
C SER A 638 -43.16 9.01 -12.97
N ASP A 639 -42.69 10.22 -12.65
CA ASP A 639 -43.35 11.43 -13.14
C ASP A 639 -43.23 11.54 -14.65
N LEU A 640 -42.02 11.38 -15.18
CA LEU A 640 -41.78 11.60 -16.61
C LEU A 640 -42.26 10.43 -17.47
N ALA A 641 -42.56 9.28 -16.88
CA ALA A 641 -43.11 8.18 -17.66
C ALA A 641 -44.47 8.51 -18.25
N GLN A 642 -45.16 9.52 -17.71
CA GLN A 642 -46.49 9.89 -18.19
C GLN A 642 -46.53 11.38 -18.55
N GLU B 163 -42.06 -29.49 -26.68
CA GLU B 163 -41.00 -30.37 -26.21
C GLU B 163 -39.80 -30.32 -27.14
N LYS B 164 -40.05 -30.03 -28.42
CA LYS B 164 -38.95 -29.93 -29.38
C LYS B 164 -38.01 -28.78 -29.02
N TYR B 165 -38.56 -27.65 -28.58
CA TYR B 165 -37.73 -26.50 -28.22
C TYR B 165 -36.77 -26.86 -27.09
N LEU B 166 -37.29 -27.50 -26.04
CA LEU B 166 -36.44 -27.85 -24.90
C LEU B 166 -35.36 -28.84 -25.31
N LYS B 167 -35.70 -29.85 -26.11
CA LYS B 167 -34.70 -30.82 -26.54
C LYS B 167 -33.64 -30.18 -27.42
N SER B 168 -34.04 -29.29 -28.33
CA SER B 168 -33.06 -28.60 -29.16
C SER B 168 -32.15 -27.73 -28.31
N VAL B 169 -32.70 -27.03 -27.32
CA VAL B 169 -31.89 -26.20 -26.44
C VAL B 169 -30.91 -27.07 -25.65
N LEU B 170 -31.37 -28.24 -25.19
CA LEU B 170 -30.48 -29.15 -24.46
C LEU B 170 -29.36 -29.65 -25.36
N ARG B 171 -29.68 -29.99 -26.61
CA ARG B 171 -28.65 -30.42 -27.54
C ARG B 171 -27.63 -29.33 -27.78
N GLU B 172 -28.09 -28.10 -27.98
CA GLU B 172 -27.18 -26.97 -28.17
C GLU B 172 -26.32 -26.77 -26.93
N LEU B 173 -26.92 -26.89 -25.75
CA LEU B 173 -26.17 -26.73 -24.51
C LEU B 173 -25.09 -27.79 -24.38
N VAL B 174 -25.41 -29.04 -24.71
CA VAL B 174 -24.43 -30.11 -24.61
C VAL B 174 -23.29 -29.87 -25.60
N THR B 175 -23.62 -29.50 -26.84
CA THR B 175 -22.58 -29.24 -27.82
C THR B 175 -21.68 -28.09 -27.38
N TYR B 176 -22.28 -27.02 -26.87
CA TYR B 176 -21.48 -25.88 -26.44
C TYR B 176 -20.65 -26.21 -25.21
N LEU B 177 -21.17 -27.06 -24.33
CA LEU B 177 -20.37 -27.49 -23.18
C LEU B 177 -19.17 -28.29 -23.63
N LEU B 178 -19.35 -29.18 -24.60
CA LEU B 178 -18.22 -29.92 -25.14
C LEU B 178 -17.21 -28.97 -25.76
N PHE B 179 -17.68 -27.98 -26.51
CA PHE B 179 -16.79 -26.99 -27.10
C PHE B 179 -16.02 -26.24 -26.02
N LEU B 180 -16.70 -25.87 -24.94
CA LEU B 180 -16.06 -25.14 -23.85
C LEU B 180 -14.99 -25.99 -23.16
N ILE B 181 -15.30 -27.27 -22.93
CA ILE B 181 -14.29 -28.15 -22.32
C ILE B 181 -13.08 -28.28 -23.24
N VAL B 182 -13.31 -28.42 -24.54
CA VAL B 182 -12.20 -28.55 -25.47
C VAL B 182 -11.33 -27.29 -25.43
N LEU B 183 -11.97 -26.12 -25.48
CA LEU B 183 -11.23 -24.88 -25.47
C LEU B 183 -10.45 -24.69 -24.17
N CYS B 184 -11.07 -24.99 -23.03
CA CYS B 184 -10.39 -24.87 -21.75
C CYS B 184 -9.21 -25.83 -21.68
N ILE B 185 -9.39 -27.06 -22.16
CA ILE B 185 -8.29 -28.02 -22.18
C ILE B 185 -7.13 -27.48 -22.98
N LEU B 186 -7.42 -26.94 -24.18
CA LEU B 186 -6.35 -26.37 -25.00
C LEU B 186 -5.63 -25.25 -24.28
N THR B 187 -6.40 -24.30 -23.72
CA THR B 187 -5.80 -23.09 -23.16
C THR B 187 -5.06 -23.37 -21.87
N TYR B 188 -5.41 -24.42 -21.14
CA TYR B 188 -4.63 -24.78 -19.96
C TYR B 188 -3.47 -25.70 -20.32
N GLY B 189 -3.58 -26.42 -21.44
CA GLY B 189 -2.44 -27.17 -21.94
C GLY B 189 -1.33 -26.26 -22.42
N MET B 190 -1.68 -25.12 -22.99
CA MET B 190 -0.68 -24.13 -23.38
C MET B 190 -0.20 -23.28 -22.21
N MET B 191 -0.45 -23.71 -20.98
CA MET B 191 -0.03 -23.00 -19.78
C MET B 191 0.52 -23.99 -18.76
N SER B 192 1.38 -23.50 -17.87
CA SER B 192 1.95 -24.35 -16.82
C SER B 192 2.64 -23.45 -15.81
N SER B 193 2.72 -23.95 -14.57
CA SER B 193 3.43 -23.20 -13.53
C SER B 193 4.93 -23.17 -13.79
N ASN B 194 5.44 -24.14 -14.53
CA ASN B 194 6.87 -24.16 -14.84
C ASN B 194 7.30 -22.92 -15.59
N VAL B 195 6.37 -22.27 -16.30
CA VAL B 195 6.75 -21.17 -17.17
C VAL B 195 6.92 -19.87 -16.39
N TYR B 196 6.12 -19.64 -15.35
CA TYR B 196 6.25 -18.40 -14.60
C TYR B 196 7.62 -18.29 -13.93
N TYR B 197 8.07 -19.38 -13.30
CA TYR B 197 9.33 -19.34 -12.59
C TYR B 197 10.52 -19.30 -13.55
N TYR B 198 10.37 -19.87 -14.74
CA TYR B 198 11.39 -19.67 -15.77
C TYR B 198 11.70 -18.20 -15.97
N THR B 199 10.68 -17.42 -16.34
CA THR B 199 10.88 -16.00 -16.58
C THR B 199 11.23 -15.28 -15.29
N ARG B 200 10.74 -15.76 -14.15
CA ARG B 200 11.06 -15.11 -12.88
C ARG B 200 12.56 -15.18 -12.60
N MET B 201 13.15 -16.38 -12.71
CA MET B 201 14.58 -16.51 -12.50
C MET B 201 15.37 -15.74 -13.55
N MET B 202 14.96 -15.81 -14.82
CA MET B 202 15.69 -15.07 -15.85
C MET B 202 15.69 -13.58 -15.56
N SER B 203 14.51 -13.02 -15.28
CA SER B 203 14.40 -11.60 -15.01
C SER B 203 15.15 -11.20 -13.75
N GLN B 204 15.07 -12.01 -12.69
CA GLN B 204 15.85 -11.70 -11.49
C GLN B 204 17.34 -11.66 -11.81
N LEU B 205 17.83 -12.68 -12.52
CA LEU B 205 19.26 -12.74 -12.82
C LEU B 205 19.70 -11.52 -13.62
N PHE B 206 18.88 -11.10 -14.59
CA PHE B 206 19.37 -10.09 -15.53
C PHE B 206 19.01 -8.66 -15.12
N LEU B 207 18.05 -8.48 -14.21
CA LEU B 207 17.61 -7.14 -13.84
C LEU B 207 17.85 -6.81 -12.37
N ASP B 208 17.75 -7.80 -11.47
CA ASP B 208 17.84 -7.53 -10.05
C ASP B 208 19.26 -7.56 -9.52
N THR B 209 20.17 -8.26 -10.19
CA THR B 209 21.54 -8.34 -9.69
C THR B 209 22.21 -6.98 -9.82
N PRO B 210 22.99 -6.56 -8.82
CA PRO B 210 23.70 -5.27 -8.93
C PRO B 210 24.62 -5.25 -10.13
N VAL B 211 24.78 -4.06 -10.71
CA VAL B 211 25.62 -3.90 -11.89
C VAL B 211 27.04 -4.34 -11.60
N SER B 212 27.49 -4.16 -10.36
CA SER B 212 28.81 -4.61 -9.94
C SER B 212 28.78 -4.80 -8.42
N LYS B 213 29.85 -5.41 -7.90
CA LYS B 213 29.91 -5.68 -6.47
C LYS B 213 29.83 -4.40 -5.63
N THR B 214 30.54 -3.35 -6.04
CA THR B 214 30.53 -2.09 -5.30
C THR B 214 29.25 -1.28 -5.56
N GLU B 215 28.72 -1.34 -6.77
CA GLU B 215 27.57 -0.53 -7.14
C GLU B 215 26.29 -1.06 -6.52
N LYS B 216 25.25 -0.23 -6.56
CA LYS B 216 23.94 -0.59 -6.04
C LYS B 216 22.87 -0.61 -7.14
N THR B 217 23.04 0.19 -8.19
CA THR B 217 22.06 0.26 -9.25
C THR B 217 22.09 -1.00 -10.11
N ASN B 218 20.90 -1.47 -10.47
CA ASN B 218 20.72 -2.60 -11.37
C ASN B 218 20.37 -2.10 -12.76
N PHE B 219 20.00 -3.03 -13.64
CA PHE B 219 19.42 -2.62 -14.92
C PHE B 219 18.10 -1.89 -14.71
N LYS B 220 17.34 -2.28 -13.67
CA LYS B 220 16.07 -1.62 -13.39
C LYS B 220 16.25 -0.15 -13.02
N THR B 221 17.41 0.23 -12.51
CA THR B 221 17.62 1.57 -11.98
C THR B 221 18.82 2.24 -12.65
N LEU B 222 19.00 2.00 -13.95
CA LEU B 222 20.01 2.73 -14.69
C LEU B 222 19.65 4.21 -14.75
N SER B 223 20.66 5.07 -14.75
CA SER B 223 20.46 6.50 -14.75
C SER B 223 21.30 7.26 -15.77
N SER B 224 22.30 6.64 -16.39
CA SER B 224 23.17 7.35 -17.31
C SER B 224 23.89 6.35 -18.20
N MET B 225 24.65 6.90 -19.15
CA MET B 225 25.43 6.05 -20.06
C MET B 225 26.49 5.27 -19.31
N GLU B 226 27.07 5.85 -18.26
CA GLU B 226 28.07 5.13 -17.49
C GLU B 226 27.48 3.89 -16.82
N ASP B 227 26.26 4.02 -16.29
CA ASP B 227 25.59 2.86 -15.70
C ASP B 227 25.34 1.79 -16.75
N PHE B 228 24.92 2.19 -17.95
CA PHE B 228 24.68 1.23 -19.01
C PHE B 228 25.96 0.51 -19.40
N TRP B 229 27.07 1.24 -19.51
CA TRP B 229 28.34 0.60 -19.84
C TRP B 229 28.77 -0.35 -18.74
N LYS B 230 28.59 0.03 -17.48
CA LYS B 230 28.93 -0.85 -16.37
C LYS B 230 28.09 -2.12 -16.41
N PHE B 231 26.80 -1.99 -16.72
CA PHE B 231 25.94 -3.16 -16.85
C PHE B 231 26.41 -4.06 -17.99
N THR B 232 26.69 -3.46 -19.15
CA THR B 232 27.10 -4.25 -20.31
C THR B 232 28.41 -4.99 -20.06
N GLU B 233 29.38 -4.35 -19.41
CA GLU B 233 30.63 -5.01 -19.09
C GLU B 233 30.57 -5.81 -17.78
N GLY B 234 29.49 -5.67 -17.02
CA GLY B 234 29.39 -6.28 -15.72
C GLY B 234 28.32 -7.36 -15.61
N SER B 235 27.17 -7.00 -15.06
CA SER B 235 26.13 -7.98 -14.75
C SER B 235 25.70 -8.77 -15.99
N LEU B 236 25.65 -8.11 -17.15
CA LEU B 236 25.20 -8.80 -18.35
C LEU B 236 26.10 -9.98 -18.69
N LEU B 237 27.42 -9.77 -18.66
CA LEU B 237 28.33 -10.85 -18.97
C LEU B 237 28.31 -11.94 -17.91
N ASP B 238 28.12 -11.56 -16.64
CA ASP B 238 27.99 -12.55 -15.58
C ASP B 238 26.78 -13.44 -15.79
N GLY B 239 25.63 -12.85 -16.13
CA GLY B 239 24.44 -13.65 -16.36
C GLY B 239 24.54 -14.49 -17.61
N LEU B 240 25.11 -13.93 -18.68
CA LEU B 240 25.10 -14.61 -19.97
C LEU B 240 25.96 -15.86 -19.97
N TYR B 241 27.17 -15.78 -19.42
CA TYR B 241 28.18 -16.82 -19.59
C TYR B 241 28.39 -17.55 -18.27
N TRP B 242 28.21 -18.87 -18.30
CA TRP B 242 28.37 -19.72 -17.14
C TRP B 242 29.37 -20.82 -17.45
N LYS B 243 30.33 -21.00 -16.56
CA LYS B 243 31.39 -21.98 -16.74
C LYS B 243 31.07 -23.27 -15.98
N ASN B 254 32.84 -23.83 -23.79
CA ASN B 254 32.47 -23.38 -25.13
C ASN B 254 30.97 -23.13 -25.23
N ARG B 255 30.20 -23.90 -24.45
CA ARG B 255 28.75 -23.76 -24.39
C ARG B 255 28.37 -23.20 -23.03
N SER B 256 27.53 -22.17 -23.02
CA SER B 256 27.07 -21.53 -21.80
C SER B 256 25.66 -21.98 -21.48
N PHE B 257 25.33 -21.98 -20.19
CA PHE B 257 23.98 -22.28 -19.71
C PHE B 257 23.62 -21.21 -18.68
N ILE B 258 22.69 -20.31 -19.04
CA ILE B 258 22.36 -19.17 -18.18
C ILE B 258 22.10 -19.60 -16.75
N PHE B 259 21.48 -20.75 -16.55
CA PHE B 259 21.58 -21.49 -15.30
C PHE B 259 22.20 -22.82 -15.66
N TYR B 260 22.20 -23.77 -14.72
CA TYR B 260 22.72 -25.08 -15.09
C TYR B 260 21.76 -25.85 -16.00
N GLU B 261 20.72 -25.19 -16.53
CA GLU B 261 19.73 -25.87 -17.35
C GLU B 261 19.51 -25.19 -18.71
N ASN B 262 19.59 -23.87 -18.80
CA ASN B 262 19.14 -23.11 -19.96
C ASN B 262 20.33 -22.80 -20.87
N LEU B 263 20.43 -23.53 -21.99
CA LEU B 263 21.49 -23.30 -22.95
C LEU B 263 21.34 -21.94 -23.61
N LEU B 264 22.47 -21.24 -23.79
CA LEU B 264 22.47 -19.98 -24.53
C LEU B 264 22.56 -20.29 -26.02
N LEU B 265 21.56 -19.83 -26.77
CA LEU B 265 21.42 -20.17 -28.19
C LEU B 265 22.22 -19.17 -29.01
N GLY B 266 23.36 -19.61 -29.53
CA GLY B 266 24.08 -18.82 -30.51
C GLY B 266 24.80 -17.65 -29.86
N VAL B 267 24.51 -16.46 -30.37
CA VAL B 267 25.27 -15.25 -30.06
C VAL B 267 24.29 -14.16 -29.69
N PRO B 268 24.62 -13.27 -28.75
CA PRO B 268 23.78 -12.09 -28.52
C PRO B 268 24.07 -11.00 -29.53
N ARG B 269 23.19 -10.01 -29.58
CA ARG B 269 23.32 -8.88 -30.50
C ARG B 269 23.03 -7.58 -29.76
N ILE B 270 23.79 -6.54 -30.11
CA ILE B 270 23.61 -5.20 -29.57
C ILE B 270 23.40 -4.25 -30.75
N ARG B 271 22.38 -3.40 -30.64
CA ARG B 271 22.00 -2.49 -31.72
C ARG B 271 21.66 -1.13 -31.14
N GLN B 272 21.95 -0.08 -31.90
CA GLN B 272 21.66 1.28 -31.46
C GLN B 272 21.00 2.06 -32.58
N LEU B 273 20.10 2.96 -32.20
CA LEU B 273 19.47 3.91 -33.12
C LEU B 273 20.03 5.29 -32.85
N ARG B 274 20.16 6.08 -33.91
CA ARG B 274 20.96 7.30 -33.87
C ARG B 274 20.20 8.43 -34.52
N VAL B 275 20.59 9.66 -34.19
CA VAL B 275 19.94 10.87 -34.69
C VAL B 275 21.02 11.82 -35.18
N ARG B 276 20.67 12.61 -36.20
CA ARG B 276 21.63 13.52 -36.82
C ARG B 276 21.85 14.75 -35.96
N ASN B 277 23.07 15.28 -36.01
CA ASN B 277 23.34 16.59 -35.43
C ASN B 277 22.74 17.66 -36.32
N GLY B 278 21.97 18.57 -35.71
CA GLY B 278 21.28 19.59 -36.47
C GLY B 278 19.89 19.22 -36.91
N SER B 279 19.33 18.13 -36.41
CA SER B 279 17.95 17.78 -36.72
C SER B 279 16.95 18.71 -36.05
N CYS B 280 17.40 19.55 -35.12
CA CYS B 280 16.59 20.62 -34.57
C CYS B 280 17.29 21.96 -34.82
N SER B 281 16.56 23.04 -34.59
CA SER B 281 17.08 24.39 -34.80
C SER B 281 17.20 25.11 -33.46
N ILE B 282 18.38 25.63 -33.18
CA ILE B 282 18.58 26.38 -31.95
C ILE B 282 18.02 27.79 -32.12
N PRO B 283 17.43 28.40 -31.10
CA PRO B 283 17.00 29.79 -31.22
C PRO B 283 18.17 30.71 -31.52
N GLN B 284 17.91 31.75 -32.32
CA GLN B 284 18.98 32.66 -32.72
C GLN B 284 19.61 33.34 -31.52
N ASP B 285 18.88 33.44 -30.41
CA ASP B 285 19.42 34.09 -29.22
C ASP B 285 20.61 33.32 -28.64
N LEU B 286 20.56 32.00 -28.63
CA LEU B 286 21.56 31.17 -27.98
C LEU B 286 22.53 30.51 -28.95
N ARG B 287 22.51 30.85 -30.24
CA ARG B 287 23.38 30.19 -31.19
C ARG B 287 24.86 30.43 -30.92
N ASP B 288 25.19 31.45 -30.13
CA ASP B 288 26.59 31.73 -29.82
C ASP B 288 27.16 30.76 -28.78
N GLU B 289 26.33 30.21 -27.90
CA GLU B 289 26.78 29.34 -26.84
C GLU B 289 26.53 27.87 -27.11
N ILE B 290 25.54 27.56 -27.95
CA ILE B 290 25.17 26.18 -28.26
C ILE B 290 25.28 26.01 -29.78
N LYS B 291 26.01 24.98 -30.20
CA LYS B 291 26.25 24.75 -31.62
C LYS B 291 25.54 23.50 -32.15
N GLU B 292 25.41 22.46 -31.33
CA GLU B 292 24.84 21.19 -31.76
C GLU B 292 23.60 20.87 -30.94
N CYS B 293 22.55 20.43 -31.63
CA CYS B 293 21.33 20.00 -30.98
C CYS B 293 20.78 18.77 -31.71
N TYR B 294 20.35 17.79 -30.93
CA TYR B 294 19.82 16.54 -31.45
C TYR B 294 18.36 16.42 -31.06
N ASP B 295 17.49 16.26 -32.07
CA ASP B 295 16.07 16.18 -31.81
C ASP B 295 15.70 14.84 -31.19
N VAL B 296 14.44 14.73 -30.78
CA VAL B 296 13.93 13.45 -30.31
C VAL B 296 13.90 12.47 -31.48
N TYR B 297 13.93 11.18 -31.17
CA TYR B 297 14.02 10.18 -32.22
C TYR B 297 12.80 10.21 -33.12
N SER B 298 13.04 10.16 -34.43
CA SER B 298 11.97 10.02 -35.41
C SER B 298 12.59 9.49 -36.70
N VAL B 299 11.72 8.99 -37.59
CA VAL B 299 12.19 8.47 -38.86
C VAL B 299 12.84 9.56 -39.70
N SER B 300 12.39 10.79 -39.56
CA SER B 300 12.97 11.91 -40.31
C SER B 300 14.32 12.34 -39.74
N SER B 301 14.48 12.34 -38.42
CA SER B 301 15.73 12.77 -37.81
C SER B 301 16.75 11.64 -37.72
N GLU B 302 16.39 10.44 -38.16
CA GLU B 302 17.28 9.29 -38.03
C GLU B 302 18.60 9.53 -38.78
N ASP B 303 19.68 9.05 -38.20
CA ASP B 303 21.01 9.18 -38.78
C ASP B 303 21.37 7.88 -39.50
N ARG B 304 21.93 8.00 -40.70
CA ARG B 304 22.28 6.85 -41.51
C ARG B 304 23.68 6.97 -42.12
N ALA B 305 24.58 7.72 -41.50
CA ALA B 305 25.93 7.89 -42.00
C ALA B 305 26.94 7.19 -41.10
N PRO B 306 28.06 6.73 -41.65
CA PRO B 306 29.07 6.08 -40.80
C PRO B 306 29.73 7.07 -39.86
N PHE B 307 30.21 6.55 -38.73
CA PHE B 307 30.91 7.35 -37.73
C PHE B 307 32.00 6.48 -37.11
N GLY B 308 32.72 7.05 -36.15
CA GLY B 308 33.77 6.33 -35.46
C GLY B 308 34.83 5.82 -36.40
N PRO B 309 35.46 4.68 -36.06
CA PRO B 309 36.47 4.11 -36.97
C PRO B 309 35.93 3.66 -38.31
N ARG B 310 34.61 3.47 -38.43
CA ARG B 310 33.99 2.98 -39.67
C ARG B 310 34.43 1.56 -40.01
N ASN B 311 34.76 0.76 -38.99
CA ASN B 311 35.25 -0.60 -39.19
C ASN B 311 34.16 -1.58 -38.74
N GLY B 312 33.40 -2.07 -39.71
CA GLY B 312 32.45 -3.13 -39.43
C GLY B 312 31.01 -2.64 -39.38
N THR B 313 30.15 -3.55 -38.93
CA THR B 313 28.72 -3.30 -38.92
C THR B 313 28.29 -2.41 -37.76
N ALA B 314 29.16 -2.23 -36.75
CA ALA B 314 28.80 -1.39 -35.62
C ALA B 314 28.89 0.09 -35.95
N TRP B 315 29.59 0.45 -37.03
CA TRP B 315 29.79 1.86 -37.39
C TRP B 315 29.17 2.22 -38.73
N ILE B 316 28.32 1.36 -39.29
CA ILE B 316 27.67 1.61 -40.56
C ILE B 316 26.18 1.30 -40.41
N TYR B 317 25.34 2.14 -41.03
CA TYR B 317 23.91 1.96 -40.92
C TYR B 317 23.43 0.79 -41.78
N THR B 318 22.63 -0.07 -41.18
CA THR B 318 22.03 -1.21 -41.87
C THR B 318 20.52 -1.07 -41.83
N SER B 319 19.88 -1.12 -43.00
CA SER B 319 18.45 -0.89 -43.09
C SER B 319 17.69 -2.01 -42.38
N GLU B 320 16.39 -1.76 -42.17
CA GLU B 320 15.55 -2.75 -41.51
C GLU B 320 15.43 -4.03 -42.33
N LYS B 321 15.31 -3.91 -43.65
CA LYS B 321 15.18 -5.10 -44.49
C LYS B 321 16.43 -5.97 -44.40
N ASP B 322 17.60 -5.36 -44.54
CA ASP B 322 18.84 -6.15 -44.52
C ASP B 322 19.12 -6.71 -43.14
N LEU B 323 18.57 -6.10 -42.10
CA LEU B 323 18.73 -6.57 -40.73
C LEU B 323 17.64 -7.55 -40.30
N ASN B 324 16.63 -7.76 -41.15
CA ASN B 324 15.54 -8.67 -40.83
C ASN B 324 14.85 -8.27 -39.53
N GLY B 325 14.80 -6.97 -39.25
CA GLY B 325 14.22 -6.47 -38.02
C GLY B 325 12.78 -6.03 -38.18
N SER B 326 12.24 -5.48 -37.09
CA SER B 326 10.88 -4.99 -37.07
C SER B 326 10.77 -3.90 -36.02
N SER B 327 9.69 -3.12 -36.11
CA SER B 327 9.49 -2.00 -35.21
C SER B 327 9.23 -2.49 -33.78
N HIS B 328 9.62 -1.66 -32.81
CA HIS B 328 9.39 -1.92 -31.40
C HIS B 328 8.74 -0.70 -30.78
N TRP B 329 7.66 -0.92 -30.03
CA TRP B 329 6.92 0.17 -29.39
C TRP B 329 7.54 0.40 -28.01
N GLY B 330 8.40 1.42 -27.92
CA GLY B 330 9.08 1.74 -26.68
C GLY B 330 8.25 2.64 -25.79
N ILE B 331 8.88 3.08 -24.70
CA ILE B 331 8.18 3.88 -23.69
C ILE B 331 7.90 5.28 -24.22
N ILE B 332 8.90 5.93 -24.85
CA ILE B 332 8.76 7.31 -25.28
C ILE B 332 8.71 7.47 -26.79
N ALA B 333 8.90 6.39 -27.55
CA ALA B 333 8.85 6.49 -29.00
C ALA B 333 8.74 5.09 -29.59
N THR B 334 8.36 5.04 -30.86
CA THR B 334 8.38 3.80 -31.62
C THR B 334 9.62 3.77 -32.51
N TYR B 335 10.34 2.66 -32.46
CA TYR B 335 11.65 2.54 -33.06
C TYR B 335 11.61 1.59 -34.24
N SER B 336 12.41 1.87 -35.25
CA SER B 336 12.50 0.98 -36.41
C SER B 336 13.44 -0.18 -36.11
N GLY B 337 13.51 -1.10 -37.06
CA GLY B 337 14.39 -2.24 -36.94
C GLY B 337 15.78 -2.06 -37.50
N ALA B 338 16.12 -0.84 -37.92
CA ALA B 338 17.43 -0.55 -38.48
C ALA B 338 18.33 0.04 -37.41
N GLY B 339 19.59 0.24 -37.76
CA GLY B 339 20.54 0.87 -36.86
C GLY B 339 21.92 0.30 -37.07
N TYR B 340 22.76 0.51 -36.06
CA TYR B 340 24.13 0.04 -36.05
C TYR B 340 24.24 -1.11 -35.05
N TYR B 341 24.66 -2.28 -35.54
CA TYR B 341 24.59 -3.49 -34.74
C TYR B 341 25.93 -4.19 -34.74
N LEU B 342 26.20 -4.92 -33.67
CA LEU B 342 27.38 -5.77 -33.55
C LEU B 342 26.94 -7.14 -33.04
N ASP B 343 27.47 -8.19 -33.64
CA ASP B 343 27.21 -9.55 -33.18
C ASP B 343 28.29 -9.94 -32.19
N LEU B 344 27.89 -10.21 -30.94
CA LEU B 344 28.84 -10.56 -29.90
C LEU B 344 29.35 -11.98 -30.11
N SER B 345 30.10 -12.51 -29.14
CA SER B 345 30.78 -13.78 -29.31
C SER B 345 30.19 -14.84 -28.40
N ARG B 346 30.69 -16.07 -28.55
CA ARG B 346 30.18 -17.20 -27.78
C ARG B 346 30.73 -17.21 -26.36
N THR B 347 31.91 -16.63 -26.14
CA THR B 347 32.60 -16.74 -24.86
C THR B 347 32.69 -15.37 -24.20
N ARG B 348 32.85 -15.39 -22.88
CA ARG B 348 32.88 -14.16 -22.10
C ARG B 348 34.08 -13.29 -22.49
N GLU B 349 35.24 -13.91 -22.71
CA GLU B 349 36.44 -13.13 -22.99
C GLU B 349 36.31 -12.36 -24.31
N GLU B 350 35.74 -12.98 -25.34
CA GLU B 350 35.60 -12.29 -26.62
C GLU B 350 34.56 -11.18 -26.54
N THR B 351 33.43 -11.46 -25.87
CA THR B 351 32.39 -10.44 -25.74
C THR B 351 32.89 -9.24 -24.94
N ALA B 352 33.66 -9.50 -23.87
CA ALA B 352 34.21 -8.40 -23.09
C ALA B 352 35.15 -7.55 -23.93
N ALA B 353 35.98 -8.20 -24.74
CA ALA B 353 36.88 -7.45 -25.62
C ALA B 353 36.10 -6.59 -26.61
N GLN B 354 35.05 -7.16 -27.20
CA GLN B 354 34.26 -6.40 -28.16
C GLN B 354 33.58 -5.20 -27.49
N VAL B 355 33.04 -5.41 -26.30
CA VAL B 355 32.37 -4.31 -25.59
C VAL B 355 33.36 -3.24 -25.20
N ALA B 356 34.55 -3.63 -24.74
CA ALA B 356 35.57 -2.65 -24.41
C ALA B 356 36.02 -1.87 -25.64
N SER B 357 36.16 -2.55 -26.78
CA SER B 357 36.51 -1.85 -28.00
C SER B 357 35.43 -0.85 -28.40
N LEU B 358 34.16 -1.23 -28.26
CA LEU B 358 33.07 -0.30 -28.54
C LEU B 358 33.14 0.90 -27.61
N LYS B 359 33.36 0.66 -26.32
CA LYS B 359 33.37 1.76 -25.34
C LYS B 359 34.55 2.70 -25.58
N LYS B 360 35.71 2.15 -25.94
CA LYS B 360 36.89 2.99 -26.15
C LYS B 360 36.67 3.97 -27.30
N ASN B 361 36.04 3.51 -28.37
CA ASN B 361 35.81 4.34 -29.55
C ASN B 361 34.58 5.23 -29.40
N VAL B 362 33.96 5.26 -28.22
CA VAL B 362 32.80 6.11 -27.96
C VAL B 362 31.65 5.70 -28.87
N TRP B 363 31.16 4.47 -28.69
CA TRP B 363 30.02 4.02 -29.48
C TRP B 363 28.77 4.83 -29.16
N LEU B 364 28.52 5.11 -27.88
CA LEU B 364 27.36 5.88 -27.45
C LEU B 364 27.78 7.31 -27.18
N ASP B 365 27.08 8.27 -27.79
CA ASP B 365 27.37 9.69 -27.61
C ASP B 365 26.05 10.45 -27.75
N ARG B 366 26.17 11.75 -28.00
CA ARG B 366 25.01 12.65 -27.98
C ARG B 366 23.90 12.20 -28.92
N GLY B 367 24.26 11.54 -30.02
CA GLY B 367 23.28 11.15 -31.02
C GLY B 367 22.48 9.89 -30.70
N THR B 368 22.93 9.09 -29.74
CA THR B 368 22.23 7.86 -29.41
C THR B 368 20.84 8.17 -28.86
N ARG B 369 19.86 7.34 -29.25
CA ARG B 369 18.49 7.51 -28.80
C ARG B 369 17.90 6.21 -28.28
N ALA B 370 18.50 5.08 -28.63
CA ALA B 370 18.02 3.79 -28.15
C ALA B 370 19.12 2.75 -28.31
N THR B 371 19.03 1.70 -27.50
CA THR B 371 19.95 0.57 -27.57
C THR B 371 19.19 -0.69 -27.20
N PHE B 372 19.46 -1.78 -27.92
CA PHE B 372 18.79 -3.06 -27.72
C PHE B 372 19.83 -4.14 -27.47
N ILE B 373 19.49 -5.10 -26.61
CA ILE B 373 20.30 -6.29 -26.37
C ILE B 373 19.37 -7.49 -26.50
N ASP B 374 19.64 -8.37 -27.45
CA ASP B 374 18.77 -9.49 -27.76
C ASP B 374 19.54 -10.80 -27.66
N PHE B 375 18.90 -11.80 -27.08
CA PHE B 375 19.46 -13.15 -26.98
C PHE B 375 18.36 -14.08 -26.52
N SER B 376 18.52 -15.37 -26.82
CA SER B 376 17.54 -16.37 -26.47
C SER B 376 18.23 -17.58 -25.86
N VAL B 377 17.50 -18.29 -25.01
CA VAL B 377 17.99 -19.50 -24.36
C VAL B 377 16.98 -20.62 -24.60
N TYR B 378 17.39 -21.84 -24.27
CA TYR B 378 16.57 -23.02 -24.44
C TYR B 378 16.71 -23.93 -23.23
N ASN B 379 15.58 -24.44 -22.75
CA ASN B 379 15.54 -25.33 -21.60
C ASN B 379 15.04 -26.69 -22.07
N ALA B 380 15.94 -27.68 -22.07
CA ALA B 380 15.58 -29.01 -22.56
C ALA B 380 14.71 -29.79 -21.57
N ASN B 381 14.79 -29.45 -20.28
CA ASN B 381 13.99 -30.17 -19.29
C ASN B 381 12.50 -29.99 -19.52
N ILE B 382 12.08 -28.76 -19.82
CA ILE B 382 10.68 -28.45 -20.05
C ILE B 382 10.40 -28.10 -21.50
N ASN B 383 11.41 -28.09 -22.36
CA ASN B 383 11.23 -27.82 -23.80
C ASN B 383 10.59 -26.45 -24.02
N LEU B 384 11.28 -25.40 -23.59
CA LEU B 384 10.81 -24.03 -23.75
C LEU B 384 11.97 -23.12 -24.10
N PHE B 385 11.77 -22.28 -25.12
CA PHE B 385 12.69 -21.20 -25.41
C PHE B 385 12.33 -19.97 -24.58
N CYS B 386 13.24 -19.01 -24.54
CA CYS B 386 13.01 -17.73 -23.88
C CYS B 386 13.72 -16.65 -24.68
N VAL B 387 12.94 -15.77 -25.32
CA VAL B 387 13.48 -14.67 -26.11
C VAL B 387 13.54 -13.45 -25.20
N VAL B 388 14.72 -12.86 -25.10
CA VAL B 388 14.99 -11.76 -24.17
C VAL B 388 15.31 -10.52 -24.99
N ARG B 389 14.78 -9.38 -24.54
CA ARG B 389 15.01 -8.09 -25.17
C ARG B 389 15.13 -7.02 -24.10
N LEU B 390 16.30 -6.39 -24.01
CA LEU B 390 16.56 -5.29 -23.09
C LEU B 390 16.72 -4.01 -23.90
N LEU B 391 15.88 -3.03 -23.61
CA LEU B 391 15.89 -1.76 -24.31
C LEU B 391 16.21 -0.64 -23.34
N VAL B 392 17.19 0.18 -23.69
CA VAL B 392 17.54 1.38 -22.94
C VAL B 392 17.39 2.57 -23.87
N GLU B 393 16.51 3.49 -23.51
CA GLU B 393 16.23 4.68 -24.31
C GLU B 393 16.97 5.87 -23.73
N PHE B 394 17.47 6.74 -24.62
CA PHE B 394 18.24 7.92 -24.25
C PHE B 394 17.46 9.15 -24.70
N PRO B 395 16.63 9.72 -23.83
CA PRO B 395 15.84 10.89 -24.24
C PRO B 395 16.73 12.07 -24.58
N ALA B 396 16.14 13.03 -25.30
CA ALA B 396 16.86 14.25 -25.66
C ALA B 396 17.17 15.11 -24.44
N THR B 397 16.57 14.82 -23.29
CA THR B 397 16.80 15.59 -22.08
C THR B 397 17.85 14.98 -21.16
N GLY B 398 18.49 13.89 -21.57
CA GLY B 398 19.49 13.23 -20.75
C GLY B 398 18.89 12.08 -19.94
N GLY B 399 19.78 11.25 -19.42
CA GLY B 399 19.37 10.09 -18.65
C GLY B 399 19.05 8.90 -19.53
N VAL B 400 18.56 7.84 -18.89
CA VAL B 400 18.19 6.61 -19.56
C VAL B 400 16.89 6.09 -18.97
N ILE B 401 16.14 5.35 -19.79
CA ILE B 401 14.88 4.75 -19.39
C ILE B 401 14.93 3.26 -19.71
N PRO B 402 15.33 2.39 -18.79
CA PRO B 402 15.43 0.97 -19.10
C PRO B 402 14.07 0.28 -19.20
N SER B 403 14.06 -0.81 -19.95
CA SER B 403 12.89 -1.68 -20.09
C SER B 403 13.36 -3.05 -20.52
N TRP B 404 12.48 -4.04 -20.37
CA TRP B 404 12.87 -5.42 -20.60
C TRP B 404 11.69 -6.20 -21.16
N GLN B 405 11.96 -7.43 -21.57
CA GLN B 405 10.96 -8.32 -22.12
C GLN B 405 11.49 -9.74 -22.11
N PHE B 406 10.76 -10.64 -21.42
CA PHE B 406 11.10 -12.06 -21.36
C PHE B 406 9.88 -12.84 -21.84
N GLN B 407 10.00 -13.49 -22.99
CA GLN B 407 8.85 -14.14 -23.63
C GLN B 407 9.17 -15.61 -23.89
N PRO B 408 8.63 -16.55 -23.12
CA PRO B 408 8.86 -17.97 -23.44
C PRO B 408 8.08 -18.42 -24.68
N LEU B 409 8.66 -19.38 -25.40
CA LEU B 409 8.07 -19.90 -26.62
C LEU B 409 8.15 -21.42 -26.64
N LYS B 410 7.26 -22.05 -27.39
CA LYS B 410 7.29 -23.48 -27.63
C LYS B 410 7.35 -23.70 -29.14
N LEU B 411 8.57 -23.67 -29.68
CA LEU B 411 8.74 -23.87 -31.11
C LEU B 411 8.56 -25.34 -31.48
N ILE B 412 9.11 -26.24 -30.67
CA ILE B 412 8.98 -27.68 -30.90
C ILE B 412 7.68 -28.12 -30.23
N ARG B 413 6.80 -28.77 -31.01
CA ARG B 413 5.43 -28.98 -30.55
C ARG B 413 5.23 -30.38 -30.00
N TYR B 414 5.50 -31.40 -30.83
CA TYR B 414 5.14 -32.78 -30.51
C TYR B 414 6.39 -33.52 -30.02
N VAL B 415 6.53 -33.62 -28.70
CA VAL B 415 7.67 -34.31 -28.09
C VAL B 415 7.15 -35.33 -27.08
N THR B 416 5.95 -35.13 -26.56
CA THR B 416 5.40 -35.97 -25.52
C THR B 416 3.96 -36.34 -25.86
N THR B 417 3.41 -37.26 -25.06
CA THR B 417 2.04 -37.72 -25.29
C THR B 417 1.04 -36.58 -25.11
N PHE B 418 1.24 -35.74 -24.09
CA PHE B 418 0.34 -34.61 -23.88
C PHE B 418 0.34 -33.68 -25.09
N ASP B 419 1.48 -33.54 -25.77
CA ASP B 419 1.53 -32.72 -26.96
C ASP B 419 0.63 -33.26 -28.06
N PHE B 420 0.65 -34.58 -28.27
CA PHE B 420 -0.25 -35.18 -29.25
C PHE B 420 -1.70 -35.06 -28.83
N PHE B 421 -1.98 -35.19 -27.53
CA PHE B 421 -3.35 -34.99 -27.05
C PHE B 421 -3.81 -33.57 -27.34
N LEU B 422 -2.94 -32.58 -27.12
CA LEU B 422 -3.29 -31.20 -27.43
C LEU B 422 -3.45 -30.99 -28.93
N ALA B 423 -2.67 -31.67 -29.75
CA ALA B 423 -2.86 -31.59 -31.20
C ALA B 423 -4.23 -32.12 -31.61
N ALA B 424 -4.64 -33.24 -31.01
CA ALA B 424 -5.97 -33.77 -31.28
C ALA B 424 -7.05 -32.79 -30.84
N CYS B 425 -6.85 -32.17 -29.67
CA CYS B 425 -7.81 -31.17 -29.20
C CYS B 425 -7.88 -29.99 -30.14
N GLU B 426 -6.73 -29.56 -30.68
CA GLU B 426 -6.71 -28.46 -31.64
C GLU B 426 -7.46 -28.83 -32.92
N ILE B 427 -7.29 -30.06 -33.40
CA ILE B 427 -8.03 -30.49 -34.59
C ILE B 427 -9.53 -30.49 -34.32
N ILE B 428 -9.93 -30.97 -33.14
CA ILE B 428 -11.34 -30.95 -32.78
C ILE B 428 -11.84 -29.51 -32.73
N PHE B 429 -11.01 -28.59 -32.23
CA PHE B 429 -11.40 -27.19 -32.17
C PHE B 429 -11.61 -26.62 -33.56
N CYS B 430 -10.75 -26.99 -34.52
CA CYS B 430 -10.93 -26.53 -35.89
C CYS B 430 -12.23 -27.07 -36.49
N PHE B 431 -12.53 -28.34 -36.22
CA PHE B 431 -13.79 -28.91 -36.71
C PHE B 431 -14.98 -28.15 -36.12
N PHE B 432 -14.94 -27.87 -34.82
CA PHE B 432 -16.01 -27.12 -34.18
C PHE B 432 -16.14 -25.74 -34.80
N ILE B 433 -15.00 -25.09 -35.07
CA ILE B 433 -15.04 -23.74 -35.62
C ILE B 433 -15.65 -23.74 -37.00
N PHE B 434 -15.29 -24.71 -37.84
CA PHE B 434 -15.90 -24.80 -39.16
C PHE B 434 -17.40 -25.06 -39.07
N TYR B 435 -17.80 -25.95 -38.16
CA TYR B 435 -19.22 -26.23 -37.99
C TYR B 435 -19.99 -24.98 -37.59
N TYR B 436 -19.43 -24.22 -36.63
CA TYR B 436 -20.08 -22.99 -36.20
C TYR B 436 -20.10 -21.95 -37.32
N VAL B 437 -19.03 -21.87 -38.12
CA VAL B 437 -19.03 -20.93 -39.24
C VAL B 437 -20.16 -21.25 -40.19
N VAL B 438 -20.32 -22.54 -40.53
CA VAL B 438 -21.39 -22.93 -41.45
C VAL B 438 -22.75 -22.61 -40.84
N GLU B 439 -22.93 -22.95 -39.56
CA GLU B 439 -24.22 -22.70 -38.91
C GLU B 439 -24.57 -21.23 -38.91
N GLU B 440 -23.60 -20.36 -38.59
CA GLU B 440 -23.88 -18.93 -38.53
C GLU B 440 -24.13 -18.36 -39.92
N ILE B 441 -23.39 -18.83 -40.93
CA ILE B 441 -23.59 -18.32 -42.28
C ILE B 441 -24.97 -18.72 -42.79
N LEU B 442 -25.43 -19.92 -42.43
CA LEU B 442 -26.76 -20.35 -42.86
C LEU B 442 -27.84 -19.39 -42.36
N GLU B 443 -27.75 -18.98 -41.10
CA GLU B 443 -28.75 -18.07 -40.54
C GLU B 443 -28.56 -16.66 -41.06
N ILE B 444 -27.32 -16.25 -41.31
CA ILE B 444 -27.06 -14.91 -41.84
C ILE B 444 -27.68 -14.77 -43.22
N ARG B 445 -27.57 -15.81 -44.05
CA ARG B 445 -28.08 -15.72 -45.42
C ARG B 445 -29.58 -15.43 -45.44
N ILE B 446 -30.29 -15.73 -44.37
CA ILE B 446 -31.74 -15.53 -44.33
C ILE B 446 -32.11 -14.28 -43.55
N HIS B 447 -31.49 -14.07 -42.38
CA HIS B 447 -31.85 -12.97 -41.50
C HIS B 447 -30.87 -11.80 -41.56
N LYS B 448 -30.16 -11.62 -42.67
CA LYS B 448 -29.06 -10.66 -42.69
C LYS B 448 -29.51 -9.26 -42.27
N LEU B 449 -30.72 -8.85 -42.66
CA LEU B 449 -31.20 -7.51 -42.31
C LEU B 449 -31.36 -7.34 -40.81
N HIS B 450 -31.96 -8.32 -40.14
CA HIS B 450 -32.18 -8.25 -38.69
C HIS B 450 -31.24 -9.16 -37.90
N TYR B 451 -30.15 -9.63 -38.50
CA TYR B 451 -29.27 -10.56 -37.81
C TYR B 451 -28.60 -9.89 -36.61
N PHE B 452 -28.16 -8.65 -36.78
CA PHE B 452 -27.53 -7.90 -35.70
C PHE B 452 -28.54 -7.28 -34.75
N ARG B 453 -29.82 -7.67 -34.83
CA ARG B 453 -30.83 -7.20 -33.89
C ARG B 453 -30.72 -7.88 -32.55
N SER B 454 -29.99 -9.00 -32.46
CA SER B 454 -29.84 -9.76 -31.23
C SER B 454 -28.38 -9.70 -30.79
N PHE B 455 -28.16 -9.59 -29.47
CA PHE B 455 -26.80 -9.53 -28.95
C PHE B 455 -26.10 -10.88 -29.09
N TRP B 456 -26.85 -11.97 -28.96
CA TRP B 456 -26.24 -13.30 -29.04
C TRP B 456 -25.66 -13.58 -30.41
N ASN B 457 -26.33 -13.13 -31.47
CA ASN B 457 -25.77 -13.29 -32.81
C ASN B 457 -24.47 -12.51 -32.98
N CYS B 458 -24.41 -11.29 -32.43
CA CYS B 458 -23.17 -10.53 -32.47
C CYS B 458 -22.06 -11.24 -31.70
N LEU B 459 -22.41 -11.81 -30.54
CA LEU B 459 -21.41 -12.56 -29.77
C LEU B 459 -20.92 -13.78 -30.55
N ASP B 460 -21.83 -14.48 -31.22
CA ASP B 460 -21.42 -15.64 -32.02
C ASP B 460 -20.49 -15.22 -33.15
N VAL B 461 -20.82 -14.12 -33.83
CA VAL B 461 -19.96 -13.64 -34.91
C VAL B 461 -18.59 -13.25 -34.37
N VAL B 462 -18.55 -12.57 -33.22
CA VAL B 462 -17.26 -12.17 -32.64
C VAL B 462 -16.45 -13.41 -32.29
N ILE B 463 -17.09 -14.41 -31.69
CA ILE B 463 -16.37 -15.63 -31.30
C ILE B 463 -15.81 -16.32 -32.52
N VAL B 464 -16.61 -16.45 -33.58
CA VAL B 464 -16.16 -17.19 -34.75
C VAL B 464 -15.04 -16.43 -35.45
N VAL B 465 -15.15 -15.10 -35.52
CA VAL B 465 -14.11 -14.30 -36.17
C VAL B 465 -12.81 -14.40 -35.40
N LEU B 466 -12.87 -14.29 -34.06
CA LEU B 466 -11.67 -14.38 -33.26
C LEU B 466 -11.04 -15.77 -33.38
N SER B 467 -11.85 -16.83 -33.40
CA SER B 467 -11.31 -18.16 -33.53
C SER B 467 -10.65 -18.35 -34.89
N VAL B 468 -11.26 -17.82 -35.96
CA VAL B 468 -10.65 -17.94 -37.27
C VAL B 468 -9.33 -17.18 -37.33
N VAL B 469 -9.29 -15.98 -36.72
CA VAL B 469 -8.05 -15.22 -36.68
C VAL B 469 -6.98 -15.98 -35.92
N ALA B 470 -7.36 -16.60 -34.80
CA ALA B 470 -6.40 -17.38 -34.02
C ALA B 470 -5.87 -18.56 -34.83
N ILE B 471 -6.75 -19.24 -35.57
CA ILE B 471 -6.32 -20.36 -36.40
C ILE B 471 -5.35 -19.88 -37.47
N GLY B 472 -5.66 -18.75 -38.10
CA GLY B 472 -4.77 -18.21 -39.11
C GLY B 472 -3.41 -17.83 -38.55
N ILE B 473 -3.40 -17.19 -37.38
CA ILE B 473 -2.14 -16.83 -36.73
C ILE B 473 -1.35 -18.07 -36.40
N ASN B 474 -2.02 -19.11 -35.91
CA ASN B 474 -1.33 -20.36 -35.57
C ASN B 474 -0.72 -20.99 -36.81
N ILE B 475 -1.45 -20.99 -37.93
CA ILE B 475 -0.94 -21.57 -39.16
C ILE B 475 0.28 -20.78 -39.64
N TYR B 476 0.19 -19.45 -39.58
CA TYR B 476 1.31 -18.62 -40.01
C TYR B 476 2.53 -18.85 -39.12
N ARG B 477 2.31 -18.94 -37.80
CA ARG B 477 3.42 -19.12 -36.86
C ARG B 477 4.08 -20.48 -37.05
N THR B 478 3.28 -21.52 -37.28
CA THR B 478 3.84 -22.85 -37.49
C THR B 478 4.74 -22.99 -38.71
N SER B 479 4.53 -22.17 -39.74
CA SER B 479 5.40 -22.18 -40.91
C SER B 479 6.62 -21.28 -40.72
N ASN B 480 6.65 -20.48 -39.67
CA ASN B 480 7.82 -19.66 -39.37
C ASN B 480 8.89 -20.40 -38.60
N VAL B 481 8.66 -21.67 -38.26
CA VAL B 481 9.66 -22.48 -37.56
C VAL B 481 10.92 -22.67 -38.39
N GLU B 482 10.87 -22.35 -39.68
CA GLU B 482 12.06 -22.49 -40.52
C GLU B 482 13.22 -21.64 -40.02
N VAL B 483 12.94 -20.58 -39.26
CA VAL B 483 14.02 -19.75 -38.72
C VAL B 483 14.86 -20.55 -37.73
N LEU B 484 14.21 -21.44 -36.96
CA LEU B 484 14.96 -22.31 -36.05
C LEU B 484 15.86 -23.26 -36.84
N LEU B 485 15.36 -23.78 -37.97
CA LEU B 485 16.17 -24.69 -38.78
C LEU B 485 17.41 -23.97 -39.31
N GLN B 486 17.26 -22.71 -39.73
CA GLN B 486 18.42 -21.96 -40.19
C GLN B 486 19.45 -21.81 -39.09
N PHE B 487 19.01 -21.51 -37.86
CA PHE B 487 19.94 -21.37 -36.76
C PHE B 487 20.63 -22.70 -36.45
N LEU B 488 19.89 -23.80 -36.46
CA LEU B 488 20.46 -25.09 -36.11
C LEU B 488 21.57 -25.53 -37.05
N GLU B 489 21.54 -25.09 -38.30
CA GLU B 489 22.62 -25.41 -39.24
C GLU B 489 23.95 -24.82 -38.79
N ASP B 490 23.95 -23.56 -38.37
CA ASP B 490 25.17 -22.91 -37.88
C ASP B 490 24.82 -22.20 -36.57
N GLN B 491 25.48 -22.61 -35.49
CA GLN B 491 25.19 -22.08 -34.16
C GLN B 491 26.07 -20.91 -33.77
N ASN B 492 26.93 -20.43 -34.68
CA ASN B 492 27.75 -19.27 -34.39
C ASN B 492 27.08 -17.96 -34.76
N THR B 493 25.82 -17.99 -35.16
CA THR B 493 25.11 -16.79 -35.58
C THR B 493 24.09 -16.36 -34.54
N PHE B 494 23.41 -15.27 -34.83
CA PHE B 494 22.39 -14.74 -33.93
C PHE B 494 21.03 -15.33 -34.29
N PRO B 495 20.37 -16.03 -33.36
CA PRO B 495 19.02 -16.56 -33.66
C PRO B 495 17.94 -15.50 -33.58
N ASN B 496 17.37 -15.15 -34.74
CA ASN B 496 16.34 -14.11 -34.80
C ASN B 496 14.95 -14.71 -34.53
N PHE B 497 14.59 -14.71 -33.24
CA PHE B 497 13.30 -15.23 -32.79
C PHE B 497 12.33 -14.12 -32.40
N GLU B 498 12.61 -12.87 -32.76
CA GLU B 498 11.75 -11.77 -32.34
C GLU B 498 10.36 -11.88 -32.97
N HIS B 499 10.31 -12.25 -34.26
CA HIS B 499 9.02 -12.36 -34.93
C HIS B 499 8.18 -13.48 -34.34
N LEU B 500 8.82 -14.63 -34.05
CA LEU B 500 8.09 -15.73 -33.43
C LEU B 500 7.54 -15.33 -32.07
N ALA B 501 8.32 -14.59 -31.29
CA ALA B 501 7.84 -14.14 -29.98
C ALA B 501 6.68 -13.17 -30.14
N TYR B 502 6.79 -12.25 -31.09
CA TYR B 502 5.70 -11.30 -31.32
C TYR B 502 4.41 -12.02 -31.69
N TRP B 503 4.51 -12.99 -32.61
CA TRP B 503 3.32 -13.71 -33.04
C TRP B 503 2.78 -14.63 -31.95
N GLN B 504 3.66 -15.20 -31.12
CA GLN B 504 3.18 -15.97 -29.97
C GLN B 504 2.41 -15.08 -29.00
N ILE B 505 2.89 -13.86 -28.75
CA ILE B 505 2.17 -12.96 -27.87
C ILE B 505 0.81 -12.61 -28.47
N GLN B 506 0.78 -12.33 -29.78
CA GLN B 506 -0.50 -12.02 -30.41
C GLN B 506 -1.46 -13.20 -30.33
N PHE B 507 -0.95 -14.41 -30.57
CA PHE B 507 -1.80 -15.59 -30.50
C PHE B 507 -2.34 -15.79 -29.09
N ASN B 508 -1.48 -15.61 -28.08
CA ASN B 508 -1.94 -15.75 -26.70
C ASN B 508 -3.02 -14.73 -26.37
N ASN B 509 -2.84 -13.48 -26.80
CA ASN B 509 -3.84 -12.45 -26.54
C ASN B 509 -5.17 -12.81 -27.20
N ILE B 510 -5.12 -13.21 -28.47
CA ILE B 510 -6.37 -13.53 -29.18
C ILE B 510 -7.04 -14.76 -28.58
N ALA B 511 -6.27 -15.78 -28.20
CA ALA B 511 -6.86 -16.97 -27.59
C ALA B 511 -7.48 -16.64 -26.25
N ALA B 512 -6.83 -15.79 -25.45
CA ALA B 512 -7.41 -15.40 -24.17
C ALA B 512 -8.72 -14.65 -24.37
N VAL B 513 -8.76 -13.74 -25.34
CA VAL B 513 -10.01 -13.01 -25.60
C VAL B 513 -11.09 -13.97 -26.08
N THR B 514 -10.74 -14.92 -26.95
CA THR B 514 -11.72 -15.88 -27.43
C THR B 514 -12.28 -16.73 -26.30
N VAL B 515 -11.40 -17.16 -25.39
CA VAL B 515 -11.86 -17.95 -24.24
C VAL B 515 -12.80 -17.10 -23.38
N PHE B 516 -12.44 -15.85 -23.12
CA PHE B 516 -13.29 -14.99 -22.31
C PHE B 516 -14.67 -14.86 -22.93
N PHE B 517 -14.72 -14.63 -24.25
CA PHE B 517 -16.01 -14.43 -24.89
C PHE B 517 -16.80 -15.73 -25.03
N VAL B 518 -16.11 -16.86 -25.11
CA VAL B 518 -16.79 -18.15 -25.09
C VAL B 518 -17.43 -18.38 -23.73
N TRP B 519 -16.78 -17.94 -22.66
CA TRP B 519 -17.36 -18.07 -21.33
C TRP B 519 -18.64 -17.25 -21.21
N ILE B 520 -18.65 -16.04 -21.76
CA ILE B 520 -19.81 -15.16 -21.61
C ILE B 520 -21.03 -15.73 -22.30
N LYS B 521 -20.83 -16.51 -23.37
CA LYS B 521 -21.97 -17.07 -24.09
C LYS B 521 -22.74 -18.10 -23.26
N LEU B 522 -22.19 -18.52 -22.12
CA LEU B 522 -22.90 -19.44 -21.24
C LEU B 522 -24.20 -18.83 -20.72
N PHE B 523 -24.33 -17.50 -20.78
CA PHE B 523 -25.54 -16.85 -20.29
C PHE B 523 -26.75 -17.21 -21.14
N LYS B 524 -26.53 -17.68 -22.36
CA LYS B 524 -27.65 -18.05 -23.24
C LYS B 524 -28.50 -19.17 -22.64
N PHE B 525 -27.88 -20.18 -22.05
CA PHE B 525 -28.58 -21.30 -21.46
C PHE B 525 -28.69 -21.20 -19.93
N ILE B 526 -28.69 -19.98 -19.39
CA ILE B 526 -28.72 -19.81 -17.94
C ILE B 526 -30.10 -19.50 -17.39
N ASN B 527 -31.12 -19.48 -18.25
CA ASN B 527 -32.49 -19.21 -17.81
C ASN B 527 -33.18 -20.51 -17.37
N PHE B 528 -32.63 -21.11 -16.31
CA PHE B 528 -33.19 -22.36 -15.80
C PHE B 528 -34.58 -22.17 -15.24
N ASN B 529 -34.79 -21.15 -14.42
CA ASN B 529 -36.04 -20.98 -13.70
C ASN B 529 -36.45 -19.51 -13.77
N ARG B 530 -37.47 -19.17 -12.99
CA ARG B 530 -38.01 -17.81 -13.04
C ARG B 530 -37.02 -16.79 -12.49
N THR B 531 -36.18 -17.18 -11.52
CA THR B 531 -35.24 -16.23 -10.93
C THR B 531 -34.18 -15.79 -11.95
N MET B 532 -33.62 -16.75 -12.69
CA MET B 532 -32.59 -16.40 -13.67
C MET B 532 -33.18 -15.54 -14.78
N SER B 533 -34.38 -15.86 -15.25
CA SER B 533 -35.05 -15.02 -16.23
C SER B 533 -35.32 -13.63 -15.67
N GLN B 534 -35.72 -13.54 -14.41
CA GLN B 534 -35.91 -12.24 -13.76
C GLN B 534 -34.64 -11.41 -13.83
N LEU B 535 -33.51 -12.00 -13.42
CA LEU B 535 -32.25 -11.26 -13.40
C LEU B 535 -31.82 -10.88 -14.81
N SER B 536 -31.96 -11.79 -15.78
CA SER B 536 -31.58 -11.48 -17.15
C SER B 536 -32.44 -10.36 -17.73
N THR B 537 -33.74 -10.39 -17.48
CA THR B 537 -34.61 -9.32 -17.94
C THR B 537 -34.24 -8.00 -17.30
N THR B 538 -33.92 -8.01 -16.01
CA THR B 538 -33.50 -6.78 -15.34
C THR B 538 -32.24 -6.23 -15.98
N MET B 539 -31.25 -7.09 -16.25
CA MET B 539 -30.00 -6.62 -16.82
C MET B 539 -30.18 -6.11 -18.25
N SER B 540 -31.02 -6.76 -19.05
CA SER B 540 -31.22 -6.32 -20.42
C SER B 540 -32.02 -5.02 -20.47
N ARG B 541 -33.06 -4.92 -19.65
CA ARG B 541 -33.90 -3.72 -19.62
C ARG B 541 -33.16 -2.51 -19.05
N CYS B 542 -32.06 -2.74 -18.34
CA CYS B 542 -31.32 -1.65 -17.70
C CYS B 542 -30.24 -1.07 -18.61
N ALA B 543 -29.97 -1.71 -19.74
CA ALA B 543 -28.80 -1.33 -20.54
C ALA B 543 -28.98 0.05 -21.20
N LYS B 544 -30.21 0.41 -21.57
CA LYS B 544 -30.41 1.67 -22.28
C LYS B 544 -30.02 2.86 -21.41
N ASP B 545 -30.45 2.87 -20.15
CA ASP B 545 -30.14 3.99 -19.26
C ASP B 545 -28.70 3.91 -18.76
N LEU B 546 -28.18 2.70 -18.55
CA LEU B 546 -26.81 2.55 -18.09
C LEU B 546 -25.83 3.16 -19.08
N PHE B 547 -26.06 2.94 -20.38
CA PHE B 547 -25.18 3.51 -21.39
C PHE B 547 -25.23 5.03 -21.40
N GLY B 548 -26.44 5.60 -21.28
CA GLY B 548 -26.56 7.04 -21.25
C GLY B 548 -25.84 7.65 -20.06
N PHE B 549 -26.04 7.09 -18.87
CA PHE B 549 -25.33 7.63 -17.73
C PHE B 549 -23.84 7.29 -17.79
N ALA B 550 -23.44 6.25 -18.51
CA ALA B 550 -22.02 6.01 -18.70
C ALA B 550 -21.39 7.14 -19.50
N ILE B 551 -22.07 7.56 -20.57
CA ILE B 551 -21.60 8.73 -21.33
C ILE B 551 -21.52 9.94 -20.40
N MET B 552 -22.59 10.18 -19.65
CA MET B 552 -22.65 11.34 -18.77
C MET B 552 -21.51 11.32 -17.74
N PHE B 553 -21.28 10.17 -17.11
CA PHE B 553 -20.26 10.03 -16.09
C PHE B 553 -18.87 10.17 -16.67
N PHE B 554 -18.63 9.59 -17.85
CA PHE B 554 -17.30 9.63 -18.42
C PHE B 554 -16.96 10.98 -19.03
N ILE B 555 -17.96 11.82 -19.35
CA ILE B 555 -17.62 13.19 -19.71
C ILE B 555 -16.90 13.89 -18.56
N ILE B 556 -17.46 13.79 -17.35
CA ILE B 556 -16.82 14.41 -16.18
C ILE B 556 -15.53 13.68 -15.84
N PHE B 557 -15.51 12.36 -16.01
CA PHE B 557 -14.29 11.60 -15.75
C PHE B 557 -13.14 12.09 -16.63
N LEU B 558 -13.41 12.30 -17.93
CA LEU B 558 -12.38 12.78 -18.84
C LEU B 558 -12.01 14.23 -18.58
N ALA B 559 -12.98 15.06 -18.17
CA ALA B 559 -12.64 16.42 -17.79
C ALA B 559 -11.66 16.43 -16.62
N TYR B 560 -11.94 15.61 -15.60
CA TYR B 560 -11.03 15.50 -14.46
C TYR B 560 -9.67 14.97 -14.88
N ALA B 561 -9.66 13.97 -15.78
CA ALA B 561 -8.39 13.41 -16.24
C ALA B 561 -7.57 14.46 -16.99
N GLN B 562 -8.22 15.27 -17.82
CA GLN B 562 -7.50 16.32 -18.53
C GLN B 562 -6.96 17.37 -17.58
N LEU B 563 -7.74 17.76 -16.58
CA LEU B 563 -7.23 18.71 -15.59
C LEU B 563 -6.04 18.13 -14.84
N ALA B 564 -6.11 16.86 -14.47
CA ALA B 564 -5.01 16.21 -13.77
C ALA B 564 -3.77 16.16 -14.65
N TYR B 565 -3.93 15.86 -15.94
CA TYR B 565 -2.80 15.84 -16.83
C TYR B 565 -2.16 17.22 -16.95
N LEU B 566 -2.98 18.26 -17.04
CA LEU B 566 -2.43 19.60 -17.20
C LEU B 566 -1.80 20.11 -15.91
N VAL B 567 -2.22 19.61 -14.75
CA VAL B 567 -1.70 20.12 -13.49
C VAL B 567 -0.49 19.31 -13.03
N PHE B 568 -0.65 18.00 -12.86
CA PHE B 568 0.42 17.13 -12.39
C PHE B 568 1.20 16.44 -13.49
N GLY B 569 0.97 16.81 -14.75
CA GLY B 569 1.55 16.07 -15.86
C GLY B 569 3.07 15.99 -15.84
N THR B 570 3.74 17.09 -15.50
CA THR B 570 5.19 17.16 -15.58
C THR B 570 5.89 16.77 -14.29
N GLN B 571 5.15 16.49 -13.22
CA GLN B 571 5.74 16.22 -11.92
C GLN B 571 5.50 14.82 -11.42
N VAL B 572 4.29 14.28 -11.56
CA VAL B 572 3.89 13.01 -10.98
C VAL B 572 3.92 11.95 -12.07
N ASP B 573 4.49 10.79 -11.74
CA ASP B 573 4.58 9.70 -12.71
C ASP B 573 3.19 9.17 -13.08
N ASP B 574 2.29 9.11 -12.10
CA ASP B 574 0.96 8.56 -12.36
C ASP B 574 0.16 9.39 -13.36
N PHE B 575 0.56 10.65 -13.59
CA PHE B 575 -0.13 11.52 -14.54
C PHE B 575 0.76 11.93 -15.70
N SER B 576 1.81 11.17 -15.99
CA SER B 576 2.78 11.57 -17.00
C SER B 576 2.23 11.53 -18.42
N THR B 577 1.18 10.75 -18.69
CA THR B 577 0.59 10.66 -20.01
C THR B 577 -0.92 10.73 -19.88
N SER B 578 -1.57 11.21 -20.95
CA SER B 578 -3.02 11.38 -20.92
C SER B 578 -3.76 10.06 -20.70
N GLN B 579 -3.20 8.94 -21.15
CA GLN B 579 -3.85 7.66 -20.92
C GLN B 579 -3.64 7.19 -19.48
N GLU B 580 -2.48 7.48 -18.92
CA GLU B 580 -2.18 7.03 -17.56
C GLU B 580 -3.06 7.75 -16.53
N CYS B 581 -3.53 8.96 -16.86
CA CYS B 581 -4.41 9.66 -15.94
C CYS B 581 -5.72 8.91 -15.73
N ILE B 582 -6.26 8.29 -16.79
CA ILE B 582 -7.49 7.53 -16.67
C ILE B 582 -7.30 6.35 -15.72
N PHE B 583 -6.21 5.61 -15.90
CA PHE B 583 -5.95 4.47 -15.04
C PHE B 583 -5.72 4.91 -13.61
N THR B 584 -5.00 6.02 -13.41
CA THR B 584 -4.78 6.54 -12.07
C THR B 584 -6.08 6.93 -11.41
N GLN B 585 -7.01 7.52 -12.17
CA GLN B 585 -8.29 7.89 -11.60
C GLN B 585 -9.14 6.68 -11.25
N PHE B 586 -9.11 5.64 -12.09
CA PHE B 586 -9.77 4.38 -11.72
C PHE B 586 -9.20 3.83 -10.42
N ARG B 587 -7.86 3.82 -10.30
CA ARG B 587 -7.23 3.32 -9.08
C ARG B 587 -7.62 4.17 -7.88
N ILE B 588 -7.67 5.49 -8.05
CA ILE B 588 -8.06 6.37 -6.95
C ILE B 588 -9.48 6.07 -6.51
N ILE B 589 -10.38 5.86 -7.47
CA ILE B 589 -11.75 5.49 -7.12
C ILE B 589 -11.75 4.20 -6.32
N LEU B 590 -10.97 3.21 -6.74
CA LEU B 590 -10.93 1.95 -6.00
C LEU B 590 -10.40 2.12 -4.58
N GLY B 591 -9.34 2.93 -4.40
CA GLY B 591 -8.75 3.12 -3.09
C GLY B 591 -7.24 3.10 -3.10
N ASP B 592 -6.64 2.85 -4.26
CA ASP B 592 -5.19 2.84 -4.42
C ASP B 592 -4.74 4.26 -4.77
N ILE B 593 -4.28 4.99 -3.76
CA ILE B 593 -3.99 6.41 -3.88
C ILE B 593 -2.52 6.64 -3.54
N ASN B 594 -1.98 7.75 -4.04
CA ASN B 594 -0.62 8.19 -3.74
C ASN B 594 -0.65 9.68 -3.43
N PHE B 595 -1.54 10.06 -2.51
CA PHE B 595 -1.85 11.47 -2.27
C PHE B 595 -0.62 12.29 -1.92
N ALA B 596 0.42 11.66 -1.36
CA ALA B 596 1.60 12.43 -0.98
C ALA B 596 2.24 13.11 -2.18
N GLU B 597 2.40 12.38 -3.28
CA GLU B 597 2.98 12.97 -4.49
C GLU B 597 2.09 14.05 -5.08
N ILE B 598 0.77 13.82 -5.08
CA ILE B 598 -0.15 14.81 -5.61
C ILE B 598 -0.05 16.11 -4.82
N GLU B 599 -0.03 16.01 -3.49
CA GLU B 599 0.08 17.21 -2.67
C GLU B 599 1.44 17.88 -2.83
N GLU B 600 2.50 17.09 -2.98
CA GLU B 600 3.83 17.67 -3.19
C GLU B 600 3.89 18.45 -4.50
N ALA B 601 3.31 17.89 -5.56
CA ALA B 601 3.40 18.54 -6.87
C ALA B 601 2.70 19.90 -6.86
N ASN B 602 1.51 19.97 -6.28
CA ASN B 602 0.77 21.23 -6.19
C ASN B 602 0.08 21.26 -4.84
N ARG B 603 0.44 22.24 -4.01
CA ARG B 603 -0.06 22.25 -2.63
C ARG B 603 -1.44 22.90 -2.52
N VAL B 604 -1.93 23.54 -3.58
CA VAL B 604 -3.24 24.18 -3.55
C VAL B 604 -4.20 23.39 -4.42
N LEU B 605 -3.84 23.21 -5.70
CA LEU B 605 -4.71 22.50 -6.63
C LEU B 605 -4.70 21.00 -6.43
N GLY B 606 -3.65 20.43 -5.86
CA GLY B 606 -3.60 19.01 -5.63
C GLY B 606 -4.69 18.55 -4.68
N PRO B 607 -4.70 19.12 -3.48
CA PRO B 607 -5.78 18.78 -2.53
C PRO B 607 -7.17 19.09 -3.05
N ILE B 608 -7.35 20.21 -3.75
CA ILE B 608 -8.67 20.55 -4.28
C ILE B 608 -9.12 19.51 -5.29
N TYR B 609 -8.23 19.17 -6.23
CA TYR B 609 -8.55 18.14 -7.22
C TYR B 609 -8.91 16.83 -6.54
N PHE B 610 -8.08 16.39 -5.60
CA PHE B 610 -8.34 15.10 -4.95
C PHE B 610 -9.68 15.11 -4.22
N THR B 611 -9.93 16.15 -3.41
CA THR B 611 -11.14 16.18 -2.60
C THR B 611 -12.38 16.28 -3.48
N THR B 612 -12.37 17.17 -4.46
CA THR B 612 -13.54 17.32 -5.32
C THR B 612 -13.79 16.07 -6.16
N PHE B 613 -12.73 15.46 -6.68
CA PHE B 613 -12.89 14.20 -7.42
C PHE B 613 -13.51 13.14 -6.54
N VAL B 614 -12.94 12.92 -5.35
CA VAL B 614 -13.46 11.89 -4.47
C VAL B 614 -14.93 12.14 -4.15
N PHE B 615 -15.24 13.37 -3.72
CA PHE B 615 -16.63 13.68 -3.39
C PHE B 615 -17.55 13.43 -4.59
N PHE B 616 -17.35 14.19 -5.67
CA PHE B 616 -18.34 14.20 -6.74
C PHE B 616 -18.39 12.89 -7.50
N MET B 617 -17.37 12.03 -7.35
CA MET B 617 -17.40 10.76 -8.07
C MET B 617 -17.83 9.61 -7.16
N PHE B 618 -17.12 9.39 -6.06
CA PHE B 618 -17.47 8.29 -5.17
C PHE B 618 -18.79 8.54 -4.44
N PHE B 619 -18.96 9.73 -3.86
CA PHE B 619 -20.10 9.97 -2.98
C PHE B 619 -21.40 10.17 -3.73
N ILE B 620 -21.36 10.72 -4.94
CA ILE B 620 -22.58 11.17 -5.61
C ILE B 620 -22.78 10.46 -6.95
N LEU B 621 -21.84 10.66 -7.88
CA LEU B 621 -22.07 10.22 -9.25
C LEU B 621 -22.10 8.71 -9.38
N LEU B 622 -21.31 7.99 -8.59
CA LEU B 622 -21.28 6.54 -8.69
C LEU B 622 -22.59 5.91 -8.25
N ASN B 623 -23.42 6.64 -7.51
CA ASN B 623 -24.67 6.09 -7.01
C ASN B 623 -25.80 6.16 -8.02
N MET B 624 -25.63 6.91 -9.11
CA MET B 624 -26.67 6.94 -10.14
C MET B 624 -26.77 5.60 -10.86
N PHE B 625 -25.63 4.95 -11.13
CA PHE B 625 -25.67 3.60 -11.67
C PHE B 625 -26.54 2.69 -10.80
N LEU B 626 -26.32 2.72 -9.50
CA LEU B 626 -27.03 1.84 -8.60
C LEU B 626 -28.50 2.23 -8.49
N ALA B 627 -28.80 3.53 -8.52
CA ALA B 627 -30.20 3.96 -8.52
C ALA B 627 -30.92 3.43 -9.75
N ILE B 628 -30.29 3.53 -10.92
CA ILE B 628 -30.89 3.01 -12.14
C ILE B 628 -31.12 1.52 -12.03
N ILE B 629 -30.10 0.78 -11.55
CA ILE B 629 -30.22 -0.67 -11.46
C ILE B 629 -31.35 -1.05 -10.48
N ASN B 630 -31.41 -0.35 -9.34
CA ASN B 630 -32.41 -0.66 -8.34
C ASN B 630 -33.81 -0.42 -8.87
N ASP B 631 -34.03 0.74 -9.50
CA ASP B 631 -35.35 1.04 -10.04
C ASP B 631 -35.74 0.03 -11.12
N THR B 632 -34.81 -0.31 -12.01
CA THR B 632 -35.11 -1.28 -13.06
C THR B 632 -35.46 -2.64 -12.47
N TYR B 633 -34.69 -3.09 -11.48
CA TYR B 633 -34.97 -4.39 -10.86
C TYR B 633 -36.33 -4.40 -10.21
N SER B 634 -36.67 -3.34 -9.47
CA SER B 634 -37.97 -3.29 -8.84
C SER B 634 -39.10 -3.29 -9.86
N GLU B 635 -38.94 -2.52 -10.94
CA GLU B 635 -39.98 -2.48 -11.97
C GLU B 635 -40.15 -3.84 -12.63
N VAL B 636 -39.03 -4.51 -12.93
CA VAL B 636 -39.10 -5.81 -13.58
C VAL B 636 -39.76 -6.83 -12.67
N LYS B 637 -39.39 -6.84 -11.39
CA LYS B 637 -40.00 -7.75 -10.44
C LYS B 637 -41.48 -7.51 -10.27
N SER B 638 -41.91 -6.25 -10.19
CA SER B 638 -43.33 -5.95 -10.13
C SER B 638 -44.07 -6.39 -11.38
N ASP B 639 -43.49 -6.15 -12.57
CA ASP B 639 -44.17 -6.50 -13.81
C ASP B 639 -44.29 -8.01 -13.97
N LEU B 640 -43.20 -8.75 -13.80
CA LEU B 640 -43.20 -10.18 -14.10
C LEU B 640 -43.91 -11.00 -13.04
N ALA B 641 -44.33 -10.39 -11.92
CA ALA B 641 -45.12 -11.12 -10.94
C ALA B 641 -46.48 -11.52 -11.47
N GLN B 642 -46.95 -10.88 -12.54
CA GLN B 642 -48.25 -11.18 -13.12
C GLN B 642 -48.33 -12.65 -13.54
N GLU C 163 -47.00 -20.18 26.72
CA GLU C 163 -45.95 -19.88 27.71
C GLU C 163 -44.90 -20.98 27.73
N LYS C 164 -45.32 -22.21 27.43
CA LYS C 164 -44.38 -23.33 27.40
C LYS C 164 -43.33 -23.13 26.32
N TYR C 165 -43.73 -22.62 25.16
CA TYR C 165 -42.78 -22.40 24.07
C TYR C 165 -41.69 -21.41 24.50
N LEU C 166 -42.07 -20.30 25.12
CA LEU C 166 -41.09 -19.30 25.53
C LEU C 166 -40.15 -19.87 26.59
N LYS C 167 -40.68 -20.62 27.55
CA LYS C 167 -39.83 -21.19 28.59
C LYS C 167 -38.86 -22.22 28.02
N SER C 168 -39.34 -23.06 27.10
CA SER C 168 -38.45 -24.03 26.46
C SER C 168 -37.36 -23.33 25.66
N VAL C 169 -37.72 -22.26 24.94
CA VAL C 169 -36.72 -21.52 24.18
C VAL C 169 -35.71 -20.88 25.12
N LEU C 170 -36.17 -20.36 26.26
CA LEU C 170 -35.25 -19.77 27.23
C LEU C 170 -34.30 -20.82 27.80
N ARG C 171 -34.82 -22.01 28.11
CA ARG C 171 -33.96 -23.09 28.60
C ARG C 171 -32.92 -23.47 27.55
N GLU C 172 -33.34 -23.60 26.29
CA GLU C 172 -32.39 -23.91 25.23
C GLU C 172 -31.35 -22.82 25.09
N LEU C 173 -31.78 -21.56 25.19
CA LEU C 173 -30.85 -20.44 25.07
C LEU C 173 -29.82 -20.47 26.20
N VAL C 174 -30.27 -20.75 27.43
CA VAL C 174 -29.34 -20.80 28.55
C VAL C 174 -28.35 -21.94 28.37
N THR C 175 -28.84 -23.12 27.97
CA THR C 175 -27.93 -24.24 27.75
C THR C 175 -26.92 -23.94 26.66
N TYR C 176 -27.37 -23.33 25.56
CA TYR C 176 -26.45 -23.03 24.47
C TYR C 176 -25.47 -21.93 24.87
N LEU C 177 -25.90 -20.99 25.70
CA LEU C 177 -24.97 -19.97 26.19
C LEU C 177 -23.90 -20.60 27.07
N LEU C 178 -24.27 -21.55 27.92
CA LEU C 178 -23.28 -22.27 28.70
C LEU C 178 -22.31 -23.02 27.80
N PHE C 179 -22.85 -23.69 26.78
CA PHE C 179 -22.01 -24.44 25.84
C PHE C 179 -21.03 -23.51 25.12
N LEU C 180 -21.54 -22.36 24.66
CA LEU C 180 -20.69 -21.39 23.97
C LEU C 180 -19.62 -20.85 24.89
N ILE C 181 -19.97 -20.56 26.14
CA ILE C 181 -18.99 -20.06 27.09
C ILE C 181 -17.89 -21.09 27.30
N VAL C 182 -18.28 -22.36 27.47
CA VAL C 182 -17.28 -23.42 27.66
C VAL C 182 -16.37 -23.52 26.44
N LEU C 183 -16.95 -23.51 25.24
CA LEU C 183 -16.15 -23.64 24.03
C LEU C 183 -15.20 -22.47 23.87
N CYS C 184 -15.68 -21.25 24.12
CA CYS C 184 -14.82 -20.08 24.02
C CYS C 184 -13.70 -20.14 25.06
N ILE C 185 -14.01 -20.59 26.27
CA ILE C 185 -12.97 -20.73 27.30
C ILE C 185 -11.90 -21.70 26.82
N LEU C 186 -12.32 -22.84 26.27
CA LEU C 186 -11.35 -23.81 25.77
C LEU C 186 -10.48 -23.21 24.68
N THR C 187 -11.12 -22.58 23.68
CA THR C 187 -10.37 -22.14 22.50
C THR C 187 -9.49 -20.93 22.80
N TYR C 188 -9.80 -20.16 23.84
CA TYR C 188 -8.90 -19.08 24.22
C TYR C 188 -7.85 -19.54 25.21
N GLY C 189 -8.13 -20.60 25.98
CA GLY C 189 -7.10 -21.21 26.80
C GLY C 189 -6.03 -21.88 25.97
N MET C 190 -6.40 -22.44 24.82
CA MET C 190 -5.42 -23.01 23.91
C MET C 190 -4.70 -21.95 23.07
N MET C 191 -4.83 -20.68 23.42
CA MET C 191 -4.15 -19.59 22.74
C MET C 191 -3.55 -18.64 23.76
N SER C 192 -2.48 -17.95 23.36
CA SER C 192 -1.83 -16.98 24.23
C SER C 192 -0.98 -16.04 23.38
N SER C 193 -0.69 -14.86 23.93
CA SER C 193 0.17 -13.92 23.23
C SER C 193 1.63 -14.38 23.23
N ASN C 194 2.02 -15.19 24.23
CA ASN C 194 3.38 -15.68 24.28
C ASN C 194 3.74 -16.48 23.04
N VAL C 195 2.75 -17.11 22.41
CA VAL C 195 3.05 -18.03 21.31
C VAL C 195 3.43 -17.27 20.04
N TYR C 196 2.78 -16.13 19.77
CA TYR C 196 3.09 -15.40 18.54
C TYR C 196 4.54 -14.94 18.52
N TYR C 197 5.01 -14.39 19.63
CA TYR C 197 6.37 -13.86 19.66
C TYR C 197 7.40 -14.98 19.67
N TYR C 198 7.04 -16.16 20.19
CA TYR C 198 7.90 -17.32 20.05
C TYR C 198 8.26 -17.56 18.59
N THR C 199 7.25 -17.77 17.75
CA THR C 199 7.49 -18.02 16.33
C THR C 199 8.08 -16.80 15.65
N ARG C 200 7.70 -15.60 16.09
CA ARG C 200 8.26 -14.40 15.49
C ARG C 200 9.78 -14.33 15.67
N MET C 201 10.24 -14.56 16.91
CA MET C 201 11.68 -14.56 17.15
C MET C 201 12.37 -15.70 16.40
N MET C 202 11.77 -16.89 16.39
CA MET C 202 12.40 -18.00 15.68
C MET C 202 12.55 -17.68 14.19
N SER C 203 11.49 -17.16 13.57
CA SER C 203 11.53 -16.86 12.15
C SER C 203 12.45 -15.70 11.85
N GLN C 204 12.52 -14.70 12.72
CA GLN C 204 13.48 -13.61 12.52
C GLN C 204 14.90 -14.12 12.60
N LEU C 205 15.17 -15.03 13.55
CA LEU C 205 16.51 -15.56 13.71
C LEU C 205 16.93 -16.36 12.48
N PHE C 206 16.02 -17.18 11.95
CA PHE C 206 16.45 -18.13 10.92
C PHE C 206 16.27 -17.59 9.50
N LEU C 207 15.17 -16.88 9.24
CA LEU C 207 14.86 -16.43 7.88
C LEU C 207 15.39 -15.03 7.59
N ASP C 208 15.38 -14.13 8.57
CA ASP C 208 15.67 -12.73 8.32
C ASP C 208 17.15 -12.38 8.43
N THR C 209 17.94 -13.14 9.19
CA THR C 209 19.34 -12.81 9.34
C THR C 209 20.08 -13.02 8.03
N PRO C 210 21.02 -12.14 7.68
CA PRO C 210 21.78 -12.34 6.44
C PRO C 210 22.54 -13.65 6.45
N VAL C 211 22.69 -14.24 5.27
CA VAL C 211 23.37 -15.52 5.15
C VAL C 211 24.79 -15.42 5.67
N SER C 212 25.43 -14.26 5.52
CA SER C 212 26.76 -14.03 6.04
C SER C 212 26.96 -12.53 6.23
N LYS C 213 28.04 -12.17 6.90
CA LYS C 213 28.31 -10.77 7.18
C LYS C 213 28.43 -9.94 5.91
N THR C 214 29.14 -10.44 4.90
CA THR C 214 29.30 -9.73 3.64
C THR C 214 28.05 -9.80 2.77
N GLU C 215 27.37 -10.94 2.77
CA GLU C 215 26.23 -11.15 1.89
C GLU C 215 25.02 -10.35 2.37
N LYS C 216 24.11 -10.08 1.44
CA LYS C 216 22.86 -9.40 1.73
C LYS C 216 21.67 -10.35 1.67
N THR C 217 21.74 -11.41 0.88
CA THR C 217 20.64 -12.34 0.75
C THR C 217 20.50 -13.20 2.01
N ASN C 218 19.26 -13.39 2.43
CA ASN C 218 18.90 -14.26 3.54
C ASN C 218 18.15 -15.47 3.00
N PHE C 219 17.64 -16.30 3.91
CA PHE C 219 16.90 -17.47 3.48
C PHE C 219 15.67 -17.09 2.68
N LYS C 220 15.00 -16.00 3.06
CA LYS C 220 13.81 -15.57 2.33
C LYS C 220 14.11 -15.22 0.88
N THR C 221 15.37 -14.86 0.56
CA THR C 221 15.72 -14.39 -0.77
C THR C 221 16.84 -15.23 -1.38
N LEU C 222 16.83 -16.54 -1.15
CA LEU C 222 17.76 -17.41 -1.84
C LEU C 222 17.46 -17.42 -3.33
N SER C 223 18.52 -17.59 -4.14
CA SER C 223 18.38 -17.56 -5.59
C SER C 223 19.11 -18.70 -6.30
N SER C 224 19.97 -19.45 -5.63
CA SER C 224 20.73 -20.49 -6.31
C SER C 224 21.27 -21.47 -5.28
N MET C 225 21.91 -22.53 -5.79
CA MET C 225 22.50 -23.52 -4.91
C MET C 225 23.62 -22.93 -4.06
N GLU C 226 24.36 -21.95 -4.60
CA GLU C 226 25.43 -21.33 -3.84
C GLU C 226 24.86 -20.61 -2.61
N ASP C 227 23.76 -19.89 -2.76
CA ASP C 227 23.14 -19.23 -1.62
C ASP C 227 22.67 -20.26 -0.60
N PHE C 228 22.12 -21.38 -1.06
CA PHE C 228 21.67 -22.42 -0.13
C PHE C 228 22.85 -23.00 0.65
N TRP C 229 23.97 -23.25 -0.02
CA TRP C 229 25.14 -23.76 0.68
C TRP C 229 25.67 -22.74 1.68
N LYS C 230 25.69 -21.47 1.29
CA LYS C 230 26.14 -20.43 2.21
C LYS C 230 25.25 -20.34 3.43
N PHE C 231 23.93 -20.47 3.24
CA PHE C 231 23.00 -20.49 4.36
C PHE C 231 23.26 -21.69 5.27
N THR C 232 23.40 -22.87 4.67
CA THR C 232 23.60 -24.08 5.46
C THR C 232 24.88 -24.02 6.28
N GLU C 233 25.96 -23.49 5.69
CA GLU C 233 27.21 -23.34 6.41
C GLU C 233 27.28 -22.05 7.21
N GLY C 234 26.33 -21.14 7.03
CA GLY C 234 26.38 -19.83 7.66
C GLY C 234 25.30 -19.59 8.69
N SER C 235 24.24 -18.88 8.28
CA SER C 235 23.22 -18.43 9.22
C SER C 235 22.57 -19.60 9.97
N LEU C 236 22.41 -20.74 9.29
CA LEU C 236 21.75 -21.88 9.94
C LEU C 236 22.53 -22.34 11.15
N LEU C 237 23.85 -22.49 11.01
CA LEU C 237 24.66 -22.92 12.14
C LEU C 237 24.74 -21.84 13.22
N ASP C 238 24.71 -20.57 12.81
CA ASP C 238 24.70 -19.49 13.80
C ASP C 238 23.45 -19.53 14.65
N GLY C 239 22.29 -19.76 14.04
CA GLY C 239 21.04 -19.81 14.78
C GLY C 239 20.83 -21.08 15.55
N LEU C 240 21.37 -22.20 15.06
CA LEU C 240 21.11 -23.49 15.70
C LEU C 240 21.91 -23.63 16.99
N TYR C 241 23.17 -23.23 16.98
CA TYR C 241 24.10 -23.54 18.07
C TYR C 241 24.47 -22.27 18.82
N TRP C 242 24.22 -22.27 20.13
CA TRP C 242 24.50 -21.14 20.99
C TRP C 242 25.38 -21.59 22.14
N LYS C 243 26.45 -20.85 22.38
CA LYS C 243 27.42 -21.20 23.42
C LYS C 243 27.16 -20.39 24.69
N ASN C 254 27.56 -28.42 25.06
CA ASN C 254 26.97 -29.69 24.63
C ASN C 254 25.47 -29.51 24.35
N ARG C 255 24.85 -28.59 25.09
CA ARG C 255 23.45 -28.25 24.90
C ARG C 255 23.32 -26.83 24.38
N SER C 256 22.42 -26.63 23.42
CA SER C 256 22.24 -25.35 22.77
C SER C 256 20.87 -24.79 23.12
N PHE C 257 20.84 -23.56 23.61
CA PHE C 257 19.60 -22.83 23.88
C PHE C 257 19.54 -21.70 22.86
N ILE C 258 18.48 -21.67 22.05
CA ILE C 258 18.52 -20.99 20.76
C ILE C 258 18.42 -19.48 20.92
N PHE C 259 17.89 -19.00 22.05
CA PHE C 259 18.19 -17.62 22.41
C PHE C 259 18.92 -17.59 23.74
N TYR C 260 18.22 -17.95 24.81
CA TYR C 260 18.82 -18.51 26.01
C TYR C 260 17.87 -19.48 26.69
N GLU C 261 16.75 -19.81 26.05
CA GLU C 261 15.65 -20.54 26.68
C GLU C 261 15.21 -21.77 25.91
N ASN C 262 15.34 -21.79 24.58
CA ASN C 262 14.77 -22.82 23.73
C ASN C 262 15.82 -23.91 23.52
N LEU C 263 15.75 -24.96 24.32
CA LEU C 263 16.66 -26.09 24.17
C LEU C 263 16.49 -26.72 22.79
N LEU C 264 17.60 -27.04 22.14
CA LEU C 264 17.57 -27.72 20.86
C LEU C 264 17.44 -29.21 21.08
N LEU C 265 16.34 -29.80 20.63
CA LEU C 265 16.03 -31.19 20.91
C LEU C 265 16.73 -32.09 19.90
N GLY C 266 17.62 -32.94 20.39
CA GLY C 266 18.28 -33.90 19.51
C GLY C 266 19.16 -33.23 18.50
N VAL C 267 19.09 -33.71 17.25
CA VAL C 267 19.92 -33.20 16.16
C VAL C 267 19.02 -32.79 15.00
N PRO C 268 19.44 -31.86 14.14
CA PRO C 268 18.67 -31.59 12.93
C PRO C 268 18.87 -32.68 11.90
N ARG C 269 18.06 -32.61 10.83
CA ARG C 269 18.12 -33.57 9.74
C ARG C 269 18.00 -32.83 8.41
N ILE C 270 18.76 -33.26 7.42
CA ILE C 270 18.72 -32.71 6.07
C ILE C 270 18.40 -33.84 5.10
N ARG C 271 17.45 -33.59 4.21
CA ARG C 271 16.94 -34.61 3.30
C ARG C 271 16.65 -34.00 1.93
N GLN C 272 17.10 -34.68 0.88
CA GLN C 272 16.92 -34.22 -0.48
C GLN C 272 16.14 -35.25 -1.29
N LEU C 273 15.31 -34.75 -2.21
CA LEU C 273 14.63 -35.57 -3.19
C LEU C 273 15.30 -35.40 -4.55
N ARG C 274 15.26 -36.45 -5.36
CA ARG C 274 16.12 -36.53 -6.53
C ARG C 274 15.32 -37.06 -7.71
N VAL C 275 15.82 -36.78 -8.92
CA VAL C 275 15.19 -37.19 -10.16
C VAL C 275 16.24 -37.86 -11.04
N ARG C 276 15.78 -38.77 -11.89
CA ARG C 276 16.70 -39.53 -12.74
C ARG C 276 17.10 -38.73 -13.96
N ASN C 277 18.34 -38.93 -14.41
CA ASN C 277 18.76 -38.42 -15.70
C ASN C 277 18.09 -39.21 -16.81
N GLY C 278 17.47 -38.50 -17.75
CA GLY C 278 16.74 -39.15 -18.81
C GLY C 278 15.27 -39.37 -18.52
N SER C 279 14.74 -38.79 -17.44
CA SER C 279 13.32 -38.90 -17.17
C SER C 279 12.48 -38.10 -18.15
N CYS C 280 13.10 -37.25 -18.96
CA CYS C 280 12.45 -36.59 -20.08
C CYS C 280 13.18 -36.95 -21.37
N SER C 281 12.55 -36.60 -22.50
CA SER C 281 13.09 -36.89 -23.82
C SER C 281 13.44 -35.58 -24.51
N ILE C 282 14.69 -35.46 -24.94
CA ILE C 282 15.12 -34.28 -25.68
C ILE C 282 14.61 -34.35 -27.12
N PRO C 283 14.20 -33.24 -27.73
CA PRO C 283 13.82 -33.29 -29.15
C PRO C 283 14.98 -33.78 -30.01
N GLN C 284 14.64 -34.52 -31.06
CA GLN C 284 15.67 -35.06 -31.94
C GLN C 284 16.49 -33.95 -32.58
N ASP C 285 15.93 -32.75 -32.70
CA ASP C 285 16.65 -31.63 -33.29
C ASP C 285 17.89 -31.25 -32.48
N LEU C 286 17.79 -31.26 -31.15
CA LEU C 286 18.84 -30.76 -30.28
C LEU C 286 19.62 -31.86 -29.57
N ARG C 287 19.48 -33.13 -29.98
CA ARG C 287 20.17 -34.20 -29.28
C ARG C 287 21.68 -34.16 -29.48
N ASP C 288 22.17 -33.37 -30.43
CA ASP C 288 23.61 -33.27 -30.65
C ASP C 288 24.29 -32.27 -29.73
N GLU C 289 23.52 -31.41 -29.06
CA GLU C 289 24.07 -30.38 -28.19
C GLU C 289 23.69 -30.57 -26.73
N ILE C 290 22.61 -31.30 -26.45
CA ILE C 290 22.15 -31.56 -25.09
C ILE C 290 22.02 -33.06 -24.94
N LYS C 291 22.61 -33.59 -23.87
CA LYS C 291 22.64 -35.03 -23.62
C LYS C 291 21.78 -35.43 -22.42
N GLU C 292 21.78 -34.65 -21.36
CA GLU C 292 21.07 -34.98 -20.13
C GLU C 292 19.94 -34.00 -19.88
N CYS C 293 18.77 -34.54 -19.53
CA CYS C 293 17.62 -33.73 -19.18
C CYS C 293 16.91 -34.36 -17.98
N TYR C 294 16.52 -33.52 -17.02
CA TYR C 294 15.87 -33.96 -15.80
C TYR C 294 14.46 -33.37 -15.76
N ASP C 295 13.46 -34.22 -15.63
CA ASP C 295 12.08 -33.78 -15.64
C ASP C 295 11.72 -33.13 -14.30
N VAL C 296 10.54 -32.51 -14.26
CA VAL C 296 10.04 -31.98 -13.01
C VAL C 296 9.79 -33.14 -12.05
N TYR C 297 9.80 -32.85 -10.76
CA TYR C 297 9.69 -33.91 -9.76
C TYR C 297 8.34 -34.62 -9.87
N SER C 298 8.39 -35.95 -9.83
CA SER C 298 7.19 -36.77 -9.74
C SER C 298 7.60 -38.14 -9.21
N VAL C 299 6.62 -38.90 -8.74
CA VAL C 299 6.90 -40.23 -8.21
C VAL C 299 7.43 -41.16 -9.30
N SER C 300 7.03 -40.93 -10.55
CA SER C 300 7.50 -41.76 -11.66
C SER C 300 8.95 -41.48 -12.04
N SER C 301 9.35 -40.21 -12.05
CA SER C 301 10.71 -39.84 -12.42
C SER C 301 11.65 -39.78 -11.23
N GLU C 302 11.19 -40.13 -10.03
CA GLU C 302 12.03 -40.06 -8.85
C GLU C 302 13.21 -41.02 -8.97
N ASP C 303 14.35 -40.61 -8.43
CA ASP C 303 15.58 -41.39 -8.46
C ASP C 303 15.72 -42.16 -7.15
N ARG C 304 16.14 -43.42 -7.26
CA ARG C 304 16.31 -44.29 -6.10
C ARG C 304 17.60 -45.10 -6.14
N ALA C 305 18.62 -44.60 -6.84
CA ALA C 305 19.89 -45.31 -6.94
C ALA C 305 20.98 -44.56 -6.18
N PRO C 306 22.00 -45.27 -5.68
CA PRO C 306 23.08 -44.59 -4.98
C PRO C 306 23.93 -43.75 -5.92
N PHE C 307 24.53 -42.71 -5.35
CA PHE C 307 25.43 -41.84 -6.10
C PHE C 307 26.54 -41.37 -5.18
N GLY C 308 27.43 -40.54 -5.70
CA GLY C 308 28.52 -40.00 -4.94
C GLY C 308 29.41 -41.09 -4.37
N PRO C 309 30.01 -40.85 -3.20
CA PRO C 309 30.85 -41.90 -2.58
C PRO C 309 30.08 -43.14 -2.16
N ARG C 310 28.77 -43.08 -2.04
CA ARG C 310 27.95 -44.20 -1.60
C ARG C 310 28.26 -44.60 -0.16
N ASN C 311 28.68 -43.64 0.67
CA ASN C 311 29.05 -43.90 2.05
C ASN C 311 27.99 -43.33 2.98
N GLY C 312 27.06 -44.20 3.39
CA GLY C 312 26.11 -43.81 4.40
C GLY C 312 24.73 -43.51 3.84
N THR C 313 23.89 -42.96 4.73
CA THR C 313 22.49 -42.71 4.40
C THR C 313 22.31 -41.50 3.50
N ALA C 314 23.32 -40.63 3.39
CA ALA C 314 23.20 -39.46 2.54
C ALA C 314 23.31 -39.79 1.07
N TRP C 315 23.86 -40.96 0.72
CA TRP C 315 24.08 -41.34 -0.67
C TRP C 315 23.29 -42.57 -1.07
N ILE C 316 22.33 -43.00 -0.26
CA ILE C 316 21.51 -44.16 -0.56
C ILE C 316 20.04 -43.80 -0.34
N TYR C 317 19.17 -44.29 -1.22
CA TYR C 317 17.76 -43.97 -1.13
C TYR C 317 17.10 -44.74 0.01
N THR C 318 16.35 -44.03 0.84
CA THR C 318 15.59 -44.62 1.93
C THR C 318 14.11 -44.34 1.71
N SER C 319 13.31 -45.40 1.74
CA SER C 319 11.90 -45.27 1.43
C SER C 319 11.18 -44.47 2.52
N GLU C 320 9.96 -44.06 2.19
CA GLU C 320 9.15 -43.31 3.16
C GLU C 320 8.82 -44.15 4.39
N LYS C 321 8.51 -45.43 4.19
CA LYS C 321 8.18 -46.29 5.33
C LYS C 321 9.35 -46.42 6.29
N ASP C 322 10.55 -46.67 5.75
CA ASP C 322 11.70 -46.86 6.62
C ASP C 322 12.19 -45.55 7.22
N LEU C 323 11.83 -44.42 6.61
CA LEU C 323 12.20 -43.11 7.12
C LEU C 323 11.14 -42.50 8.03
N ASN C 324 10.00 -43.17 8.20
CA ASN C 324 8.93 -42.68 9.07
C ASN C 324 8.47 -41.29 8.65
N GLY C 325 8.53 -41.01 7.34
CA GLY C 325 8.17 -39.72 6.81
C GLY C 325 6.74 -39.66 6.30
N SER C 326 6.40 -38.51 5.74
CA SER C 326 5.08 -38.28 5.18
C SER C 326 5.19 -37.23 4.09
N SER C 327 4.15 -37.14 3.26
CA SER C 327 4.14 -36.21 2.15
C SER C 327 4.07 -34.77 2.63
N HIS C 328 4.62 -33.86 1.82
CA HIS C 328 4.58 -32.44 2.09
C HIS C 328 4.09 -31.71 0.84
N TRP C 329 3.12 -30.82 1.01
CA TRP C 329 2.56 -30.07 -0.10
C TRP C 329 3.38 -28.80 -0.29
N GLY C 330 4.29 -28.83 -1.27
CA GLY C 330 5.16 -27.71 -1.54
C GLY C 330 4.52 -26.71 -2.49
N ILE C 331 5.33 -25.71 -2.86
CA ILE C 331 4.82 -24.62 -3.70
C ILE C 331 4.55 -25.09 -5.11
N ILE C 332 5.47 -25.85 -5.71
CA ILE C 332 5.35 -26.26 -7.10
C ILE C 332 5.07 -27.74 -7.27
N ALA C 333 5.12 -28.53 -6.20
CA ALA C 333 4.86 -29.97 -6.31
C ALA C 333 4.60 -30.55 -4.93
N THR C 334 4.01 -31.73 -4.92
CA THR C 334 3.86 -32.49 -3.68
C THR C 334 4.95 -33.55 -3.60
N TYR C 335 5.61 -33.61 -2.45
CA TYR C 335 6.81 -34.39 -2.27
C TYR C 335 6.54 -35.55 -1.33
N SER C 336 7.22 -36.66 -1.56
CA SER C 336 7.09 -37.83 -0.70
C SER C 336 8.01 -37.67 0.52
N GLY C 337 7.89 -38.63 1.44
CA GLY C 337 8.71 -38.64 2.63
C GLY C 337 10.01 -39.40 2.50
N ALA C 338 10.34 -39.86 1.29
CA ALA C 338 11.57 -40.61 1.07
C ALA C 338 12.66 -39.68 0.55
N GLY C 339 13.86 -40.22 0.38
CA GLY C 339 14.96 -39.47 -0.19
C GLY C 339 16.26 -39.88 0.46
N TYR C 340 17.24 -39.00 0.31
CA TYR C 340 18.58 -39.19 0.86
C TYR C 340 18.77 -38.22 2.02
N TYR C 341 19.04 -38.77 3.21
CA TYR C 341 19.02 -37.97 4.42
C TYR C 341 20.31 -38.17 5.20
N LEU C 342 20.70 -37.14 5.95
CA LEU C 342 21.83 -37.19 6.86
C LEU C 342 21.40 -36.62 8.20
N ASP C 343 21.76 -37.31 9.28
CA ASP C 343 21.48 -36.81 10.63
C ASP C 343 22.67 -35.99 11.10
N LEU C 344 22.45 -34.69 11.31
CA LEU C 344 23.52 -33.80 11.74
C LEU C 344 23.87 -34.07 13.20
N SER C 345 24.79 -33.29 13.76
CA SER C 345 25.37 -33.55 15.07
C SER C 345 24.86 -32.55 16.10
N ARG C 346 25.26 -32.79 17.35
CA ARG C 346 24.84 -31.94 18.46
C ARG C 346 25.59 -30.62 18.52
N THR C 347 26.82 -30.56 18.01
CA THR C 347 27.68 -29.40 18.16
C THR C 347 27.95 -28.75 16.81
N ARG C 348 28.29 -27.47 16.85
CA ARG C 348 28.51 -26.71 15.62
C ARG C 348 29.67 -27.27 14.82
N GLU C 349 30.76 -27.66 15.50
CA GLU C 349 31.94 -28.12 14.79
C GLU C 349 31.68 -29.39 14.00
N GLU C 350 30.92 -30.33 14.57
CA GLU C 350 30.62 -31.57 13.86
C GLU C 350 29.66 -31.34 12.70
N THR C 351 28.64 -30.52 12.92
CA THR C 351 27.69 -30.23 11.85
C THR C 351 28.36 -29.52 10.69
N ALA C 352 29.25 -28.57 10.99
CA ALA C 352 29.97 -27.86 9.93
C ALA C 352 30.84 -28.83 9.13
N ALA C 353 31.50 -29.77 9.81
CA ALA C 353 32.31 -30.76 9.10
C ALA C 353 31.44 -31.63 8.21
N GLN C 354 30.28 -32.06 8.71
CA GLN C 354 29.39 -32.90 7.90
C GLN C 354 28.89 -32.14 6.67
N VAL C 355 28.51 -30.87 6.85
CA VAL C 355 28.01 -30.08 5.74
C VAL C 355 29.11 -29.83 4.72
N ALA C 356 30.33 -29.56 5.18
CA ALA C 356 31.45 -29.36 4.26
C ALA C 356 31.75 -30.63 3.49
N SER C 357 31.68 -31.79 4.17
CA SER C 357 31.88 -33.05 3.47
C SER C 357 30.81 -33.28 2.41
N LEU C 358 29.55 -32.96 2.73
CA LEU C 358 28.49 -33.07 1.73
C LEU C 358 28.75 -32.15 0.55
N LYS C 359 29.16 -30.91 0.81
CA LYS C 359 29.36 -29.95 -0.27
C LYS C 359 30.54 -30.35 -1.16
N LYS C 360 31.60 -30.87 -0.55
CA LYS C 360 32.78 -31.24 -1.33
C LYS C 360 32.45 -32.35 -2.32
N ASN C 361 31.65 -33.32 -1.91
CA ASN C 361 31.29 -34.45 -2.77
C ASN C 361 30.15 -34.12 -3.72
N VAL C 362 29.70 -32.87 -3.77
CA VAL C 362 28.65 -32.44 -4.69
C VAL C 362 27.36 -33.17 -4.35
N TRP C 363 26.84 -32.93 -3.14
CA TRP C 363 25.57 -33.54 -2.75
C TRP C 363 24.42 -33.05 -3.62
N LEU C 364 24.37 -31.75 -3.90
CA LEU C 364 23.33 -31.15 -4.72
C LEU C 364 23.86 -30.94 -6.12
N ASP C 365 23.14 -31.43 -7.12
CA ASP C 365 23.52 -31.29 -8.52
C ASP C 365 22.25 -31.23 -9.35
N ARG C 366 22.39 -31.48 -10.65
CA ARG C 366 21.31 -31.31 -11.61
C ARG C 366 20.05 -32.06 -11.22
N GLY C 367 20.21 -33.21 -10.56
CA GLY C 367 19.07 -34.05 -10.24
C GLY C 367 18.27 -33.64 -9.02
N THR C 368 18.80 -32.75 -8.19
CA THR C 368 18.09 -32.33 -6.99
C THR C 368 16.81 -31.58 -7.36
N ARG C 369 15.75 -31.84 -6.60
CA ARG C 369 14.47 -31.20 -6.84
C ARG C 369 13.89 -30.59 -5.57
N ALA C 370 14.37 -31.03 -4.41
CA ALA C 370 13.92 -30.47 -3.15
C ALA C 370 14.93 -30.79 -2.05
N THR C 371 14.90 -29.98 -1.00
CA THR C 371 15.73 -30.19 0.18
C THR C 371 14.95 -29.73 1.41
N PHE C 372 15.14 -30.44 2.52
CA PHE C 372 14.43 -30.19 3.76
C PHE C 372 15.42 -30.07 4.90
N ILE C 373 15.13 -29.19 5.84
CA ILE C 373 15.89 -29.07 7.09
C ILE C 373 14.88 -29.05 8.23
N ASP C 374 14.96 -30.03 9.12
CA ASP C 374 13.99 -30.22 10.19
C ASP C 374 14.70 -30.24 11.54
N PHE C 375 14.11 -29.55 12.51
CA PHE C 375 14.60 -29.56 13.88
C PHE C 375 13.51 -28.96 14.77
N SER C 376 13.58 -29.29 16.05
CA SER C 376 12.59 -28.81 17.01
C SER C 376 13.29 -28.32 18.27
N VAL C 377 12.63 -27.40 18.96
CA VAL C 377 13.16 -26.81 20.19
C VAL C 377 12.08 -26.86 21.26
N TYR C 378 12.47 -26.66 22.50
CA TYR C 378 11.57 -26.70 23.64
C TYR C 378 11.84 -25.51 24.55
N ASN C 379 10.78 -24.85 24.99
CA ASN C 379 10.85 -23.70 25.88
C ASN C 379 10.23 -24.08 27.22
N ALA C 380 11.06 -24.23 28.25
CA ALA C 380 10.57 -24.65 29.55
C ALA C 380 9.82 -23.55 30.28
N ASN C 381 10.09 -22.29 29.98
CA ASN C 381 9.41 -21.20 30.67
C ASN C 381 7.91 -21.20 30.40
N ILE C 382 7.52 -21.43 29.15
CA ILE C 382 6.10 -21.46 28.76
C ILE C 382 5.63 -22.86 28.38
N ASN C 383 6.52 -23.86 28.41
CA ASN C 383 6.15 -25.24 28.13
C ASN C 383 5.54 -25.37 26.73
N LEU C 384 6.34 -25.05 25.72
CA LEU C 384 5.93 -25.15 24.32
C LEU C 384 7.08 -25.66 23.47
N PHE C 385 6.79 -26.63 22.61
CA PHE C 385 7.71 -27.05 21.57
C PHE C 385 7.53 -26.19 20.34
N CYS C 386 8.49 -26.27 19.43
CA CYS C 386 8.44 -25.57 18.15
C CYS C 386 9.08 -26.45 17.09
N VAL C 387 8.27 -26.99 16.19
CA VAL C 387 8.73 -27.84 15.10
C VAL C 387 8.99 -26.94 13.89
N VAL C 388 10.19 -27.00 13.36
CA VAL C 388 10.64 -26.12 12.29
C VAL C 388 10.91 -26.97 11.05
N ARG C 389 10.52 -26.46 9.89
CA ARG C 389 10.73 -27.12 8.61
C ARG C 389 11.06 -26.07 7.56
N LEU C 390 12.27 -26.15 7.01
CA LEU C 390 12.70 -25.28 5.92
C LEU C 390 12.81 -26.09 4.65
N LEU C 391 12.08 -25.69 3.62
CA LEU C 391 12.05 -26.39 2.34
C LEU C 391 12.58 -25.47 1.25
N VAL C 392 13.54 -25.96 0.48
CA VAL C 392 14.05 -25.26 -0.69
C VAL C 392 13.83 -26.15 -1.90
N GLU C 393 13.06 -25.66 -2.87
CA GLU C 393 12.74 -26.41 -4.07
C GLU C 393 13.63 -25.96 -5.22
N PHE C 394 14.03 -26.91 -6.06
CA PHE C 394 14.91 -26.65 -7.20
C PHE C 394 14.12 -26.97 -8.47
N PRO C 395 13.47 -25.98 -9.08
CA PRO C 395 12.69 -26.27 -10.29
C PRO C 395 13.58 -26.73 -11.43
N ALA C 396 12.94 -27.35 -12.43
CA ALA C 396 13.67 -27.80 -13.61
C ALA C 396 14.20 -26.65 -14.45
N THR C 397 13.76 -25.42 -14.17
CA THR C 397 14.20 -24.25 -14.91
C THR C 397 15.35 -23.50 -14.23
N GLY C 398 15.86 -24.01 -13.11
CA GLY C 398 16.92 -23.34 -12.39
C GLY C 398 16.39 -22.45 -11.28
N GLY C 399 17.31 -22.08 -10.39
CA GLY C 399 16.96 -21.26 -9.25
C GLY C 399 16.44 -22.09 -8.10
N VAL C 400 16.02 -21.38 -7.04
CA VAL C 400 15.47 -22.00 -5.84
C VAL C 400 14.24 -21.23 -5.38
N ILE C 401 13.35 -21.93 -4.70
CA ILE C 401 12.13 -21.34 -4.16
C ILE C 401 12.04 -21.67 -2.67
N PRO C 402 12.54 -20.81 -1.78
CA PRO C 402 12.51 -21.13 -0.35
C PRO C 402 11.12 -21.04 0.25
N SER C 403 10.94 -21.79 1.34
CA SER C 403 9.72 -21.76 2.12
C SER C 403 10.04 -22.27 3.52
N TRP C 404 9.14 -21.98 4.46
CA TRP C 404 9.42 -22.26 5.87
C TRP C 404 8.12 -22.64 6.58
N GLN C 405 8.28 -23.10 7.82
CA GLN C 405 7.15 -23.48 8.65
C GLN C 405 7.60 -23.55 10.10
N PHE C 406 6.95 -22.78 10.96
CA PHE C 406 7.22 -22.78 12.41
C PHE C 406 5.90 -23.06 13.11
N GLN C 407 5.81 -24.22 13.76
CA GLN C 407 4.56 -24.68 14.35
C GLN C 407 4.76 -25.00 15.82
N PRO C 408 4.27 -24.18 16.75
CA PRO C 408 4.38 -24.53 18.17
C PRO C 408 3.41 -25.64 18.56
N LEU C 409 3.83 -26.45 19.54
CA LEU C 409 3.04 -27.57 20.02
C LEU C 409 3.05 -27.60 21.54
N LYS C 410 2.03 -28.24 22.10
CA LYS C 410 1.93 -28.51 23.53
C LYS C 410 1.77 -30.01 23.75
N LEU C 411 2.90 -30.72 23.80
CA LEU C 411 2.84 -32.16 24.01
C LEU C 411 2.56 -32.48 25.48
N ILE C 412 3.12 -31.71 26.40
CA ILE C 412 2.90 -31.89 27.83
C ILE C 412 1.77 -30.94 28.22
N ARG C 413 0.69 -31.51 28.77
CA ARG C 413 -0.54 -30.74 28.98
C ARG C 413 -0.75 -30.38 30.44
N TYR C 414 -0.77 -31.39 31.31
CA TYR C 414 -1.13 -31.19 32.72
C TYR C 414 0.10 -30.84 33.55
N VAL C 415 0.35 -29.54 33.64
CA VAL C 415 1.47 -29.02 34.44
C VAL C 415 0.99 -28.01 35.47
N THR C 416 0.19 -27.04 35.05
CA THR C 416 -0.29 -25.97 35.91
C THR C 416 -1.77 -26.15 36.22
N THR C 417 -2.25 -25.30 37.13
CA THR C 417 -3.66 -25.36 37.52
C THR C 417 -4.57 -25.04 36.34
N PHE C 418 -4.21 -24.05 35.52
CA PHE C 418 -5.03 -23.72 34.36
C PHE C 418 -5.14 -24.89 33.41
N ASP C 419 -4.10 -25.74 33.33
CA ASP C 419 -4.17 -26.92 32.48
C ASP C 419 -5.24 -27.89 32.98
N PHE C 420 -5.30 -28.12 34.29
CA PHE C 420 -6.36 -28.96 34.83
C PHE C 420 -7.73 -28.34 34.64
N PHE C 421 -7.83 -27.02 34.77
CA PHE C 421 -9.09 -26.34 34.50
C PHE C 421 -9.53 -26.56 33.06
N LEU C 422 -8.59 -26.47 32.12
CA LEU C 422 -8.91 -26.72 30.72
C LEU C 422 -9.28 -28.19 30.48
N ALA C 423 -8.65 -29.11 31.20
CA ALA C 423 -9.06 -30.51 31.09
C ALA C 423 -10.49 -30.71 31.56
N ALA C 424 -10.86 -30.07 32.66
CA ALA C 424 -12.24 -30.13 33.13
C ALA C 424 -13.19 -29.54 32.10
N CYS C 425 -12.79 -28.42 31.49
CA CYS C 425 -13.61 -27.81 30.45
C CYS C 425 -13.78 -28.73 29.26
N GLU C 426 -12.71 -29.45 28.88
CA GLU C 426 -12.79 -30.41 27.78
C GLU C 426 -13.74 -31.55 28.12
N ILE C 427 -13.70 -32.03 29.36
CA ILE C 427 -14.64 -33.07 29.77
C ILE C 427 -16.07 -32.58 29.68
N ILE C 428 -16.31 -31.35 30.14
CA ILE C 428 -17.65 -30.76 30.05
C ILE C 428 -18.08 -30.64 28.59
N PHE C 429 -17.16 -30.24 27.72
CA PHE C 429 -17.47 -30.13 26.30
C PHE C 429 -17.83 -31.49 25.71
N CYS C 430 -17.10 -32.53 26.11
CA CYS C 430 -17.43 -33.88 25.62
C CYS C 430 -18.81 -34.31 26.09
N PHE C 431 -19.16 -34.02 27.35
CA PHE C 431 -20.51 -34.35 27.82
C PHE C 431 -21.56 -33.59 27.03
N PHE C 432 -21.34 -32.30 26.80
CA PHE C 432 -22.28 -31.51 26.01
C PHE C 432 -22.43 -32.09 24.61
N ILE C 433 -21.33 -32.52 24.01
CA ILE C 433 -21.39 -33.02 22.64
C ILE C 433 -22.13 -34.34 22.58
N PHE C 434 -21.92 -35.21 23.57
CA PHE C 434 -22.69 -36.45 23.62
C PHE C 434 -24.17 -36.16 23.78
N TYR C 435 -24.52 -35.22 24.66
CA TYR C 435 -25.92 -34.86 24.85
C TYR C 435 -26.54 -34.34 23.55
N TYR C 436 -25.80 -33.48 22.85
CA TYR C 436 -26.30 -32.96 21.57
C TYR C 436 -26.41 -34.06 20.52
N VAL C 437 -25.48 -35.01 20.52
CA VAL C 437 -25.58 -36.13 19.57
C VAL C 437 -26.86 -36.91 19.82
N VAL C 438 -27.14 -37.20 21.09
CA VAL C 438 -28.35 -37.95 21.42
C VAL C 438 -29.59 -37.17 20.99
N GLU C 439 -29.61 -35.86 21.29
CA GLU C 439 -30.77 -35.05 20.92
C GLU C 439 -30.97 -35.02 19.41
N GLU C 440 -29.89 -34.85 18.65
CA GLU C 440 -30.00 -34.80 17.20
C GLU C 440 -30.46 -36.13 16.64
N ILE C 441 -29.97 -37.24 17.18
CA ILE C 441 -30.41 -38.55 16.71
C ILE C 441 -31.89 -38.74 16.98
N LEU C 442 -32.35 -38.37 18.18
CA LEU C 442 -33.76 -38.48 18.51
C LEU C 442 -34.61 -37.64 17.57
N GLU C 443 -34.17 -36.40 17.30
CA GLU C 443 -34.94 -35.52 16.42
C GLU C 443 -34.94 -36.05 14.99
N ILE C 444 -33.83 -36.62 14.52
CA ILE C 444 -33.80 -37.22 13.19
C ILE C 444 -34.80 -38.36 13.11
N ARG C 445 -34.83 -39.22 14.12
CA ARG C 445 -35.77 -40.33 14.13
C ARG C 445 -37.20 -39.84 14.13
N ILE C 446 -37.51 -38.84 14.95
CA ILE C 446 -38.89 -38.38 15.09
C ILE C 446 -39.36 -37.64 13.85
N HIS C 447 -38.53 -36.75 13.32
CA HIS C 447 -38.91 -35.84 12.23
C HIS C 447 -38.09 -36.11 10.96
N LYS C 448 -37.94 -37.38 10.58
CA LYS C 448 -37.13 -37.71 9.41
C LYS C 448 -37.62 -37.00 8.16
N LEU C 449 -38.91 -36.69 8.08
CA LEU C 449 -39.49 -36.09 6.88
C LEU C 449 -39.25 -34.59 6.78
N HIS C 450 -38.82 -33.94 7.88
CA HIS C 450 -38.60 -32.50 7.88
C HIS C 450 -37.22 -32.08 8.34
N TYR C 451 -36.32 -33.02 8.61
CA TYR C 451 -35.03 -32.67 9.20
C TYR C 451 -34.21 -31.79 8.26
N PHE C 452 -33.85 -32.32 7.10
CA PHE C 452 -32.99 -31.58 6.18
C PHE C 452 -33.73 -30.46 5.45
N ARG C 453 -34.99 -30.21 5.77
CA ARG C 453 -35.72 -29.10 5.17
C ARG C 453 -35.46 -27.78 5.88
N SER C 454 -34.80 -27.82 7.05
CA SER C 454 -34.52 -26.62 7.84
C SER C 454 -33.02 -26.39 7.86
N PHE C 455 -32.63 -25.11 7.83
CA PHE C 455 -31.20 -24.78 7.85
C PHE C 455 -30.60 -25.01 9.23
N TRP C 456 -31.39 -24.79 10.29
CA TRP C 456 -30.87 -24.93 11.64
C TRP C 456 -30.49 -26.38 11.95
N ASN C 457 -31.29 -27.35 11.46
CA ASN C 457 -30.92 -28.75 11.66
C ASN C 457 -29.63 -29.10 10.93
N CYS C 458 -29.46 -28.56 9.72
CA CYS C 458 -28.20 -28.76 9.00
C CYS C 458 -27.03 -28.16 9.78
N LEU C 459 -27.22 -26.98 10.35
CA LEU C 459 -26.16 -26.37 11.15
C LEU C 459 -25.85 -27.21 12.38
N ASP C 460 -26.87 -27.75 13.03
CA ASP C 460 -26.65 -28.61 14.19
C ASP C 460 -25.86 -29.86 13.81
N VAL C 461 -26.23 -30.48 12.69
CA VAL C 461 -25.51 -31.65 12.23
C VAL C 461 -24.06 -31.31 11.91
N VAL C 462 -23.82 -30.17 11.25
CA VAL C 462 -22.45 -29.77 10.93
C VAL C 462 -21.66 -29.57 12.21
N ILE C 463 -22.26 -28.90 13.19
CA ILE C 463 -21.55 -28.63 14.44
C ILE C 463 -21.20 -29.94 15.13
N VAL C 464 -22.16 -30.87 15.21
CA VAL C 464 -21.93 -32.11 15.93
C VAL C 464 -20.86 -32.94 15.22
N VAL C 465 -20.91 -32.98 13.89
CA VAL C 465 -19.93 -33.76 13.13
C VAL C 465 -18.54 -33.17 13.32
N LEU C 466 -18.41 -31.85 13.22
CA LEU C 466 -17.10 -31.22 13.40
C LEU C 466 -16.57 -31.44 14.80
N SER C 467 -17.43 -31.35 15.82
CA SER C 467 -16.99 -31.56 17.18
C SER C 467 -16.54 -33.01 17.39
N VAL C 468 -17.26 -33.97 16.81
CA VAL C 468 -16.87 -35.37 16.94
C VAL C 468 -15.52 -35.60 16.25
N VAL C 469 -15.33 -34.99 15.08
CA VAL C 469 -14.05 -35.12 14.39
C VAL C 469 -12.93 -34.53 15.23
N ALA C 470 -13.19 -33.37 15.85
CA ALA C 470 -12.18 -32.75 16.71
C ALA C 470 -11.84 -33.65 17.89
N ILE C 471 -12.86 -34.25 18.51
CA ILE C 471 -12.62 -35.15 19.63
C ILE C 471 -11.79 -36.34 19.20
N GLY C 472 -12.11 -36.92 18.03
CA GLY C 472 -11.33 -38.05 17.54
C GLY C 472 -9.90 -37.67 17.25
N ILE C 473 -9.68 -36.51 16.64
CA ILE C 473 -8.32 -36.05 16.38
C ILE C 473 -7.57 -35.83 17.68
N ASN C 474 -8.24 -35.27 18.69
CA ASN C 474 -7.58 -35.07 19.98
C ASN C 474 -7.20 -36.40 20.61
N ILE C 475 -8.09 -37.39 20.54
CA ILE C 475 -7.80 -38.70 21.11
C ILE C 475 -6.61 -39.33 20.39
N TYR C 476 -6.58 -39.23 19.07
CA TYR C 476 -5.44 -39.75 18.31
C TYR C 476 -4.16 -39.03 18.67
N ARG C 477 -4.22 -37.70 18.84
CA ARG C 477 -3.04 -36.91 19.14
C ARG C 477 -2.48 -37.26 20.52
N THR C 478 -3.35 -37.46 21.51
CA THR C 478 -2.88 -37.83 22.83
C THR C 478 -2.15 -39.18 22.82
N SER C 479 -2.67 -40.14 22.06
CA SER C 479 -1.99 -41.43 21.95
C SER C 479 -0.68 -41.30 21.19
N ASN C 480 -0.48 -40.19 20.48
CA ASN C 480 0.74 -40.00 19.72
C ASN C 480 1.86 -39.36 20.54
N VAL C 481 1.64 -39.13 21.84
CA VAL C 481 2.68 -38.59 22.70
C VAL C 481 3.84 -39.56 22.88
N GLU C 482 3.68 -40.81 22.44
CA GLU C 482 4.73 -41.81 22.61
C GLU C 482 6.00 -41.45 21.85
N VAL C 483 5.92 -40.59 20.83
CA VAL C 483 7.11 -40.20 20.10
C VAL C 483 8.06 -39.42 21.00
N LEU C 484 7.50 -38.55 21.86
CA LEU C 484 8.33 -37.82 22.80
C LEU C 484 9.05 -38.75 23.76
N LEU C 485 8.35 -39.80 24.22
CA LEU C 485 8.97 -40.76 25.13
C LEU C 485 10.14 -41.47 24.47
N GLN C 486 10.00 -41.85 23.19
CA GLN C 486 11.10 -42.48 22.49
C GLN C 486 12.31 -41.55 22.42
N PHE C 487 12.07 -40.28 22.11
CA PHE C 487 13.17 -39.32 22.03
C PHE C 487 13.85 -39.14 23.38
N LEU C 488 13.06 -39.03 24.45
CA LEU C 488 13.62 -38.77 25.77
C LEU C 488 14.54 -39.88 26.25
N GLU C 489 14.36 -41.12 25.77
CA GLU C 489 15.28 -42.20 26.14
C GLU C 489 16.69 -41.93 25.64
N ASP C 490 16.84 -41.52 24.38
CA ASP C 490 18.14 -41.19 23.82
C ASP C 490 18.01 -39.83 23.11
N GLN C 491 18.79 -38.86 23.57
CA GLN C 491 18.72 -37.50 23.05
C GLN C 491 19.72 -37.23 21.94
N ASN C 492 20.45 -38.25 21.48
CA ASN C 492 21.37 -38.08 20.37
C ASN C 492 20.72 -38.35 19.02
N THR C 493 19.41 -38.55 18.99
CA THR C 493 18.72 -38.88 17.74
C THR C 493 17.89 -37.70 17.27
N PHE C 494 17.23 -37.90 16.13
CA PHE C 494 16.38 -36.86 15.56
C PHE C 494 14.95 -37.02 16.07
N PRO C 495 14.38 -36.01 16.74
CA PRO C 495 12.99 -36.13 17.20
C PRO C 495 12.00 -35.88 16.07
N ASN C 496 11.26 -36.93 15.69
CA ASN C 496 10.30 -36.85 14.58
C ASN C 496 8.95 -36.38 15.11
N PHE C 497 8.79 -35.05 15.14
CA PHE C 497 7.55 -34.42 15.58
C PHE C 497 6.70 -33.91 14.42
N GLU C 498 7.01 -34.31 13.19
CA GLU C 498 6.28 -33.79 12.03
C GLU C 498 4.81 -34.19 12.07
N HIS C 499 4.53 -35.46 12.42
CA HIS C 499 3.14 -35.91 12.47
C HIS C 499 2.36 -35.21 13.57
N LEU C 500 2.99 -35.02 14.74
CA LEU C 500 2.32 -34.31 15.81
C LEU C 500 1.98 -32.88 15.40
N ALA C 501 2.90 -32.21 14.71
CA ALA C 501 2.63 -30.85 14.24
C ALA C 501 1.52 -30.84 13.21
N TYR C 502 1.52 -31.79 12.28
CA TYR C 502 0.48 -31.85 11.28
C TYR C 502 -0.89 -32.02 11.94
N TRP C 503 -0.99 -32.95 12.89
CA TRP C 503 -2.26 -33.20 13.55
C TRP C 503 -2.67 -32.05 14.45
N GLN C 504 -1.71 -31.35 15.07
CA GLN C 504 -2.04 -30.15 15.82
C GLN C 504 -2.64 -29.08 14.91
N ILE C 505 -2.06 -28.90 13.72
CA ILE C 505 -2.60 -27.93 12.78
C ILE C 505 -4.02 -28.32 12.37
N GLN C 506 -4.22 -29.61 12.07
CA GLN C 506 -5.55 -30.07 11.70
C GLN C 506 -6.56 -29.84 12.82
N PHE C 507 -6.16 -30.15 14.06
CA PHE C 507 -7.05 -29.95 15.19
C PHE C 507 -7.38 -28.48 15.38
N ASN C 508 -6.38 -27.60 15.22
CA ASN C 508 -6.63 -26.18 15.35
C ASN C 508 -7.62 -25.70 14.28
N ASN C 509 -7.44 -26.15 13.05
CA ASN C 509 -8.36 -25.77 11.98
C ASN C 509 -9.77 -26.23 12.29
N ILE C 510 -9.93 -27.49 12.70
CA ILE C 510 -11.26 -28.03 12.97
C ILE C 510 -11.90 -27.27 14.13
N ALA C 511 -11.14 -27.01 15.20
CA ALA C 511 -11.68 -26.31 16.34
C ALA C 511 -12.09 -24.88 15.98
N ALA C 512 -11.28 -24.20 15.15
CA ALA C 512 -11.64 -22.86 14.72
C ALA C 512 -12.94 -22.86 13.93
N VAL C 513 -13.08 -23.81 13.00
CA VAL C 513 -14.31 -23.87 12.22
C VAL C 513 -15.51 -24.20 13.12
N THR C 514 -15.32 -25.10 14.08
CA THR C 514 -16.41 -25.43 15.00
C THR C 514 -16.82 -24.21 15.81
N VAL C 515 -15.85 -23.44 16.29
CA VAL C 515 -16.17 -22.22 17.04
C VAL C 515 -16.95 -21.26 16.15
N PHE C 516 -16.48 -21.06 14.92
CA PHE C 516 -17.17 -20.14 14.02
C PHE C 516 -18.61 -20.56 13.82
N PHE C 517 -18.85 -21.86 13.58
CA PHE C 517 -20.21 -22.31 13.31
C PHE C 517 -21.08 -22.32 14.56
N VAL C 518 -20.46 -22.50 15.73
CA VAL C 518 -21.21 -22.38 16.98
C VAL C 518 -21.65 -20.95 17.20
N TRP C 519 -20.81 -19.98 16.82
CA TRP C 519 -21.20 -18.58 16.93
C TRP C 519 -22.41 -18.26 16.06
N ILE C 520 -22.44 -18.81 14.85
CA ILE C 520 -23.52 -18.50 13.91
C ILE C 520 -24.86 -19.00 14.43
N LYS C 521 -24.85 -20.06 15.24
CA LYS C 521 -26.10 -20.63 15.72
C LYS C 521 -26.82 -19.71 16.69
N LEU C 522 -26.16 -18.64 17.15
CA LEU C 522 -26.83 -17.67 18.01
C LEU C 522 -28.00 -17.01 17.32
N PHE C 523 -28.05 -17.06 15.99
CA PHE C 523 -29.16 -16.43 15.26
C PHE C 523 -30.49 -17.10 15.57
N LYS C 524 -30.47 -18.35 16.05
CA LYS C 524 -31.71 -19.04 16.35
C LYS C 524 -32.50 -18.34 17.45
N PHE C 525 -31.82 -17.74 18.42
CA PHE C 525 -32.47 -17.05 19.52
C PHE C 525 -32.37 -15.53 19.42
N ILE C 526 -32.12 -14.99 18.22
CA ILE C 526 -31.96 -13.56 18.05
C ILE C 526 -33.25 -12.84 17.71
N ASN C 527 -34.36 -13.56 17.60
CA ASN C 527 -35.65 -12.94 17.28
C ASN C 527 -36.32 -12.43 18.53
N PHE C 528 -35.74 -11.40 19.17
CA PHE C 528 -36.32 -10.87 20.39
C PHE C 528 -37.62 -10.12 20.12
N ASN C 529 -37.64 -9.25 19.12
CA ASN C 529 -38.76 -8.36 18.88
C ASN C 529 -39.07 -8.34 17.39
N ARG C 530 -39.95 -7.41 17.00
CA ARG C 530 -40.39 -7.34 15.62
C ARG C 530 -39.24 -6.96 14.68
N THR C 531 -38.33 -6.09 15.12
CA THR C 531 -37.25 -5.66 14.24
C THR C 531 -36.35 -6.82 13.84
N MET C 532 -35.93 -7.63 14.81
CA MET C 532 -35.05 -8.75 14.52
C MET C 532 -35.75 -9.77 13.62
N SER C 533 -37.03 -10.05 13.89
CA SER C 533 -37.77 -10.97 13.05
C SER C 533 -37.89 -10.44 11.62
N GLN C 534 -38.14 -9.15 11.45
CA GLN C 534 -38.21 -8.57 10.11
C GLN C 534 -36.87 -8.70 9.39
N LEU C 535 -35.77 -8.42 10.09
CA LEU C 535 -34.45 -8.53 9.46
C LEU C 535 -34.15 -9.97 9.06
N SER C 536 -34.45 -10.92 9.94
CA SER C 536 -34.21 -12.32 9.61
C SER C 536 -35.08 -12.78 8.44
N THR C 537 -36.35 -12.37 8.41
CA THR C 537 -37.22 -12.71 7.29
C THR C 537 -36.68 -12.13 5.99
N THR C 538 -36.21 -10.88 6.03
CA THR C 538 -35.64 -10.28 4.84
C THR C 538 -34.42 -11.06 4.36
N MET C 539 -33.54 -11.44 5.29
CA MET C 539 -32.36 -12.19 4.91
C MET C 539 -32.70 -13.55 4.33
N SER C 540 -33.67 -14.26 4.89
CA SER C 540 -34.03 -15.59 4.41
C SER C 540 -34.92 -15.56 3.17
N ARG C 541 -35.51 -14.41 2.85
CA ARG C 541 -36.41 -14.33 1.72
C ARG C 541 -35.69 -14.00 0.41
N CYS C 542 -34.55 -13.31 0.50
CA CYS C 542 -33.79 -12.97 -0.69
C CYS C 542 -32.69 -13.98 -1.01
N ALA C 543 -32.58 -15.06 -0.23
CA ALA C 543 -31.53 -16.04 -0.47
C ALA C 543 -31.70 -16.74 -1.82
N LYS C 544 -32.95 -16.92 -2.27
CA LYS C 544 -33.17 -17.59 -3.54
C LYS C 544 -32.61 -16.80 -4.70
N ASP C 545 -32.85 -15.49 -4.73
CA ASP C 545 -32.34 -14.62 -5.79
C ASP C 545 -30.86 -14.32 -5.65
N LEU C 546 -30.37 -14.22 -4.41
CA LEU C 546 -28.95 -13.97 -4.19
C LEU C 546 -28.11 -15.10 -4.74
N PHE C 547 -28.55 -16.34 -4.56
CA PHE C 547 -27.80 -17.49 -5.10
C PHE C 547 -27.78 -17.46 -6.62
N GLY C 548 -28.91 -17.15 -7.25
CA GLY C 548 -28.94 -17.10 -8.70
C GLY C 548 -28.03 -16.02 -9.25
N PHE C 549 -28.09 -14.81 -8.68
CA PHE C 549 -27.19 -13.78 -9.17
C PHE C 549 -25.75 -14.06 -8.77
N ALA C 550 -25.51 -14.83 -7.70
CA ALA C 550 -24.15 -15.23 -7.40
C ALA C 550 -23.60 -16.12 -8.50
N ILE C 551 -24.41 -17.06 -8.98
CA ILE C 551 -24.01 -17.88 -10.11
C ILE C 551 -23.70 -16.99 -11.32
N MET C 552 -24.63 -16.07 -11.63
CA MET C 552 -24.45 -15.22 -12.79
C MET C 552 -23.19 -14.36 -12.67
N PHE C 553 -22.97 -13.78 -11.50
CA PHE C 553 -21.82 -12.92 -11.27
C PHE C 553 -20.52 -13.69 -11.34
N PHE C 554 -20.50 -14.90 -10.75
CA PHE C 554 -19.26 -15.66 -10.72
C PHE C 554 -18.94 -16.30 -12.06
N ILE C 555 -19.91 -16.48 -12.95
CA ILE C 555 -19.57 -16.89 -14.31
C ILE C 555 -18.65 -15.86 -14.96
N ILE C 556 -19.04 -14.58 -14.88
CA ILE C 556 -18.22 -13.51 -15.44
C ILE C 556 -16.92 -13.36 -14.65
N PHE C 557 -16.99 -13.55 -13.33
CA PHE C 557 -15.79 -13.47 -12.50
C PHE C 557 -14.76 -14.50 -12.94
N LEU C 558 -15.19 -15.74 -13.16
CA LEU C 558 -14.27 -16.79 -13.58
C LEU C 558 -13.80 -16.59 -15.02
N ALA C 559 -14.66 -16.03 -15.89
CA ALA C 559 -14.20 -15.70 -17.23
C ALA C 559 -13.07 -14.69 -17.18
N TYR C 560 -13.23 -13.65 -16.37
CA TYR C 560 -12.17 -12.65 -16.20
C TYR C 560 -10.92 -13.27 -15.60
N ALA C 561 -11.10 -14.16 -14.62
CA ALA C 561 -9.94 -14.81 -14.00
C ALA C 561 -9.19 -15.66 -15.00
N GLN C 562 -9.90 -16.39 -15.86
CA GLN C 562 -9.24 -17.20 -16.88
C GLN C 562 -8.50 -16.33 -17.89
N LEU C 563 -9.11 -15.23 -18.32
CA LEU C 563 -8.42 -14.32 -19.22
C LEU C 563 -7.16 -13.76 -18.57
N ALA C 564 -7.25 -13.37 -17.29
CA ALA C 564 -6.09 -12.85 -16.58
C ALA C 564 -4.99 -13.89 -16.47
N TYR C 565 -5.36 -15.14 -16.20
CA TYR C 565 -4.37 -16.21 -16.13
C TYR C 565 -3.68 -16.40 -17.47
N LEU C 566 -4.44 -16.36 -18.56
CA LEU C 566 -3.86 -16.60 -19.88
C LEU C 566 -3.01 -15.43 -20.34
N VAL C 567 -3.30 -14.22 -19.88
CA VAL C 567 -2.56 -13.04 -20.34
C VAL C 567 -1.36 -12.74 -19.46
N PHE C 568 -1.56 -12.59 -18.15
CA PHE C 568 -0.48 -12.28 -17.22
C PHE C 568 0.08 -13.50 -16.51
N GLY C 569 -0.30 -14.71 -16.91
CA GLY C 569 0.08 -15.89 -16.15
C GLY C 569 1.58 -16.09 -16.00
N THR C 570 2.35 -15.85 -17.05
CA THR C 570 3.78 -16.13 -17.05
C THR C 570 4.63 -14.95 -16.58
N GLN C 571 4.04 -13.79 -16.34
CA GLN C 571 4.80 -12.58 -16.03
C GLN C 571 4.56 -12.06 -14.62
N VAL C 572 3.31 -12.03 -14.17
CA VAL C 572 2.94 -11.39 -12.91
C VAL C 572 2.76 -12.49 -11.86
N ASP C 573 3.34 -12.25 -10.68
CA ASP C 573 3.23 -13.22 -9.58
C ASP C 573 1.78 -13.39 -9.13
N ASP C 574 1.04 -12.29 -9.08
CA ASP C 574 -0.34 -12.33 -8.62
C ASP C 574 -1.22 -13.23 -9.48
N PHE C 575 -0.87 -13.44 -10.75
CA PHE C 575 -1.66 -14.29 -11.64
C PHE C 575 -0.92 -15.56 -12.02
N SER C 576 0.02 -16.02 -11.20
CA SER C 576 0.88 -17.14 -11.59
C SER C 576 0.15 -18.48 -11.57
N THR C 577 -0.97 -18.58 -10.87
CA THR C 577 -1.76 -19.81 -10.83
C THR C 577 -3.23 -19.47 -10.96
N SER C 578 -4.00 -20.44 -11.46
CA SER C 578 -5.43 -20.21 -11.68
C SER C 578 -6.16 -19.87 -10.40
N GLN C 579 -5.71 -20.36 -9.25
CA GLN C 579 -6.34 -20.01 -7.98
C GLN C 579 -5.94 -18.60 -7.56
N GLU C 580 -4.69 -18.21 -7.83
CA GLU C 580 -4.23 -16.89 -7.44
C GLU C 580 -5.00 -15.79 -8.15
N CYS C 581 -5.49 -16.06 -9.36
CA CYS C 581 -6.23 -15.05 -10.10
C CYS C 581 -7.52 -14.66 -9.38
N ILE C 582 -8.21 -15.64 -8.79
CA ILE C 582 -9.45 -15.36 -8.08
C ILE C 582 -9.19 -14.47 -6.87
N PHE C 583 -8.17 -14.80 -6.09
CA PHE C 583 -7.85 -14.00 -4.92
C PHE C 583 -7.41 -12.60 -5.32
N THR C 584 -6.61 -12.51 -6.39
CA THR C 584 -6.18 -11.21 -6.88
C THR C 584 -7.35 -10.37 -7.36
N GLN C 585 -8.34 -10.98 -7.99
CA GLN C 585 -9.50 -10.22 -8.43
C GLN C 585 -10.35 -9.76 -7.25
N PHE C 586 -10.48 -10.60 -6.22
CA PHE C 586 -11.15 -10.15 -5.00
C PHE C 586 -10.41 -8.95 -4.41
N ARG C 587 -9.09 -9.02 -4.33
CA ARG C 587 -8.31 -7.92 -3.78
C ARG C 587 -8.46 -6.66 -4.64
N ILE C 588 -8.48 -6.82 -5.96
CA ILE C 588 -8.65 -5.66 -6.84
C ILE C 588 -10.01 -5.03 -6.62
N ILE C 589 -11.05 -5.85 -6.45
CA ILE C 589 -12.36 -5.30 -6.15
C ILE C 589 -12.32 -4.50 -4.85
N LEU C 590 -11.66 -5.04 -3.83
CA LEU C 590 -11.58 -4.32 -2.56
C LEU C 590 -10.84 -2.99 -2.71
N GLY C 591 -9.73 -2.98 -3.46
CA GLY C 591 -8.95 -1.78 -3.62
C GLY C 591 -7.45 -2.00 -3.53
N ASP C 592 -7.04 -3.24 -3.23
CA ASP C 592 -5.62 -3.61 -3.16
C ASP C 592 -5.16 -4.03 -4.55
N ILE C 593 -4.53 -3.08 -5.26
CA ILE C 593 -4.17 -3.24 -6.66
C ILE C 593 -2.66 -3.11 -6.81
N ASN C 594 -2.14 -3.69 -7.89
CA ASN C 594 -0.73 -3.60 -8.25
C ASN C 594 -0.63 -3.27 -9.73
N PHE C 595 -1.35 -2.22 -10.14
CA PHE C 595 -1.55 -1.95 -11.56
C PHE C 595 -0.24 -1.79 -12.32
N ALA C 596 0.83 -1.38 -11.64
CA ALA C 596 2.10 -1.17 -12.34
C ALA C 596 2.59 -2.46 -13.00
N GLU C 597 2.55 -3.57 -12.28
CA GLU C 597 2.98 -4.84 -12.84
C GLU C 597 2.07 -5.29 -13.96
N ILE C 598 0.75 -5.09 -13.81
CA ILE C 598 -0.19 -5.49 -14.86
C ILE C 598 0.10 -4.72 -16.15
N GLU C 599 0.30 -3.41 -16.03
CA GLU C 599 0.60 -2.61 -17.21
C GLU C 599 1.95 -2.97 -17.80
N GLU C 600 2.95 -3.27 -16.97
CA GLU C 600 4.25 -3.68 -17.49
C GLU C 600 4.16 -4.98 -18.27
N ALA C 601 3.40 -5.95 -17.76
CA ALA C 601 3.33 -7.26 -18.42
C ALA C 601 2.72 -7.14 -19.80
N ASN C 602 1.63 -6.37 -19.94
CA ASN C 602 0.97 -6.19 -21.23
C ASN C 602 0.49 -4.75 -21.28
N ARG C 603 1.02 -3.97 -22.22
CA ARG C 603 0.73 -2.54 -22.26
C ARG C 603 -0.58 -2.23 -22.98
N VAL C 604 -1.18 -3.21 -23.65
CA VAL C 604 -2.44 -2.99 -24.35
C VAL C 604 -3.55 -3.72 -23.62
N LEU C 605 -3.38 -5.02 -23.43
CA LEU C 605 -4.41 -5.83 -22.78
C LEU C 605 -4.47 -5.62 -21.28
N GLY C 606 -3.37 -5.23 -20.64
CA GLY C 606 -3.37 -4.99 -19.22
C GLY C 606 -4.33 -3.91 -18.81
N PRO C 607 -4.14 -2.71 -19.38
CA PRO C 607 -5.08 -1.62 -19.09
C PRO C 607 -6.52 -1.92 -19.47
N ILE C 608 -6.74 -2.60 -20.60
CA ILE C 608 -8.10 -2.92 -21.01
C ILE C 608 -8.74 -3.86 -20.00
N TYR C 609 -8.02 -4.91 -19.62
CA TYR C 609 -8.53 -5.85 -18.63
C TYR C 609 -8.87 -5.12 -17.33
N PHE C 610 -7.93 -4.30 -16.83
CA PHE C 610 -8.16 -3.63 -15.56
C PHE C 610 -9.38 -2.72 -15.63
N THR C 611 -9.44 -1.88 -16.68
CA THR C 611 -10.51 -0.90 -16.77
C THR C 611 -11.87 -1.58 -16.93
N THR C 612 -11.96 -2.54 -17.85
CA THR C 612 -13.23 -3.23 -18.06
C THR C 612 -13.67 -4.03 -16.83
N PHE C 613 -12.73 -4.72 -16.17
CA PHE C 613 -13.06 -5.43 -14.95
C PHE C 613 -13.61 -4.47 -13.90
N VAL C 614 -12.88 -3.39 -13.63
CA VAL C 614 -13.32 -2.45 -12.61
C VAL C 614 -14.71 -1.92 -12.95
N PHE C 615 -14.89 -1.43 -14.18
CA PHE C 615 -16.19 -0.90 -14.56
C PHE C 615 -17.28 -1.94 -14.37
N PHE C 616 -17.23 -3.03 -15.14
CA PHE C 616 -18.35 -3.95 -15.21
C PHE C 616 -18.57 -4.71 -13.91
N MET C 617 -17.59 -4.70 -12.99
CA MET C 617 -17.79 -5.42 -11.74
C MET C 617 -18.16 -4.47 -10.61
N PHE C 618 -17.32 -3.48 -10.33
CA PHE C 618 -17.58 -2.54 -9.25
C PHE C 618 -18.77 -1.63 -9.56
N PHE C 619 -18.79 -1.02 -10.75
CA PHE C 619 -19.77 0.02 -11.03
C PHE C 619 -21.17 -0.53 -11.32
N ILE C 620 -21.27 -1.75 -11.87
CA ILE C 620 -22.55 -2.23 -12.38
C ILE C 620 -22.97 -3.52 -11.70
N LEU C 621 -22.17 -4.57 -11.87
CA LEU C 621 -22.62 -5.90 -11.46
C LEU C 621 -22.76 -6.03 -9.95
N LEU C 622 -21.89 -5.36 -9.19
CA LEU C 622 -21.96 -5.48 -7.74
C LEU C 622 -23.22 -4.84 -7.17
N ASN C 623 -23.90 -3.99 -7.94
CA ASN C 623 -25.09 -3.32 -7.45
C ASN C 623 -26.35 -4.15 -7.60
N MET C 624 -26.29 -5.27 -8.31
CA MET C 624 -27.46 -6.14 -8.41
C MET C 624 -27.75 -6.82 -7.08
N PHE C 625 -26.71 -7.22 -6.35
CA PHE C 625 -26.91 -7.73 -4.99
C PHE C 625 -27.66 -6.71 -4.15
N LEU C 626 -27.23 -5.45 -4.21
CA LEU C 626 -27.86 -4.38 -3.44
C LEU C 626 -29.31 -4.18 -3.88
N ALA C 627 -29.56 -4.19 -5.19
CA ALA C 627 -30.93 -4.02 -5.67
C ALA C 627 -31.83 -5.13 -5.15
N ILE C 628 -31.34 -6.37 -5.20
CA ILE C 628 -32.13 -7.50 -4.70
C ILE C 628 -32.42 -7.33 -3.22
N ILE C 629 -31.39 -7.01 -2.44
CA ILE C 629 -31.57 -6.89 -1.00
C ILE C 629 -32.54 -5.77 -0.67
N ASN C 630 -32.41 -4.63 -1.36
CA ASN C 630 -33.27 -3.49 -1.08
C ASN C 630 -34.72 -3.80 -1.42
N ASP C 631 -34.96 -4.39 -2.59
CA ASP C 631 -36.33 -4.71 -2.97
C ASP C 631 -36.93 -5.72 -2.00
N THR C 632 -36.18 -6.76 -1.62
CA THR C 632 -36.70 -7.75 -0.70
C THR C 632 -37.00 -7.13 0.66
N TYR C 633 -36.11 -6.26 1.16
CA TYR C 633 -36.35 -5.63 2.45
C TYR C 633 -37.61 -4.78 2.41
N SER C 634 -37.78 -3.98 1.34
CA SER C 634 -38.97 -3.16 1.25
C SER C 634 -40.23 -4.01 1.19
N GLU C 635 -40.22 -5.08 0.39
CA GLU C 635 -41.40 -5.94 0.28
C GLU C 635 -41.71 -6.59 1.62
N VAL C 636 -40.69 -7.08 2.32
CA VAL C 636 -40.89 -7.76 3.59
C VAL C 636 -41.46 -6.79 4.62
N LYS C 637 -40.91 -5.57 4.66
CA LYS C 637 -41.40 -4.58 5.62
C LYS C 637 -42.84 -4.20 5.33
N SER C 638 -43.17 -3.99 4.06
CA SER C 638 -44.55 -3.66 3.72
C SER C 638 -45.51 -4.79 4.08
N ASP C 639 -45.11 -6.04 3.84
CA ASP C 639 -45.97 -7.16 4.18
C ASP C 639 -46.16 -7.30 5.68
N LEU C 640 -45.06 -7.27 6.44
CA LEU C 640 -45.13 -7.49 7.88
C LEU C 640 -45.66 -6.27 8.64
N ALA C 641 -45.75 -5.11 8.01
CA ALA C 641 -46.34 -3.95 8.66
C ALA C 641 -47.82 -4.16 8.98
N GLN C 642 -48.49 -5.07 8.28
CA GLN C 642 -49.90 -5.34 8.52
C GLN C 642 -50.10 -6.75 9.06
N GLU D 163 -43.29 32.47 17.16
CA GLU D 163 -42.28 33.52 17.27
C GLU D 163 -41.46 33.34 18.56
N LYS D 164 -42.13 32.92 19.63
CA LYS D 164 -41.43 32.69 20.89
C LYS D 164 -40.37 31.62 20.74
N TYR D 165 -40.75 30.46 20.17
CA TYR D 165 -39.82 29.35 20.03
C TYR D 165 -38.66 29.73 19.12
N LEU D 166 -38.94 30.41 18.01
CA LEU D 166 -37.88 30.78 17.07
C LEU D 166 -36.86 31.71 17.73
N LYS D 167 -37.34 32.71 18.47
CA LYS D 167 -36.43 33.65 19.11
C LYS D 167 -35.65 33.01 20.25
N SER D 168 -36.28 32.15 21.05
CA SER D 168 -35.54 31.43 22.07
C SER D 168 -34.46 30.54 21.45
N VAL D 169 -34.79 29.87 20.35
CA VAL D 169 -33.81 29.03 19.68
C VAL D 169 -32.68 29.88 19.11
N LEU D 170 -33.01 31.07 18.60
CA LEU D 170 -31.97 31.96 18.09
C LEU D 170 -31.01 32.40 19.21
N ARG D 171 -31.57 32.75 20.37
CA ARG D 171 -30.72 33.13 21.50
C ARG D 171 -29.84 31.96 21.93
N GLU D 172 -30.42 30.77 22.02
CA GLU D 172 -29.63 29.59 22.40
C GLU D 172 -28.54 29.32 21.37
N LEU D 173 -28.86 29.48 20.09
CA LEU D 173 -27.89 29.25 19.03
C LEU D 173 -26.74 30.24 19.12
N VAL D 174 -27.05 31.51 19.38
CA VAL D 174 -25.99 32.51 19.51
C VAL D 174 -25.09 32.17 20.70
N THR D 175 -25.70 31.84 21.84
CA THR D 175 -24.90 31.50 23.00
C THR D 175 -24.01 30.28 22.74
N TYR D 176 -24.58 29.26 22.09
CA TYR D 176 -23.81 28.05 21.84
C TYR D 176 -22.71 28.29 20.80
N LEU D 177 -22.97 29.18 19.83
CA LEU D 177 -21.93 29.53 18.88
C LEU D 177 -20.78 30.24 19.58
N LEU D 178 -21.09 31.15 20.51
CA LEU D 178 -20.02 31.76 21.30
C LEU D 178 -19.25 30.72 22.09
N PHE D 179 -19.96 29.79 22.72
CA PHE D 179 -19.29 28.74 23.50
C PHE D 179 -18.40 27.89 22.62
N LEU D 180 -18.89 27.51 21.44
CA LEU D 180 -18.10 26.70 20.52
C LEU D 180 -16.88 27.46 20.03
N ILE D 181 -17.03 28.75 19.75
CA ILE D 181 -15.88 29.55 19.31
C ILE D 181 -14.84 29.59 20.40
N VAL D 182 -15.25 29.78 21.65
CA VAL D 182 -14.31 29.83 22.76
C VAL D 182 -13.59 28.50 22.90
N LEU D 183 -14.34 27.40 22.84
CA LEU D 183 -13.73 26.08 22.98
C LEU D 183 -12.74 25.79 21.85
N CYS D 184 -13.12 26.12 20.61
CA CYS D 184 -12.21 25.92 19.49
C CYS D 184 -10.96 26.77 19.63
N ILE D 185 -11.11 28.02 20.08
CA ILE D 185 -9.95 28.87 20.29
C ILE D 185 -9.01 28.24 21.30
N LEU D 186 -9.57 27.75 22.42
CA LEU D 186 -8.74 27.11 23.43
C LEU D 186 -8.00 25.90 22.85
N THR D 187 -8.73 25.02 22.17
CA THR D 187 -8.15 23.75 21.74
C THR D 187 -7.16 23.93 20.59
N TYR D 188 -7.30 25.00 19.81
CA TYR D 188 -6.30 25.25 18.78
C TYR D 188 -5.15 26.10 19.31
N GLY D 189 -5.36 26.79 20.43
CA GLY D 189 -4.26 27.48 21.07
C GLY D 189 -3.36 26.55 21.86
N MET D 190 -3.91 25.41 22.31
CA MET D 190 -3.09 24.38 22.93
C MET D 190 -2.44 23.46 21.90
N MET D 191 -2.38 23.88 20.63
CA MET D 191 -1.77 23.11 19.56
C MET D 191 -0.93 24.02 18.68
N SER D 192 0.02 23.43 17.96
CA SER D 192 0.86 24.19 17.05
C SER D 192 1.68 23.23 16.20
N SER D 193 2.05 23.69 15.00
CA SER D 193 2.87 22.86 14.13
C SER D 193 4.28 22.71 14.69
N ASN D 194 4.71 23.63 15.55
CA ASN D 194 6.03 23.54 16.14
C ASN D 194 6.19 22.27 16.96
N VAL D 195 5.08 21.70 17.44
CA VAL D 195 5.18 20.59 18.37
C VAL D 195 5.38 19.27 17.64
N TYR D 196 4.78 19.10 16.45
CA TYR D 196 4.94 17.85 15.73
C TYR D 196 6.39 17.61 15.34
N TYR D 197 7.05 18.65 14.82
CA TYR D 197 8.43 18.49 14.36
C TYR D 197 9.39 18.34 15.53
N TYR D 198 9.05 18.91 16.70
CA TYR D 198 9.82 18.65 17.91
C TYR D 198 9.96 17.15 18.15
N THR D 199 8.82 16.46 18.30
CA THR D 199 8.84 15.03 18.54
C THR D 199 9.39 14.28 17.34
N ARG D 200 9.15 14.77 16.13
CA ARG D 200 9.68 14.10 14.94
C ARG D 200 11.21 14.05 14.97
N MET D 201 11.85 15.20 15.23
CA MET D 201 13.30 15.21 15.32
C MET D 201 13.80 14.38 16.48
N MET D 202 13.13 14.45 17.64
CA MET D 202 13.58 13.66 18.78
C MET D 202 13.53 12.17 18.46
N SER D 203 12.42 11.71 17.89
CA SER D 203 12.26 10.30 17.57
C SER D 203 13.20 9.86 16.46
N GLN D 204 13.43 10.71 15.46
CA GLN D 204 14.41 10.36 14.43
C GLN D 204 15.80 10.24 15.01
N LEU D 205 16.17 11.15 15.92
CA LEU D 205 17.49 11.11 16.53
C LEU D 205 17.69 9.84 17.35
N PHE D 206 16.68 9.46 18.12
CA PHE D 206 16.90 8.39 19.09
C PHE D 206 16.56 7.01 18.53
N LEU D 207 15.49 6.90 17.75
CA LEU D 207 15.07 5.60 17.22
C LEU D 207 15.72 5.29 15.88
N ASP D 208 15.58 6.18 14.90
CA ASP D 208 15.97 5.89 13.53
C ASP D 208 17.47 5.75 13.33
N THR D 209 18.29 6.43 14.12
CA THR D 209 19.73 6.40 13.89
C THR D 209 20.26 4.98 14.13
N PRO D 210 21.20 4.51 13.30
CA PRO D 210 21.75 3.16 13.53
C PRO D 210 22.45 3.07 14.87
N VAL D 211 22.40 1.86 15.44
CA VAL D 211 23.02 1.62 16.75
C VAL D 211 24.50 1.97 16.72
N SER D 212 25.15 1.74 15.58
CA SER D 212 26.56 2.09 15.42
C SER D 212 26.85 2.24 13.94
N LYS D 213 28.03 2.77 13.63
CA LYS D 213 28.40 3.01 12.25
C LYS D 213 28.40 1.73 11.42
N THR D 214 28.94 0.64 11.95
CA THR D 214 28.96 -0.65 11.26
C THR D 214 27.62 -1.36 11.26
N GLU D 215 26.85 -1.22 12.33
CA GLU D 215 25.60 -1.96 12.46
C GLU D 215 24.49 -1.33 11.63
N LYS D 216 23.40 -2.09 11.46
CA LYS D 216 22.23 -1.63 10.74
C LYS D 216 21.00 -1.53 11.64
N THR D 217 20.95 -2.30 12.73
CA THR D 217 19.79 -2.33 13.60
C THR D 217 19.59 -1.00 14.29
N ASN D 218 18.34 -0.55 14.34
CA ASN D 218 17.94 0.65 15.06
C ASN D 218 17.52 0.27 16.48
N PHE D 219 16.94 1.25 17.18
CA PHE D 219 16.18 0.91 18.38
C PHE D 219 14.85 0.28 18.01
N LYS D 220 14.28 0.67 16.87
CA LYS D 220 13.04 0.06 16.39
C LYS D 220 13.22 -1.40 16.01
N THR D 221 14.44 -1.83 15.69
CA THR D 221 14.69 -3.18 15.20
C THR D 221 15.64 -3.95 16.10
N LEU D 222 15.61 -3.68 17.41
CA LEU D 222 16.37 -4.49 18.34
C LEU D 222 15.85 -5.92 18.33
N SER D 223 16.77 -6.87 18.51
CA SER D 223 16.42 -8.29 18.47
C SER D 223 16.98 -9.11 19.62
N SER D 224 17.89 -8.57 20.42
CA SER D 224 18.49 -9.35 21.48
C SER D 224 19.11 -8.41 22.51
N MET D 225 19.60 -9.00 23.60
CA MET D 225 20.26 -8.21 24.64
C MET D 225 21.51 -7.54 24.11
N GLU D 226 22.21 -8.18 23.17
CA GLU D 226 23.42 -7.56 22.61
C GLU D 226 23.09 -6.27 21.87
N ASP D 227 22.00 -6.27 21.10
CA ASP D 227 21.59 -5.05 20.42
C ASP D 227 21.23 -3.96 21.42
N PHE D 228 20.54 -4.33 22.50
CA PHE D 228 20.18 -3.34 23.51
C PHE D 228 21.42 -2.75 24.16
N TRP D 229 22.42 -3.58 24.48
CA TRP D 229 23.65 -3.07 25.06
C TRP D 229 24.38 -2.15 24.09
N LYS D 230 24.42 -2.54 22.81
CA LYS D 230 25.08 -1.71 21.81
C LYS D 230 24.37 -0.36 21.67
N PHE D 231 23.04 -0.36 21.73
CA PHE D 231 22.30 0.89 21.69
C PHE D 231 22.61 1.74 22.91
N THR D 232 22.59 1.13 24.10
CA THR D 232 22.81 1.89 25.32
C THR D 232 24.21 2.51 25.34
N GLU D 233 25.22 1.77 24.88
CA GLU D 233 26.57 2.31 24.81
C GLU D 233 26.83 3.09 23.52
N GLY D 234 25.92 3.04 22.56
CA GLY D 234 26.14 3.66 21.26
C GLY D 234 25.23 4.84 20.97
N SER D 235 24.17 4.57 20.20
CA SER D 235 23.32 5.66 19.70
C SER D 235 22.73 6.48 20.83
N LEU D 236 22.39 5.86 21.96
CA LEU D 236 21.78 6.58 23.06
C LEU D 236 22.71 7.68 23.57
N LEU D 237 23.98 7.35 23.80
CA LEU D 237 24.92 8.35 24.29
C LEU D 237 25.20 9.42 23.25
N ASP D 238 25.23 9.04 21.97
CA ASP D 238 25.40 10.03 20.92
C ASP D 238 24.26 11.04 20.89
N GLY D 239 23.02 10.56 21.01
CA GLY D 239 21.86 11.43 21.03
C GLY D 239 21.77 12.28 22.28
N LEU D 240 22.12 11.71 23.43
CA LEU D 240 21.90 12.41 24.69
C LEU D 240 22.87 13.57 24.87
N TYR D 241 24.15 13.36 24.57
CA TYR D 241 25.20 14.30 24.94
C TYR D 241 25.73 15.00 23.69
N TRP D 242 25.68 16.33 23.70
CA TRP D 242 26.14 17.15 22.59
C TRP D 242 27.16 18.15 23.10
N LYS D 243 28.29 18.23 22.41
CA LYS D 243 29.37 19.12 22.80
C LYS D 243 29.34 20.41 21.98
N ASN D 254 29.45 21.44 30.42
CA ASN D 254 28.74 20.66 31.43
C ASN D 254 27.30 20.41 31.02
N ARG D 255 26.72 21.37 30.30
CA ARG D 255 25.33 21.30 29.88
C ARG D 255 25.26 20.75 28.46
N SER D 256 24.39 19.76 28.27
CA SER D 256 24.17 19.15 26.97
C SER D 256 22.87 19.67 26.39
N PHE D 257 22.84 19.84 25.07
CA PHE D 257 21.63 20.21 24.34
C PHE D 257 21.40 19.15 23.27
N ILE D 258 20.38 18.32 23.45
CA ILE D 258 20.16 17.17 22.57
C ILE D 258 20.10 17.59 21.11
N PHE D 259 19.67 18.80 20.82
CA PHE D 259 20.01 19.49 19.59
C PHE D 259 20.71 20.78 20.01
N TYR D 260 20.93 21.69 19.07
CA TYR D 260 21.49 22.97 19.49
C TYR D 260 20.45 23.84 20.20
N GLU D 261 19.27 23.29 20.53
CA GLU D 261 18.21 24.07 21.15
C GLU D 261 17.68 23.44 22.44
N ASN D 262 17.62 22.11 22.52
CA ASN D 262 16.89 21.41 23.59
C ASN D 262 17.85 21.02 24.70
N LEU D 263 17.77 21.73 25.83
CA LEU D 263 18.60 21.42 26.98
C LEU D 263 18.19 20.08 27.58
N LEU D 264 19.18 19.30 28.00
CA LEU D 264 18.91 18.05 28.70
C LEU D 264 18.77 18.32 30.18
N LEU D 265 17.63 17.94 30.75
CA LEU D 265 17.28 18.26 32.12
C LEU D 265 17.78 17.17 33.06
N GLY D 266 18.66 17.54 33.99
CA GLY D 266 19.12 16.59 34.98
C GLY D 266 19.89 15.45 34.35
N VAL D 267 19.58 14.23 34.80
CA VAL D 267 20.27 13.03 34.34
C VAL D 267 19.23 12.01 33.88
N PRO D 268 19.58 11.09 32.97
CA PRO D 268 18.66 10.00 32.65
C PRO D 268 18.64 8.95 33.75
N ARG D 269 17.69 8.02 33.63
CA ARG D 269 17.56 6.92 34.57
C ARG D 269 17.27 5.64 33.80
N ILE D 270 17.87 4.54 34.26
CA ILE D 270 17.65 3.21 33.69
C ILE D 270 17.13 2.31 34.80
N ARG D 271 16.06 1.56 34.50
CA ARG D 271 15.37 0.73 35.47
C ARG D 271 14.93 -0.58 34.83
N GLN D 272 15.16 -1.69 35.54
CA GLN D 272 14.81 -3.00 35.05
C GLN D 272 13.88 -3.71 36.03
N LEU D 273 12.95 -4.49 35.48
CA LEU D 273 12.09 -5.37 36.25
C LEU D 273 12.56 -6.80 36.10
N ARG D 274 12.36 -7.60 37.14
CA ARG D 274 13.04 -8.88 37.26
C ARG D 274 12.06 -9.94 37.74
N VAL D 275 12.40 -11.20 37.47
CA VAL D 275 11.56 -12.34 37.83
C VAL D 275 12.43 -13.38 38.53
N ARG D 276 11.81 -14.15 39.41
CA ARG D 276 12.54 -15.13 40.21
C ARG D 276 12.81 -16.39 39.41
N ASN D 277 13.94 -17.03 39.69
CA ASN D 277 14.20 -18.36 39.17
C ASN D 277 13.34 -19.37 39.94
N GLY D 278 12.63 -20.20 39.19
CA GLY D 278 11.72 -21.16 39.79
C GLY D 278 10.30 -20.65 39.95
N SER D 279 9.97 -19.51 39.33
CA SER D 279 8.59 -19.03 39.36
C SER D 279 7.66 -19.87 38.49
N CYS D 280 8.21 -20.77 37.68
CA CYS D 280 7.42 -21.77 36.97
C CYS D 280 7.92 -23.16 37.35
N SER D 281 7.17 -24.17 36.96
CA SER D 281 7.48 -25.56 37.26
C SER D 281 7.81 -26.30 35.96
N ILE D 282 8.97 -26.92 35.92
CA ILE D 282 9.35 -27.71 34.74
C ILE D 282 8.64 -29.06 34.80
N PRO D 283 8.21 -29.60 33.67
CA PRO D 283 7.63 -30.96 33.68
C PRO D 283 8.65 -31.98 34.19
N GLN D 284 8.14 -32.98 34.91
CA GLN D 284 9.02 -33.99 35.48
C GLN D 284 9.80 -34.75 34.42
N ASP D 285 9.30 -34.78 33.18
CA ASP D 285 9.99 -35.50 32.13
C ASP D 285 11.34 -34.86 31.82
N LEU D 286 11.41 -33.53 31.81
CA LEU D 286 12.60 -32.81 31.39
C LEU D 286 13.42 -32.22 32.53
N ARG D 287 13.11 -32.56 33.79
CA ARG D 287 13.83 -31.96 34.90
C ARG D 287 15.31 -32.34 34.92
N ASP D 288 15.69 -33.41 34.21
CA ASP D 288 17.08 -33.82 34.19
C ASP D 288 17.95 -32.95 33.28
N GLU D 289 17.35 -32.25 32.32
CA GLU D 289 18.09 -31.43 31.37
C GLU D 289 17.91 -29.94 31.59
N ILE D 290 16.81 -29.52 32.22
CA ILE D 290 16.52 -28.12 32.47
C ILE D 290 16.32 -27.95 33.97
N LYS D 291 17.05 -27.00 34.55
CA LYS D 291 17.02 -26.76 35.99
C LYS D 291 16.34 -25.44 36.35
N GLU D 292 16.53 -24.39 35.55
CA GLU D 292 16.01 -23.07 35.85
C GLU D 292 14.98 -22.67 34.81
N CYS D 293 13.86 -22.12 35.28
CA CYS D 293 12.82 -21.60 34.41
C CYS D 293 12.25 -20.33 35.02
N TYR D 294 12.06 -19.32 34.17
CA TYR D 294 11.56 -18.02 34.59
C TYR D 294 10.22 -17.77 33.92
N ASP D 295 9.19 -17.50 34.72
CA ASP D 295 7.86 -17.30 34.20
C ASP D 295 7.75 -15.93 33.54
N VAL D 296 6.62 -15.71 32.85
CA VAL D 296 6.32 -14.40 32.32
C VAL D 296 6.16 -13.42 33.47
N TYR D 297 6.36 -12.13 33.19
CA TYR D 297 6.34 -11.14 34.26
C TYR D 297 4.96 -11.05 34.90
N SER D 298 4.96 -10.98 36.22
CA SER D 298 3.73 -10.74 36.98
C SER D 298 4.13 -10.25 38.36
N VAL D 299 3.14 -9.71 39.08
CA VAL D 299 3.40 -9.22 40.43
C VAL D 299 3.80 -10.37 41.36
N SER D 300 3.23 -11.54 41.17
CA SER D 300 3.56 -12.70 41.99
C SER D 300 4.95 -13.25 41.70
N SER D 301 5.36 -13.30 40.43
CA SER D 301 6.66 -13.83 40.05
C SER D 301 7.77 -12.81 40.17
N GLU D 302 7.46 -11.56 40.53
CA GLU D 302 8.47 -10.52 40.58
C GLU D 302 9.56 -10.86 41.58
N ASP D 303 10.80 -10.51 41.23
CA ASP D 303 11.97 -10.73 42.07
C ASP D 303 12.28 -9.48 42.85
N ARG D 304 12.59 -9.64 44.14
CA ARG D 304 12.87 -8.52 45.02
C ARG D 304 14.10 -8.76 45.89
N ALA D 305 15.04 -9.59 45.45
CA ALA D 305 16.24 -9.88 46.22
C ALA D 305 17.47 -9.29 45.53
N PRO D 306 18.50 -8.94 46.30
CA PRO D 306 19.71 -8.39 45.69
C PRO D 306 20.46 -9.45 44.89
N PHE D 307 21.20 -8.98 43.88
CA PHE D 307 22.00 -9.84 43.04
C PHE D 307 23.27 -9.09 42.64
N GLY D 308 24.11 -9.74 41.84
CA GLY D 308 25.32 -9.12 41.37
C GLY D 308 26.24 -8.71 42.50
N PRO D 309 27.02 -7.64 42.31
CA PRO D 309 27.89 -7.16 43.40
C PRO D 309 27.14 -6.65 44.61
N ARG D 310 25.86 -6.33 44.49
CA ARG D 310 25.04 -5.77 45.57
C ARG D 310 25.53 -4.39 46.00
N ASN D 311 26.15 -3.64 45.10
CA ASN D 311 26.70 -2.32 45.42
C ASN D 311 25.83 -1.25 44.76
N GLY D 312 24.93 -0.67 45.56
CA GLY D 312 24.16 0.45 45.08
C GLY D 312 22.71 0.11 44.74
N THR D 313 22.05 1.09 44.15
CA THR D 313 20.62 0.96 43.86
C THR D 313 20.35 0.11 42.62
N ALA D 314 21.38 -0.16 41.82
CA ALA D 314 21.17 -0.98 40.63
C ALA D 314 21.06 -2.46 40.94
N TRP D 315 21.49 -2.88 42.14
CA TRP D 315 21.49 -4.28 42.52
C TRP D 315 20.58 -4.57 43.70
N ILE D 316 19.74 -3.63 44.10
CA ILE D 316 18.82 -3.79 45.22
C ILE D 316 17.43 -3.36 44.77
N TYR D 317 16.42 -4.10 45.20
CA TYR D 317 15.05 -3.80 44.82
C TYR D 317 14.53 -2.59 45.57
N THR D 318 13.94 -1.65 44.82
CA THR D 318 13.33 -0.45 45.39
C THR D 318 11.85 -0.47 45.04
N SER D 319 10.99 -0.33 46.04
CA SER D 319 9.56 -0.42 45.83
C SER D 319 9.05 0.76 45.02
N GLU D 320 7.82 0.61 44.53
CA GLU D 320 7.20 1.69 43.76
C GLU D 320 7.03 2.95 44.58
N LYS D 321 6.62 2.80 45.85
CA LYS D 321 6.40 3.98 46.70
C LYS D 321 7.70 4.75 46.90
N ASP D 322 8.79 4.05 47.21
CA ASP D 322 10.04 4.74 47.47
C ASP D 322 10.68 5.26 46.19
N LEU D 323 10.30 4.72 45.03
CA LEU D 323 10.81 5.16 43.75
C LEU D 323 9.92 6.22 43.10
N ASN D 324 8.79 6.56 43.71
CA ASN D 324 7.88 7.57 43.18
C ASN D 324 7.44 7.22 41.75
N GLY D 325 7.32 5.92 41.47
CA GLY D 325 6.96 5.46 40.15
C GLY D 325 5.47 5.16 40.02
N SER D 326 5.11 4.66 38.84
CA SER D 326 3.73 4.30 38.54
C SER D 326 3.73 3.22 37.47
N SER D 327 2.59 2.54 37.35
CA SER D 327 2.48 1.43 36.41
C SER D 327 2.55 1.94 34.97
N HIS D 328 3.05 1.07 34.09
CA HIS D 328 3.13 1.35 32.66
C HIS D 328 2.51 0.18 31.90
N TRP D 329 1.60 0.50 30.99
CA TRP D 329 0.91 -0.53 30.20
C TRP D 329 1.77 -0.84 28.97
N GLY D 330 2.51 -1.93 29.03
CA GLY D 330 3.40 -2.32 27.96
C GLY D 330 2.69 -3.13 26.89
N ILE D 331 3.49 -3.69 25.98
CA ILE D 331 2.93 -4.42 24.85
C ILE D 331 2.42 -5.80 25.27
N ILE D 332 3.23 -6.54 26.04
CA ILE D 332 2.88 -7.90 26.43
C ILE D 332 2.52 -8.03 27.90
N ALA D 333 2.64 -6.97 28.69
CA ALA D 333 2.29 -7.04 30.10
C ALA D 333 2.19 -5.64 30.66
N THR D 334 1.57 -5.54 31.83
CA THR D 334 1.55 -4.30 32.59
C THR D 334 2.58 -4.37 33.70
N TYR D 335 3.38 -3.32 33.82
CA TYR D 335 4.57 -3.31 34.66
C TYR D 335 4.38 -2.34 35.82
N SER D 336 4.96 -2.68 36.97
CA SER D 336 4.90 -1.80 38.12
C SER D 336 5.98 -0.74 38.04
N GLY D 337 5.96 0.19 39.00
CA GLY D 337 6.94 1.24 39.07
C GLY D 337 8.16 0.93 39.89
N ALA D 338 8.29 -0.32 40.36
CA ALA D 338 9.43 -0.72 41.17
C ALA D 338 10.48 -1.40 40.28
N GLY D 339 11.62 -1.72 40.88
CA GLY D 339 12.66 -2.44 40.18
C GLY D 339 14.02 -2.00 40.67
N TYR D 340 15.02 -2.29 39.84
CA TYR D 340 16.41 -1.94 40.11
C TYR D 340 16.81 -0.82 39.16
N TYR D 341 17.22 0.31 39.72
CA TYR D 341 17.44 1.52 38.94
C TYR D 341 18.81 2.09 39.22
N LEU D 342 19.36 2.78 38.22
CA LEU D 342 20.60 3.52 38.34
C LEU D 342 20.39 4.91 37.76
N ASP D 343 20.88 5.93 38.47
CA ASP D 343 20.84 7.29 37.97
C ASP D 343 22.11 7.58 37.20
N LEU D 344 21.99 7.82 35.90
CA LEU D 344 23.15 8.08 35.06
C LEU D 344 23.69 9.48 35.38
N SER D 345 24.73 9.90 34.67
CA SER D 345 25.47 11.10 34.99
C SER D 345 25.16 12.21 33.99
N ARG D 346 25.78 13.38 34.22
CA ARG D 346 25.56 14.54 33.38
C ARG D 346 26.38 14.52 32.10
N THR D 347 27.51 13.81 32.08
CA THR D 347 28.44 13.84 30.97
C THR D 347 28.54 12.47 30.32
N ARG D 348 28.96 12.47 29.06
CA ARG D 348 29.03 11.22 28.29
C ARG D 348 30.03 10.26 28.91
N GLU D 349 31.18 10.77 29.36
CA GLU D 349 32.22 9.88 29.87
C GLU D 349 31.77 9.15 31.12
N GLU D 350 31.07 9.82 32.04
CA GLU D 350 30.60 9.16 33.25
C GLU D 350 29.50 8.16 32.95
N THR D 351 28.56 8.52 32.09
CA THR D 351 27.47 7.61 31.73
C THR D 351 28.02 6.37 31.04
N ALA D 352 28.99 6.54 30.14
CA ALA D 352 29.58 5.38 29.48
C ALA D 352 30.26 4.46 30.48
N ALA D 353 30.97 5.03 31.45
CA ALA D 353 31.60 4.22 32.48
C ALA D 353 30.57 3.45 33.29
N GLN D 354 29.48 4.11 33.66
CA GLN D 354 28.43 3.44 34.44
C GLN D 354 27.80 2.31 33.64
N VAL D 355 27.53 2.55 32.36
CA VAL D 355 26.90 1.51 31.53
C VAL D 355 27.86 0.34 31.34
N ALA D 356 29.15 0.63 31.12
CA ALA D 356 30.12 -0.45 30.99
C ALA D 356 30.24 -1.25 32.27
N SER D 357 30.22 -0.58 33.43
CA SER D 357 30.25 -1.30 34.70
C SER D 357 29.02 -2.19 34.86
N LEU D 358 27.84 -1.70 34.47
CA LEU D 358 26.64 -2.53 34.52
C LEU D 358 26.78 -3.74 33.61
N LYS D 359 27.28 -3.53 32.39
CA LYS D 359 27.38 -4.63 31.43
C LYS D 359 28.39 -5.67 31.88
N LYS D 360 29.50 -5.23 32.46
CA LYS D 360 30.53 -6.18 32.89
C LYS D 360 30.01 -7.11 33.97
N ASN D 361 29.22 -6.59 34.90
CA ASN D 361 28.68 -7.38 36.00
C ASN D 361 27.43 -8.15 35.60
N VAL D 362 27.05 -8.13 34.32
CA VAL D 362 25.90 -8.89 33.83
C VAL D 362 24.63 -8.36 34.50
N TRP D 363 24.30 -7.10 34.25
CA TRP D 363 23.07 -6.53 34.78
C TRP D 363 21.84 -7.23 34.22
N LEU D 364 21.81 -7.47 32.92
CA LEU D 364 20.70 -8.14 32.27
C LEU D 364 21.03 -9.61 32.07
N ASP D 365 20.13 -10.48 32.51
CA ASP D 365 20.32 -11.92 32.37
C ASP D 365 18.94 -12.57 32.24
N ARG D 366 18.88 -13.88 32.49
CA ARG D 366 17.68 -14.66 32.26
C ARG D 366 16.45 -14.10 32.97
N GLY D 367 16.66 -13.47 34.13
CA GLY D 367 15.54 -12.98 34.92
C GLY D 367 14.94 -11.68 34.44
N THR D 368 15.66 -10.92 33.62
CA THR D 368 15.16 -9.64 33.15
C THR D 368 13.88 -9.82 32.34
N ARG D 369 12.93 -8.92 32.56
CA ARG D 369 11.66 -8.97 31.84
C ARG D 369 11.30 -7.62 31.22
N ALA D 370 11.93 -6.55 31.70
CA ALA D 370 11.67 -5.23 31.13
C ALA D 370 12.82 -4.29 31.51
N THR D 371 12.98 -3.24 30.72
CA THR D 371 13.96 -2.20 30.97
C THR D 371 13.39 -0.87 30.49
N PHE D 372 13.72 0.21 31.20
CA PHE D 372 13.21 1.54 30.92
C PHE D 372 14.36 2.53 30.87
N ILE D 373 14.25 3.51 29.98
CA ILE D 373 15.19 4.63 29.93
C ILE D 373 14.35 5.91 29.86
N ASP D 374 14.52 6.77 30.85
CA ASP D 374 13.72 7.97 31.00
C ASP D 374 14.60 9.20 31.07
N PHE D 375 14.20 10.25 30.37
CA PHE D 375 14.88 11.54 30.41
C PHE D 375 13.97 12.57 29.76
N SER D 376 14.21 13.84 30.08
CA SER D 376 13.40 14.92 29.56
C SER D 376 14.29 16.06 29.10
N VAL D 377 13.79 16.84 28.15
CA VAL D 377 14.50 17.99 27.61
C VAL D 377 13.59 19.20 27.67
N TYR D 378 14.17 20.37 27.47
CA TYR D 378 13.46 21.64 27.47
C TYR D 378 13.94 22.49 26.31
N ASN D 379 13.00 23.11 25.61
CA ASN D 379 13.29 23.97 24.47
C ASN D 379 12.81 25.37 24.79
N ALA D 380 13.76 26.28 25.05
CA ALA D 380 13.41 27.63 25.45
C ALA D 380 12.84 28.47 24.32
N ASN D 381 13.13 28.13 23.06
CA ASN D 381 12.64 28.92 21.95
C ASN D 381 11.11 28.87 21.87
N ILE D 382 10.53 27.68 22.08
CA ILE D 382 9.08 27.51 22.02
C ILE D 382 8.49 27.19 23.39
N ASN D 383 9.30 27.11 24.43
CA ASN D 383 8.83 26.87 25.80
C ASN D 383 8.02 25.59 25.88
N LEU D 384 8.70 24.47 25.59
CA LEU D 384 8.09 23.15 25.65
C LEU D 384 9.07 22.14 26.23
N PHE D 385 8.57 21.30 27.12
CA PHE D 385 9.31 20.15 27.59
C PHE D 385 9.00 18.95 26.71
N CYS D 386 9.83 17.91 26.84
CA CYS D 386 9.62 16.65 26.14
C CYS D 386 10.05 15.50 27.05
N VAL D 387 9.08 14.74 27.54
CA VAL D 387 9.34 13.59 28.40
C VAL D 387 9.47 12.37 27.51
N VAL D 388 10.59 11.66 27.63
CA VAL D 388 10.92 10.54 26.77
C VAL D 388 10.96 9.27 27.61
N ARG D 389 10.42 8.19 27.06
CA ARG D 389 10.41 6.89 27.71
C ARG D 389 10.65 5.80 26.68
N LEU D 390 11.76 5.09 26.82
CA LEU D 390 12.08 3.96 25.95
C LEU D 390 11.96 2.67 26.77
N LEU D 391 11.10 1.77 26.32
CA LEU D 391 10.85 0.50 27.00
C LEU D 391 11.26 -0.64 26.10
N VAL D 392 12.07 -1.56 26.63
CA VAL D 392 12.44 -2.78 25.94
C VAL D 392 12.00 -3.94 26.82
N GLU D 393 11.12 -4.80 26.27
CA GLU D 393 10.60 -5.94 27.00
C GLU D 393 11.32 -7.20 26.57
N PHE D 394 11.56 -8.10 27.53
CA PHE D 394 12.26 -9.35 27.31
C PHE D 394 11.30 -10.49 27.58
N PRO D 395 10.60 -11.00 26.56
CA PRO D 395 9.65 -12.09 26.79
C PRO D 395 10.34 -13.35 27.30
N ALA D 396 9.52 -14.24 27.86
CA ALA D 396 10.05 -15.51 28.34
C ALA D 396 10.50 -16.41 27.20
N THR D 397 10.18 -16.06 25.96
CA THR D 397 10.57 -16.87 24.81
C THR D 397 11.85 -16.37 24.13
N GLY D 398 12.49 -15.33 24.67
CA GLY D 398 13.68 -14.78 24.07
C GLY D 398 13.37 -13.60 23.16
N GLY D 399 14.42 -12.85 22.83
CA GLY D 399 14.28 -11.67 22.02
C GLY D 399 13.90 -10.45 22.82
N VAL D 400 13.65 -9.35 22.11
CA VAL D 400 13.27 -8.09 22.72
C VAL D 400 12.15 -7.45 21.89
N ILE D 401 11.34 -6.64 22.54
CA ILE D 401 10.23 -5.93 21.90
C ILE D 401 10.36 -4.44 22.24
N PRO D 402 11.02 -3.64 21.41
CA PRO D 402 11.19 -2.22 21.75
C PRO D 402 9.90 -1.42 21.59
N SER D 403 9.84 -0.32 22.34
CA SER D 403 8.75 0.63 22.25
C SER D 403 9.25 1.97 22.79
N TRP D 404 8.52 3.03 22.47
CA TRP D 404 8.98 4.38 22.77
C TRP D 404 7.79 5.27 23.10
N GLN D 405 8.09 6.48 23.57
CA GLN D 405 7.08 7.46 23.91
C GLN D 405 7.74 8.82 24.01
N PHE D 406 7.26 9.77 23.21
CA PHE D 406 7.74 11.16 23.22
C PHE D 406 6.52 12.05 23.46
N GLN D 407 6.46 12.70 24.61
CA GLN D 407 5.29 13.46 25.02
C GLN D 407 5.68 14.90 25.36
N PRO D 408 5.39 15.87 24.50
CA PRO D 408 5.67 17.28 24.87
C PRO D 408 4.72 17.79 25.94
N LEU D 409 5.23 18.70 26.77
CA LEU D 409 4.48 19.25 27.89
C LEU D 409 4.67 20.77 27.95
N LYS D 410 3.72 21.43 28.59
CA LYS D 410 3.77 22.87 28.82
C LYS D 410 3.58 23.13 30.32
N LEU D 411 4.67 23.04 31.07
CA LEU D 411 4.60 23.27 32.51
C LEU D 411 4.51 24.75 32.83
N ILE D 412 5.25 25.58 32.09
CA ILE D 412 5.23 27.03 32.28
C ILE D 412 4.24 27.57 31.25
N ARG D 413 3.19 28.23 31.74
CA ARG D 413 2.05 28.59 30.89
C ARG D 413 2.05 30.08 30.55
N TYR D 414 2.07 30.93 31.56
CA TYR D 414 1.89 32.37 31.36
C TYR D 414 3.24 33.06 31.12
N VAL D 415 3.62 33.11 29.86
CA VAL D 415 4.87 33.76 29.46
C VAL D 415 4.61 34.86 28.44
N THR D 416 3.84 34.57 27.40
CA THR D 416 3.57 35.50 26.31
C THR D 416 2.14 36.03 26.41
N THR D 417 1.84 37.00 25.54
CA THR D 417 0.50 37.58 25.51
C THR D 417 -0.55 36.56 25.13
N PHE D 418 -0.25 35.71 24.14
CA PHE D 418 -1.21 34.67 23.75
C PHE D 418 -1.53 33.75 24.91
N ASP D 419 -0.56 33.52 25.80
CA ASP D 419 -0.82 32.69 26.97
C ASP D 419 -1.85 33.33 27.90
N PHE D 420 -1.74 34.65 28.12
CA PHE D 420 -2.75 35.33 28.93
C PHE D 420 -4.10 35.35 28.23
N PHE D 421 -4.11 35.49 26.90
CA PHE D 421 -5.37 35.41 26.16
C PHE D 421 -6.01 34.04 26.34
N LEU D 422 -5.21 32.98 26.29
CA LEU D 422 -5.73 31.64 26.52
C LEU D 422 -6.22 31.46 27.95
N ALA D 423 -5.54 32.08 28.92
CA ALA D 423 -6.03 32.03 30.30
C ALA D 423 -7.40 32.69 30.41
N ALA D 424 -7.57 33.84 29.76
CA ALA D 424 -8.88 34.50 29.77
C ALA D 424 -9.94 33.61 29.12
N CYS D 425 -9.57 32.96 28.01
CA CYS D 425 -10.51 32.05 27.36
C CYS D 425 -10.86 30.88 28.27
N GLU D 426 -9.89 30.37 29.03
CA GLU D 426 -10.16 29.28 29.95
C GLU D 426 -11.12 29.73 31.05
N ILE D 427 -10.94 30.95 31.56
CA ILE D 427 -11.86 31.47 32.57
C ILE D 427 -13.27 31.59 32.00
N ILE D 428 -13.38 32.09 30.77
CA ILE D 428 -14.69 32.19 30.12
C ILE D 428 -15.30 30.79 29.97
N PHE D 429 -14.47 29.80 29.64
CA PHE D 429 -14.97 28.44 29.51
C PHE D 429 -15.52 27.91 30.84
N CYS D 430 -14.84 28.22 31.94
CA CYS D 430 -15.33 27.80 33.25
C CYS D 430 -16.65 28.48 33.58
N PHE D 431 -16.78 29.77 33.27
CA PHE D 431 -18.06 30.45 33.49
C PHE D 431 -19.17 29.80 32.68
N PHE D 432 -18.91 29.52 31.40
CA PHE D 432 -19.90 28.86 30.55
C PHE D 432 -20.28 27.50 31.13
N ILE D 433 -19.29 26.75 31.62
CA ILE D 433 -19.56 25.41 32.12
C ILE D 433 -20.41 25.47 33.38
N PHE D 434 -20.13 26.44 34.27
CA PHE D 434 -20.95 26.59 35.45
C PHE D 434 -22.39 26.96 35.07
N TYR D 435 -22.54 27.87 34.12
CA TYR D 435 -23.87 28.28 33.68
C TYR D 435 -24.64 27.08 33.12
N TYR D 436 -23.98 26.28 32.29
CA TYR D 436 -24.63 25.09 31.74
C TYR D 436 -24.95 24.07 32.82
N VAL D 437 -24.07 23.90 33.81
CA VAL D 437 -24.35 22.99 34.92
C VAL D 437 -25.62 23.43 35.63
N VAL D 438 -25.74 24.73 35.92
CA VAL D 438 -26.91 25.23 36.62
C VAL D 438 -28.16 24.99 35.78
N GLU D 439 -28.09 25.29 34.48
CA GLU D 439 -29.26 25.10 33.62
C GLU D 439 -29.69 23.64 33.58
N GLU D 440 -28.74 22.72 33.40
CA GLU D 440 -29.08 21.31 33.31
C GLU D 440 -29.64 20.80 34.64
N ILE D 441 -29.07 21.25 35.76
CA ILE D 441 -29.60 20.82 37.05
C ILE D 441 -31.02 21.31 37.24
N LEU D 442 -31.28 22.56 36.85
CA LEU D 442 -32.65 23.08 36.95
C LEU D 442 -33.62 22.27 36.10
N GLU D 443 -33.22 21.93 34.87
CA GLU D 443 -34.11 21.14 34.02
C GLU D 443 -34.33 19.75 34.59
N ILE D 444 -33.28 19.14 35.14
CA ILE D 444 -33.40 17.80 35.71
C ILE D 444 -34.36 17.82 36.89
N ARG D 445 -34.25 18.84 37.75
CA ARG D 445 -35.11 18.90 38.93
C ARG D 445 -36.58 18.94 38.55
N ILE D 446 -36.90 19.35 37.32
CA ILE D 446 -38.29 19.43 36.90
C ILE D 446 -38.69 18.17 36.15
N HIS D 447 -37.85 17.70 35.23
CA HIS D 447 -38.17 16.56 34.38
C HIS D 447 -37.30 15.34 34.67
N LYS D 448 -36.98 15.07 35.94
CA LYS D 448 -35.99 14.03 36.23
C LYS D 448 -36.41 12.67 35.70
N LEU D 449 -37.70 12.32 35.81
CA LEU D 449 -38.14 11.00 35.37
C LEU D 449 -37.98 10.83 33.86
N HIS D 450 -38.37 11.82 33.06
CA HIS D 450 -38.28 11.75 31.62
C HIS D 450 -37.12 12.53 31.04
N TYR D 451 -36.14 12.93 31.86
CA TYR D 451 -35.03 13.73 31.35
C TYR D 451 -34.22 12.95 30.32
N PHE D 452 -33.96 11.67 30.59
CA PHE D 452 -33.20 10.83 29.67
C PHE D 452 -34.06 10.27 28.54
N ARG D 453 -35.26 10.82 28.33
CA ARG D 453 -36.09 10.39 27.21
C ARG D 453 -35.65 11.04 25.90
N SER D 454 -34.82 12.07 25.95
CA SER D 454 -34.36 12.78 24.77
C SER D 454 -32.85 12.59 24.63
N PHE D 455 -32.39 12.45 23.38
CA PHE D 455 -30.97 12.27 23.13
C PHE D 455 -30.19 13.55 23.43
N TRP D 456 -30.80 14.71 23.17
CA TRP D 456 -30.09 15.97 23.38
C TRP D 456 -29.78 16.20 24.85
N ASN D 457 -30.68 15.82 25.75
CA ASN D 457 -30.39 15.94 27.18
C ASN D 457 -29.22 15.05 27.58
N CYS D 458 -29.17 13.83 27.05
CA CYS D 458 -28.04 12.95 27.33
C CYS D 458 -26.75 13.55 26.79
N LEU D 459 -26.79 14.15 25.60
CA LEU D 459 -25.61 14.80 25.06
C LEU D 459 -25.16 15.96 25.94
N ASP D 460 -26.12 16.76 26.42
CA ASP D 460 -25.77 17.87 27.30
C ASP D 460 -25.13 17.36 28.59
N VAL D 461 -25.68 16.30 29.17
CA VAL D 461 -25.10 15.74 30.39
C VAL D 461 -23.69 15.23 30.13
N VAL D 462 -23.49 14.55 29.00
CA VAL D 462 -22.16 14.04 28.67
C VAL D 462 -21.18 15.19 28.52
N ILE D 463 -21.59 16.25 27.82
CA ILE D 463 -20.70 17.39 27.60
C ILE D 463 -20.33 18.02 28.94
N VAL D 464 -21.31 18.23 29.81
CA VAL D 464 -21.05 18.91 31.08
C VAL D 464 -20.15 18.05 31.96
N VAL D 465 -20.39 16.74 31.98
CA VAL D 465 -19.57 15.85 32.80
C VAL D 465 -18.13 15.84 32.29
N LEU D 466 -17.95 15.73 30.98
CA LEU D 466 -16.61 15.71 30.42
C LEU D 466 -15.89 17.02 30.68
N SER D 467 -16.58 18.15 30.55
CA SER D 467 -15.96 19.44 30.81
C SER D 467 -15.56 19.58 32.27
N VAL D 468 -16.42 19.11 33.18
CA VAL D 468 -16.08 19.18 34.60
C VAL D 468 -14.87 18.30 34.90
N VAL D 469 -14.81 17.11 34.29
CA VAL D 469 -13.66 16.24 34.49
C VAL D 469 -12.40 16.90 33.97
N ALA D 470 -12.48 17.55 32.80
CA ALA D 470 -11.33 18.24 32.25
C ALA D 470 -10.87 19.37 33.16
N ILE D 471 -11.82 20.12 33.71
CA ILE D 471 -11.46 21.21 34.62
C ILE D 471 -10.78 20.65 35.86
N GLY D 472 -11.30 19.56 36.41
CA GLY D 472 -10.66 18.95 37.57
C GLY D 472 -9.26 18.46 37.27
N ILE D 473 -9.08 17.83 36.11
CA ILE D 473 -7.75 17.36 35.72
C ILE D 473 -6.80 18.54 35.57
N ASN D 474 -7.28 19.63 34.98
CA ASN D 474 -6.43 20.81 34.82
C ASN D 474 -6.03 21.38 36.17
N ILE D 475 -6.97 21.44 37.11
CA ILE D 475 -6.67 21.96 38.44
C ILE D 475 -5.64 21.07 39.13
N TYR D 476 -5.81 19.76 39.02
CA TYR D 476 -4.83 18.84 39.59
C TYR D 476 -3.46 19.01 38.95
N ARG D 477 -3.42 19.17 37.63
CA ARG D 477 -2.15 19.30 36.92
C ARG D 477 -1.42 20.58 37.29
N THR D 478 -2.15 21.68 37.42
CA THR D 478 -1.51 22.94 37.80
C THR D 478 -0.86 22.85 39.17
N SER D 479 -1.53 22.21 40.14
CA SER D 479 -0.93 22.03 41.45
C SER D 479 0.31 21.15 41.37
N ASN D 480 0.39 20.27 40.39
CA ASN D 480 1.52 19.37 40.24
C ASN D 480 2.75 20.03 39.62
N VAL D 481 2.75 21.35 39.46
CA VAL D 481 3.93 22.04 38.95
C VAL D 481 5.06 22.01 39.98
N GLU D 482 4.77 21.60 41.21
CA GLU D 482 5.79 21.59 42.26
C GLU D 482 6.93 20.64 41.94
N VAL D 483 6.72 19.66 41.05
CA VAL D 483 7.81 18.75 40.69
C VAL D 483 8.93 19.52 39.98
N LEU D 484 8.56 20.45 39.10
CA LEU D 484 9.56 21.26 38.41
C LEU D 484 10.35 22.10 39.41
N LEU D 485 9.67 22.65 40.42
CA LEU D 485 10.37 23.46 41.42
C LEU D 485 11.40 22.63 42.18
N GLN D 486 11.04 21.39 42.53
CA GLN D 486 12.00 20.53 43.21
C GLN D 486 13.23 20.29 42.35
N PHE D 487 13.03 20.03 41.06
CA PHE D 487 14.15 19.78 40.16
C PHE D 487 15.03 21.02 40.02
N LEU D 488 14.40 22.19 39.89
CA LEU D 488 15.16 23.42 39.67
C LEU D 488 16.08 23.76 40.83
N GLU D 489 15.75 23.33 42.06
CA GLU D 489 16.64 23.57 43.18
C GLU D 489 17.97 22.85 43.02
N ASP D 490 17.96 21.60 42.56
CA ASP D 490 19.19 20.85 42.31
C ASP D 490 19.04 20.17 40.96
N GLN D 491 19.91 20.55 40.01
CA GLN D 491 19.84 20.04 38.64
C GLN D 491 20.68 18.79 38.43
N ASN D 492 21.32 18.27 39.48
CA ASN D 492 22.09 17.03 39.36
C ASN D 492 21.27 15.79 39.70
N THR D 493 19.96 15.86 39.53
CA THR D 493 19.09 14.73 39.85
C THR D 493 18.22 14.37 38.66
N PHE D 494 17.38 13.36 38.85
CA PHE D 494 16.50 12.91 37.78
C PHE D 494 15.16 13.62 37.89
N PRO D 495 14.74 14.37 36.86
CA PRO D 495 13.42 15.02 36.91
C PRO D 495 12.29 14.06 36.62
N ASN D 496 11.46 13.78 37.62
CA ASN D 496 10.35 12.83 37.47
C ASN D 496 9.10 13.54 36.93
N PHE D 497 9.02 13.60 35.61
CA PHE D 497 7.90 14.22 34.91
C PHE D 497 6.92 13.21 34.33
N GLU D 498 7.02 11.93 34.72
CA GLU D 498 6.16 10.91 34.13
C GLU D 498 4.70 11.16 34.48
N HIS D 499 4.42 11.54 35.72
CA HIS D 499 3.04 11.78 36.13
C HIS D 499 2.45 12.97 35.41
N LEU D 500 3.23 14.04 35.26
CA LEU D 500 2.76 15.21 34.53
C LEU D 500 2.45 14.86 33.08
N ALA D 501 3.30 14.05 32.45
CA ALA D 501 3.03 13.62 31.08
C ALA D 501 1.78 12.77 30.99
N TYR D 502 1.60 11.85 31.94
CA TYR D 502 0.41 11.02 31.94
C TYR D 502 -0.85 11.87 32.05
N TRP D 503 -0.84 12.83 32.97
CA TRP D 503 -2.03 13.66 33.16
C TRP D 503 -2.23 14.63 32.00
N GLN D 504 -1.15 15.07 31.35
CA GLN D 504 -1.31 15.87 30.14
C GLN D 504 -1.97 15.06 29.04
N ILE D 505 -1.57 13.80 28.88
CA ILE D 505 -2.19 12.96 27.87
C ILE D 505 -3.67 12.76 28.18
N GLN D 506 -3.98 12.49 29.45
CA GLN D 506 -5.38 12.31 29.83
C GLN D 506 -6.20 13.57 29.57
N PHE D 507 -5.64 14.74 29.91
CA PHE D 507 -6.34 16.00 29.68
C PHE D 507 -6.57 16.23 28.19
N ASN D 508 -5.55 15.94 27.37
CA ASN D 508 -5.70 16.11 25.93
C ASN D 508 -6.80 15.21 25.39
N ASN D 509 -6.82 13.94 25.84
CA ASN D 509 -7.86 13.02 25.37
C ASN D 509 -9.24 13.51 25.77
N ILE D 510 -9.41 13.92 27.02
CA ILE D 510 -10.71 14.37 27.49
C ILE D 510 -11.15 15.63 26.75
N ALA D 511 -10.23 16.58 26.55
CA ALA D 511 -10.56 17.80 25.83
C ALA D 511 -10.95 17.52 24.40
N ALA D 512 -10.23 16.60 23.74
CA ALA D 512 -10.57 16.24 22.36
C ALA D 512 -11.96 15.64 22.28
N VAL D 513 -12.28 14.73 23.21
CA VAL D 513 -13.60 14.12 23.20
C VAL D 513 -14.68 15.17 23.47
N THR D 514 -14.42 16.09 24.41
CA THR D 514 -15.39 17.14 24.70
C THR D 514 -15.63 18.02 23.48
N VAL D 515 -14.56 18.37 22.77
CA VAL D 515 -14.70 19.18 21.57
C VAL D 515 -15.52 18.45 20.52
N PHE D 516 -15.22 17.15 20.33
CA PHE D 516 -15.98 16.37 19.36
C PHE D 516 -17.46 16.36 19.70
N PHE D 517 -17.79 16.15 20.97
CA PHE D 517 -19.20 16.07 21.34
C PHE D 517 -19.88 17.44 21.33
N VAL D 518 -19.10 18.50 21.54
CA VAL D 518 -19.66 19.84 21.41
C VAL D 518 -20.00 20.12 19.95
N TRP D 519 -19.17 19.63 19.02
CA TRP D 519 -19.46 19.80 17.61
C TRP D 519 -20.78 19.11 17.23
N ILE D 520 -21.01 17.92 17.77
CA ILE D 520 -22.20 17.15 17.40
C ILE D 520 -23.46 17.85 17.86
N LYS D 521 -23.40 18.63 18.94
CA LYS D 521 -24.58 19.30 19.45
C LYS D 521 -25.07 20.39 18.50
N LEU D 522 -24.27 20.75 17.50
CA LEU D 522 -24.70 21.72 16.51
C LEU D 522 -25.92 21.23 15.73
N PHE D 523 -26.19 19.93 15.75
CA PHE D 523 -27.36 19.39 15.06
C PHE D 523 -28.67 19.90 15.64
N LYS D 524 -28.68 20.32 16.91
CA LYS D 524 -29.90 20.80 17.52
C LYS D 524 -30.50 21.98 16.78
N PHE D 525 -29.67 22.86 16.23
CA PHE D 525 -30.12 24.05 15.52
C PHE D 525 -29.95 23.93 14.01
N ILE D 526 -29.85 22.70 13.48
CA ILE D 526 -29.62 22.52 12.04
C ILE D 526 -30.92 22.36 11.26
N ASN D 527 -32.07 22.43 11.93
CA ASN D 527 -33.35 22.30 11.23
C ASN D 527 -33.80 23.64 10.67
N PHE D 528 -33.04 24.17 9.71
CA PHE D 528 -33.39 25.47 9.15
C PHE D 528 -34.68 25.42 8.33
N ASN D 529 -34.81 24.43 7.46
CA ASN D 529 -35.91 24.37 6.51
C ASN D 529 -36.45 22.94 6.47
N ARG D 530 -37.34 22.70 5.51
CA ARG D 530 -37.98 21.39 5.40
C ARG D 530 -36.99 20.28 5.06
N THR D 531 -35.95 20.58 4.28
CA THR D 531 -34.98 19.56 3.89
C THR D 531 -34.22 19.02 5.10
N MET D 532 -33.72 19.92 5.96
CA MET D 532 -32.98 19.49 7.12
C MET D 532 -33.85 18.69 8.09
N SER D 533 -35.09 19.14 8.29
CA SER D 533 -36.02 18.38 9.11
C SER D 533 -36.31 17.01 8.51
N GLN D 534 -36.46 16.94 7.18
CA GLN D 534 -36.66 15.65 6.53
C GLN D 534 -35.49 14.71 6.81
N LEU D 535 -34.27 15.19 6.64
CA LEU D 535 -33.10 14.35 6.84
C LEU D 535 -32.98 13.92 8.31
N SER D 536 -33.24 14.85 9.23
CA SER D 536 -33.15 14.51 10.65
C SER D 536 -34.20 13.48 11.03
N THR D 537 -35.43 13.63 10.52
CA THR D 537 -36.47 12.65 10.79
C THR D 537 -36.09 11.29 10.22
N THR D 538 -35.52 11.26 9.02
CA THR D 538 -35.08 10.00 8.44
C THR D 538 -34.03 9.33 9.31
N MET D 539 -33.05 10.12 9.78
CA MET D 539 -31.98 9.54 10.59
C MET D 539 -32.49 9.04 11.95
N SER D 540 -33.41 9.79 12.58
CA SER D 540 -33.92 9.37 13.88
C SER D 540 -34.86 8.16 13.76
N ARG D 541 -35.69 8.14 12.72
CA ARG D 541 -36.63 7.04 12.53
C ARG D 541 -35.93 5.76 12.12
N CYS D 542 -34.66 5.87 11.69
CA CYS D 542 -33.93 4.71 11.19
C CYS D 542 -33.13 4.01 12.28
N ALA D 543 -32.91 4.68 13.41
CA ALA D 543 -31.99 4.16 14.42
C ALA D 543 -32.49 2.85 15.04
N LYS D 544 -33.81 2.65 15.07
CA LYS D 544 -34.36 1.45 15.71
C LYS D 544 -33.89 0.19 14.98
N ASP D 545 -33.95 0.19 13.65
CA ASP D 545 -33.56 -0.98 12.88
C ASP D 545 -32.06 -1.04 12.64
N LEU D 546 -31.41 0.11 12.58
CA LEU D 546 -29.96 0.12 12.39
C LEU D 546 -29.25 -0.55 13.56
N PHE D 547 -29.72 -0.30 14.78
CA PHE D 547 -29.11 -0.93 15.95
C PHE D 547 -29.31 -2.45 15.92
N GLY D 548 -30.52 -2.89 15.58
CA GLY D 548 -30.77 -4.32 15.50
C GLY D 548 -29.89 -5.01 14.48
N PHE D 549 -29.80 -4.45 13.28
CA PHE D 549 -28.93 -5.07 12.30
C PHE D 549 -27.46 -4.88 12.64
N ALA D 550 -27.11 -3.86 13.43
CA ALA D 550 -25.74 -3.75 13.91
C ALA D 550 -25.39 -4.92 14.81
N ILE D 551 -26.29 -5.27 15.72
CA ILE D 551 -26.09 -6.46 16.55
C ILE D 551 -25.96 -7.69 15.66
N MET D 552 -26.88 -7.83 14.70
CA MET D 552 -26.88 -9.00 13.83
C MET D 552 -25.58 -9.11 13.03
N PHE D 553 -25.10 -7.98 12.50
CA PHE D 553 -23.90 -7.97 11.67
C PHE D 553 -22.66 -8.22 12.51
N PHE D 554 -22.61 -7.64 13.72
CA PHE D 554 -21.42 -7.79 14.54
C PHE D 554 -21.34 -9.18 15.18
N ILE D 555 -22.45 -9.90 15.30
CA ILE D 555 -22.33 -11.30 15.70
C ILE D 555 -21.46 -12.07 14.71
N ILE D 556 -21.76 -11.94 13.41
CA ILE D 556 -20.97 -12.62 12.39
C ILE D 556 -19.57 -12.03 12.32
N PHE D 557 -19.46 -10.72 12.50
CA PHE D 557 -18.15 -10.08 12.50
C PHE D 557 -17.25 -10.67 13.58
N LEU D 558 -17.78 -10.83 14.79
CA LEU D 558 -16.99 -11.38 15.89
C LEU D 558 -16.73 -12.87 15.69
N ALA D 559 -17.67 -13.60 15.08
CA ALA D 559 -17.39 -15.00 14.76
C ALA D 559 -16.19 -15.11 13.81
N TYR D 560 -16.19 -14.28 12.76
CA TYR D 560 -15.07 -14.28 11.83
C TYR D 560 -13.78 -13.86 12.53
N ALA D 561 -13.85 -12.86 13.41
CA ALA D 561 -12.66 -12.42 14.12
C ALA D 561 -12.09 -13.53 15.01
N GLN D 562 -12.97 -14.27 15.69
CA GLN D 562 -12.51 -15.37 16.53
C GLN D 562 -11.88 -16.48 15.69
N LEU D 563 -12.49 -16.82 14.55
CA LEU D 563 -11.89 -17.81 13.67
C LEU D 563 -10.52 -17.35 13.19
N ALA D 564 -10.40 -16.07 12.81
CA ALA D 564 -9.13 -15.55 12.35
C ALA D 564 -8.07 -15.59 13.45
N TYR D 565 -8.47 -15.27 14.69
CA TYR D 565 -7.53 -15.34 15.80
C TYR D 565 -7.07 -16.78 16.02
N LEU D 566 -7.99 -17.74 15.93
CA LEU D 566 -7.61 -19.13 16.19
C LEU D 566 -6.78 -19.71 15.05
N VAL D 567 -6.90 -19.18 13.84
CA VAL D 567 -6.20 -19.75 12.69
C VAL D 567 -4.86 -19.05 12.46
N PHE D 568 -4.86 -17.74 12.30
CA PHE D 568 -3.64 -16.97 12.05
C PHE D 568 -3.03 -16.35 13.30
N GLY D 569 -3.54 -16.69 14.49
CA GLY D 569 -3.13 -16.02 15.70
C GLY D 569 -1.64 -16.10 15.98
N THR D 570 -1.01 -17.25 15.75
CA THR D 570 0.39 -17.43 16.12
C THR D 570 1.36 -17.11 15.00
N GLN D 571 0.87 -16.76 13.81
CA GLN D 571 1.74 -16.56 12.65
C GLN D 571 1.73 -15.14 12.12
N VAL D 572 0.56 -14.51 12.05
CA VAL D 572 0.41 -13.21 11.40
C VAL D 572 0.33 -12.14 12.49
N ASP D 573 1.06 -11.04 12.29
CA ASP D 573 1.07 -9.96 13.26
C ASP D 573 -0.30 -9.30 13.36
N ASP D 574 -0.99 -9.15 12.24
CA ASP D 574 -2.29 -8.49 12.22
C ASP D 574 -3.35 -9.23 13.04
N PHE D 575 -3.12 -10.51 13.35
CA PHE D 575 -4.07 -11.30 14.12
C PHE D 575 -3.48 -11.80 15.42
N SER D 576 -2.45 -11.15 15.94
CA SER D 576 -1.74 -11.64 17.12
C SER D 576 -2.57 -11.52 18.40
N THR D 577 -3.56 -10.65 18.45
CA THR D 577 -4.40 -10.49 19.64
C THR D 577 -5.86 -10.41 19.20
N SER D 578 -6.75 -10.78 20.11
CA SER D 578 -8.17 -10.79 19.80
C SER D 578 -8.68 -9.41 19.41
N GLN D 579 -8.09 -8.33 19.93
CA GLN D 579 -8.50 -6.99 19.54
C GLN D 579 -7.93 -6.63 18.16
N GLU D 580 -6.72 -7.10 17.86
CA GLU D 580 -6.13 -6.80 16.56
C GLU D 580 -6.94 -7.38 15.42
N CYS D 581 -7.63 -8.50 15.66
CA CYS D 581 -8.41 -9.12 14.60
C CYS D 581 -9.55 -8.22 14.16
N ILE D 582 -10.20 -7.54 15.11
CA ILE D 582 -11.31 -6.65 14.77
C ILE D 582 -10.83 -5.50 13.90
N PHE D 583 -9.72 -4.86 14.28
CA PHE D 583 -9.20 -3.75 13.51
C PHE D 583 -8.73 -4.22 12.13
N THR D 584 -8.11 -5.39 12.08
CA THR D 584 -7.67 -5.94 10.80
C THR D 584 -8.86 -6.22 9.89
N GLN D 585 -9.97 -6.72 10.45
CA GLN D 585 -11.14 -6.98 9.63
C GLN D 585 -11.78 -5.69 9.13
N PHE D 586 -11.80 -4.65 9.98
CA PHE D 586 -12.26 -3.35 9.50
C PHE D 586 -11.39 -2.86 8.34
N ARG D 587 -10.08 -2.97 8.49
CA ARG D 587 -9.18 -2.55 7.43
C ARG D 587 -9.39 -3.36 6.16
N ILE D 588 -9.60 -4.66 6.30
CA ILE D 588 -9.84 -5.52 5.14
C ILE D 588 -11.11 -5.10 4.43
N ILE D 589 -12.16 -4.79 5.20
CA ILE D 589 -13.39 -4.30 4.59
C ILE D 589 -13.12 -3.03 3.80
N LEU D 590 -12.34 -2.10 4.39
CA LEU D 590 -12.04 -0.86 3.68
C LEU D 590 -11.25 -1.10 2.40
N GLY D 591 -10.27 -2.00 2.42
CA GLY D 591 -9.45 -2.26 1.26
C GLY D 591 -7.97 -2.40 1.57
N ASP D 592 -7.59 -2.18 2.83
CA ASP D 592 -6.20 -2.31 3.26
C ASP D 592 -5.97 -3.74 3.68
N ILE D 593 -5.39 -4.53 2.78
CA ILE D 593 -5.26 -5.97 2.95
C ILE D 593 -3.78 -6.35 2.90
N ASN D 594 -3.45 -7.49 3.49
CA ASN D 594 -2.11 -8.06 3.46
C ASN D 594 -2.20 -9.55 3.14
N PHE D 595 -2.92 -9.85 2.05
CA PHE D 595 -3.32 -11.22 1.74
C PHE D 595 -2.13 -12.15 1.63
N ALA D 596 -0.95 -11.63 1.30
CA ALA D 596 0.21 -12.50 1.14
C ALA D 596 0.53 -13.24 2.44
N GLU D 597 0.55 -12.52 3.57
CA GLU D 597 0.82 -13.14 4.85
C GLU D 597 -0.28 -14.12 5.25
N ILE D 598 -1.54 -13.78 4.98
CA ILE D 598 -2.63 -14.69 5.31
C ILE D 598 -2.50 -16.00 4.55
N GLU D 599 -2.21 -15.90 3.25
CA GLU D 599 -2.06 -17.11 2.45
C GLU D 599 -0.83 -17.91 2.88
N GLU D 600 0.25 -17.22 3.25
CA GLU D 600 1.45 -17.91 3.70
C GLU D 600 1.18 -18.68 5.00
N ALA D 601 0.45 -18.06 5.94
CA ALA D 601 0.21 -18.70 7.22
C ALA D 601 -0.59 -19.99 7.06
N ASN D 602 -1.64 -19.96 6.25
CA ASN D 602 -2.47 -21.14 6.01
C ASN D 602 -2.86 -21.13 4.55
N ARG D 603 -2.43 -22.14 3.80
CA ARG D 603 -2.65 -22.14 2.35
C ARG D 603 -4.02 -22.64 1.96
N VAL D 604 -4.78 -23.23 2.89
CA VAL D 604 -6.11 -23.73 2.60
C VAL D 604 -7.14 -22.85 3.29
N LEU D 605 -7.02 -22.70 4.61
CA LEU D 605 -7.99 -21.91 5.36
C LEU D 605 -7.81 -20.42 5.17
N GLY D 606 -6.62 -19.95 4.83
CA GLY D 606 -6.39 -18.54 4.62
C GLY D 606 -7.23 -18.00 3.49
N PRO D 607 -7.06 -18.58 2.29
CA PRO D 607 -7.89 -18.14 1.16
C PRO D 607 -9.37 -18.32 1.39
N ILE D 608 -9.79 -19.40 2.04
CA ILE D 608 -11.23 -19.62 2.28
C ILE D 608 -11.76 -18.53 3.20
N TYR D 609 -11.04 -18.27 4.29
CA TYR D 609 -11.45 -17.21 5.20
C TYR D 609 -11.55 -15.87 4.47
N PHE D 610 -10.51 -15.51 3.72
CA PHE D 610 -10.52 -14.22 3.06
C PHE D 610 -11.68 -14.11 2.08
N THR D 611 -11.86 -15.12 1.23
CA THR D 611 -12.89 -15.06 0.19
C THR D 611 -14.29 -15.03 0.80
N THR D 612 -14.56 -15.92 1.76
CA THR D 612 -15.89 -15.95 2.37
C THR D 612 -16.17 -14.67 3.14
N PHE D 613 -15.18 -14.16 3.88
CA PHE D 613 -15.38 -12.91 4.58
C PHE D 613 -15.71 -11.79 3.61
N VAL D 614 -14.89 -11.63 2.56
CA VAL D 614 -15.13 -10.56 1.60
C VAL D 614 -16.52 -10.67 1.01
N PHE D 615 -16.87 -11.86 0.51
CA PHE D 615 -18.19 -12.05 -0.07
C PHE D 615 -19.29 -11.69 0.91
N PHE D 616 -19.38 -12.45 2.00
CA PHE D 616 -20.56 -12.36 2.87
C PHE D 616 -20.60 -11.04 3.65
N MET D 617 -19.50 -10.28 3.66
CA MET D 617 -19.50 -9.03 4.40
C MET D 617 -19.66 -7.83 3.48
N PHE D 618 -18.83 -7.73 2.45
CA PHE D 618 -18.88 -6.57 1.57
C PHE D 618 -19.98 -6.69 0.52
N PHE D 619 -20.15 -7.89 -0.06
CA PHE D 619 -21.09 -8.04 -1.16
C PHE D 619 -22.54 -8.11 -0.69
N ILE D 620 -22.80 -8.63 0.50
CA ILE D 620 -24.17 -8.95 0.91
C ILE D 620 -24.55 -8.22 2.19
N LEU D 621 -23.84 -8.50 3.29
CA LEU D 621 -24.29 -8.03 4.59
C LEU D 621 -24.21 -6.51 4.72
N LEU D 622 -23.20 -5.89 4.12
CA LEU D 622 -23.06 -4.43 4.24
C LEU D 622 -24.21 -3.70 3.56
N ASN D 623 -24.95 -4.37 2.69
CA ASN D 623 -26.03 -3.72 1.95
C ASN D 623 -27.34 -3.68 2.72
N MET D 624 -27.44 -4.39 3.85
CA MET D 624 -28.66 -4.33 4.65
C MET D 624 -28.81 -2.98 5.33
N PHE D 625 -27.71 -2.44 5.86
CA PHE D 625 -27.73 -1.06 6.36
C PHE D 625 -28.29 -0.12 5.31
N LEU D 626 -27.82 -0.28 4.07
CA LEU D 626 -28.18 0.62 3.00
C LEU D 626 -29.65 0.45 2.60
N ALA D 627 -30.12 -0.80 2.55
CA ALA D 627 -31.54 -1.05 2.28
C ALA D 627 -32.42 -0.43 3.36
N ILE D 628 -32.03 -0.59 4.64
CA ILE D 628 -32.81 -0.01 5.73
C ILE D 628 -32.87 1.51 5.58
N ILE D 629 -31.71 2.13 5.33
CA ILE D 629 -31.67 3.58 5.23
C ILE D 629 -32.52 4.06 4.06
N ASN D 630 -32.41 3.38 2.91
CA ASN D 630 -33.17 3.80 1.73
C ASN D 630 -34.66 3.69 1.97
N ASP D 631 -35.11 2.57 2.54
CA ASP D 631 -36.53 2.39 2.81
C ASP D 631 -37.04 3.43 3.79
N THR D 632 -36.28 3.68 4.86
CA THR D 632 -36.72 4.67 5.83
C THR D 632 -36.79 6.06 5.22
N TYR D 633 -35.80 6.43 4.39
CA TYR D 633 -35.83 7.74 3.75
C TYR D 633 -37.04 7.87 2.84
N SER D 634 -37.32 6.84 2.04
CA SER D 634 -38.49 6.90 1.16
C SER D 634 -39.78 7.02 1.96
N GLU D 635 -39.92 6.26 3.03
CA GLU D 635 -41.13 6.33 3.85
C GLU D 635 -41.28 7.71 4.46
N VAL D 636 -40.19 8.28 4.98
CA VAL D 636 -40.27 9.59 5.62
C VAL D 636 -40.64 10.65 4.60
N LYS D 637 -40.03 10.59 3.41
CA LYS D 637 -40.34 11.56 2.36
C LYS D 637 -41.79 11.45 1.91
N SER D 638 -42.31 10.23 1.76
CA SER D 638 -43.72 10.08 1.42
C SER D 638 -44.63 10.62 2.52
N ASP D 639 -44.31 10.36 3.78
CA ASP D 639 -45.17 10.80 4.87
C ASP D 639 -45.17 12.32 4.99
N LEU D 640 -43.99 12.94 5.04
CA LEU D 640 -43.89 14.36 5.32
C LEU D 640 -44.35 15.23 4.16
N ALA D 641 -44.61 14.64 2.98
CA ALA D 641 -45.15 15.42 1.88
C ALA D 641 -46.56 15.91 2.15
N GLN D 642 -47.26 15.31 3.10
CA GLN D 642 -48.62 15.71 3.42
C GLN D 642 -48.68 17.17 3.88
#